data_3IID
# 
_entry.id   3IID 
# 
_audit_conform.dict_name       mmcif_pdbx.dic 
_audit_conform.dict_version    5.378 
_audit_conform.dict_location   http://mmcif.pdb.org/dictionaries/ascii/mmcif_pdbx.dic 
# 
loop_
_database_2.database_id 
_database_2.database_code 
_database_2.pdbx_database_accession 
_database_2.pdbx_DOI 
PDB   3IID         pdb_00003iid 10.2210/pdb3iid/pdb 
RCSB  RCSB054448   ?            ?                   
WWPDB D_1000054448 ?            ?                   
# 
loop_
_pdbx_database_related.db_name 
_pdbx_database_related.db_id 
_pdbx_database_related.details 
_pdbx_database_related.content_type 
PDB 1ZR3 'Crystal structure of the free macro domain of human histone macroH2A1.1'                                unspecified 
PDB 2FXK 'Crystal structure of the free macro domain of human histone macroH2A1.1'                                unspecified 
PDB 3IIF 'Crystal structure of the macro domain of human histone macroH2A1.1 in complex with ADP-ribose (form B)' unspecified 
# 
_pdbx_database_status.status_code                     REL 
_pdbx_database_status.entry_id                        3IID 
_pdbx_database_status.recvd_initial_deposition_date   2009-07-31 
_pdbx_database_status.deposit_site                    RCSB 
_pdbx_database_status.process_site                    RCSB 
_pdbx_database_status.status_code_sf                  REL 
_pdbx_database_status.status_code_mr                  ? 
_pdbx_database_status.SG_entry                        ? 
_pdbx_database_status.pdb_format_compatible           Y 
_pdbx_database_status.status_code_cs                  ? 
_pdbx_database_status.status_code_nmr_data            ? 
_pdbx_database_status.methods_development_category    ? 
# 
loop_
_audit_author.name 
_audit_author.pdbx_ordinal 
'Hothorn, M.'    1 
'Bortfeld, M.'   2 
'Ladurner, A.G.' 3 
'Scheffzek, K.'  4 
# 
_citation.id                        primary 
_citation.title                     'A macrodomain-containing histone rearranges chromatin upon sensing PARP1 activation.' 
_citation.journal_abbrev            Nat.Struct.Mol.Biol. 
_citation.journal_volume            16 
_citation.page_first                923 
_citation.page_last                 929 
_citation.year                      2009 
_citation.journal_id_ASTM           ? 
_citation.country                   US 
_citation.journal_id_ISSN           1545-9993 
_citation.journal_id_CSD            ? 
_citation.book_publisher            ? 
_citation.pdbx_database_id_PubMed   19680243 
_citation.pdbx_database_id_DOI      10.1038/nsmb.1664 
# 
loop_
_citation_author.citation_id 
_citation_author.name 
_citation_author.ordinal 
_citation_author.identifier_ORCID 
primary 'Timinszky, G.'   1  ? 
primary 'Till, S.'        2  ? 
primary 'Hassa, P.O.'     3  ? 
primary 'Hothorn, M.'     4  ? 
primary 'Kustatscher, G.' 5  ? 
primary 'Nijmeijer, B.'   6  ? 
primary 'Colombelli, J.'  7  ? 
primary 'Altmeyer, M.'    8  ? 
primary 'Stelzer, E.H.'   9  ? 
primary 'Scheffzek, K.'   10 ? 
primary 'Hottiger, M.O.'  11 ? 
primary 'Ladurner, A.G.'  12 ? 
# 
_cell.entry_id           3IID 
_cell.length_a           86.260 
_cell.length_b           86.260 
_cell.length_c           51.040 
_cell.angle_alpha        90.00 
_cell.angle_beta         90.00 
_cell.angle_gamma        120.00 
_cell.Z_PDB              6 
_cell.pdbx_unique_axis   ? 
_cell.length_a_esd       ? 
_cell.length_b_esd       ? 
_cell.length_c_esd       ? 
_cell.angle_alpha_esd    ? 
_cell.angle_beta_esd     ? 
_cell.angle_gamma_esd    ? 
# 
_symmetry.entry_id                         3IID 
_symmetry.space_group_name_H-M             'P 61' 
_symmetry.pdbx_full_space_group_name_H-M   ? 
_symmetry.cell_setting                     ? 
_symmetry.Int_Tables_number                169 
_symmetry.space_group_name_Hall            ? 
# 
loop_
_entity.id 
_entity.type 
_entity.src_method 
_entity.pdbx_description 
_entity.formula_weight 
_entity.pdbx_number_of_molecules 
_entity.pdbx_ec 
_entity.pdbx_mutation 
_entity.pdbx_fragment 
_entity.details 
1 polymer     man 'Core histone macro-H2A.1, Isoform 1' 22274.334 1  ? ? 'Macro domain: UNP residues 162-369' ? 
2 non-polymer syn ADENOSINE-5-DIPHOSPHORIBOSE           559.316   1  ? ? ?                                    ? 
3 non-polymer syn 'NITRATE ION'                         62.005    1  ? ? ?                                    ? 
4 water       nat water                                 18.015    40 ? ? ?                                    ? 
# 
_entity_name_com.entity_id   1 
_entity_name_com.name        'Histone macroH2A1, mH2A1, H2A.y, H2A/y, Medulloblastoma antigen MU-MB-50.205' 
# 
_entity_poly.entity_id                      1 
_entity_poly.type                           'polypeptide(L)' 
_entity_poly.nstd_linkage                   no 
_entity_poly.nstd_monomer                   no 
_entity_poly.pdbx_seq_one_letter_code       
;GAMQGEVSKAASADSTTEGTPADGFTVLSTKSLFLGQKLQVVQADIASIDSDAVVHPTNTDFYIGGEVGNTLEKKGGKEF
VEAVLELRKKNGPLEVAGAAVSAGHGLPAKFVIHCNSPVWGADKCEELLEKTVKNCLALADDKKLKSIAFPSIGSGRNGF
PKQTAAQLILKAISSYFVSTMSSSIKTVYFVLFDSESIGIYVQEMAKLDAN
;
_entity_poly.pdbx_seq_one_letter_code_can   
;GAMQGEVSKAASADSTTEGTPADGFTVLSTKSLFLGQKLQVVQADIASIDSDAVVHPTNTDFYIGGEVGNTLEKKGGKEF
VEAVLELRKKNGPLEVAGAAVSAGHGLPAKFVIHCNSPVWGADKCEELLEKTVKNCLALADDKKLKSIAFPSIGSGRNGF
PKQTAAQLILKAISSYFVSTMSSSIKTVYFVLFDSESIGIYVQEMAKLDAN
;
_entity_poly.pdbx_strand_id                 A 
_entity_poly.pdbx_target_identifier         ? 
# 
loop_
_entity_poly_seq.entity_id 
_entity_poly_seq.num 
_entity_poly_seq.mon_id 
_entity_poly_seq.hetero 
1 1   GLY n 
1 2   ALA n 
1 3   MET n 
1 4   GLN n 
1 5   GLY n 
1 6   GLU n 
1 7   VAL n 
1 8   SER n 
1 9   LYS n 
1 10  ALA n 
1 11  ALA n 
1 12  SER n 
1 13  ALA n 
1 14  ASP n 
1 15  SER n 
1 16  THR n 
1 17  THR n 
1 18  GLU n 
1 19  GLY n 
1 20  THR n 
1 21  PRO n 
1 22  ALA n 
1 23  ASP n 
1 24  GLY n 
1 25  PHE n 
1 26  THR n 
1 27  VAL n 
1 28  LEU n 
1 29  SER n 
1 30  THR n 
1 31  LYS n 
1 32  SER n 
1 33  LEU n 
1 34  PHE n 
1 35  LEU n 
1 36  GLY n 
1 37  GLN n 
1 38  LYS n 
1 39  LEU n 
1 40  GLN n 
1 41  VAL n 
1 42  VAL n 
1 43  GLN n 
1 44  ALA n 
1 45  ASP n 
1 46  ILE n 
1 47  ALA n 
1 48  SER n 
1 49  ILE n 
1 50  ASP n 
1 51  SER n 
1 52  ASP n 
1 53  ALA n 
1 54  VAL n 
1 55  VAL n 
1 56  HIS n 
1 57  PRO n 
1 58  THR n 
1 59  ASN n 
1 60  THR n 
1 61  ASP n 
1 62  PHE n 
1 63  TYR n 
1 64  ILE n 
1 65  GLY n 
1 66  GLY n 
1 67  GLU n 
1 68  VAL n 
1 69  GLY n 
1 70  ASN n 
1 71  THR n 
1 72  LEU n 
1 73  GLU n 
1 74  LYS n 
1 75  LYS n 
1 76  GLY n 
1 77  GLY n 
1 78  LYS n 
1 79  GLU n 
1 80  PHE n 
1 81  VAL n 
1 82  GLU n 
1 83  ALA n 
1 84  VAL n 
1 85  LEU n 
1 86  GLU n 
1 87  LEU n 
1 88  ARG n 
1 89  LYS n 
1 90  LYS n 
1 91  ASN n 
1 92  GLY n 
1 93  PRO n 
1 94  LEU n 
1 95  GLU n 
1 96  VAL n 
1 97  ALA n 
1 98  GLY n 
1 99  ALA n 
1 100 ALA n 
1 101 VAL n 
1 102 SER n 
1 103 ALA n 
1 104 GLY n 
1 105 HIS n 
1 106 GLY n 
1 107 LEU n 
1 108 PRO n 
1 109 ALA n 
1 110 LYS n 
1 111 PHE n 
1 112 VAL n 
1 113 ILE n 
1 114 HIS n 
1 115 CYS n 
1 116 ASN n 
1 117 SER n 
1 118 PRO n 
1 119 VAL n 
1 120 TRP n 
1 121 GLY n 
1 122 ALA n 
1 123 ASP n 
1 124 LYS n 
1 125 CYS n 
1 126 GLU n 
1 127 GLU n 
1 128 LEU n 
1 129 LEU n 
1 130 GLU n 
1 131 LYS n 
1 132 THR n 
1 133 VAL n 
1 134 LYS n 
1 135 ASN n 
1 136 CYS n 
1 137 LEU n 
1 138 ALA n 
1 139 LEU n 
1 140 ALA n 
1 141 ASP n 
1 142 ASP n 
1 143 LYS n 
1 144 LYS n 
1 145 LEU n 
1 146 LYS n 
1 147 SER n 
1 148 ILE n 
1 149 ALA n 
1 150 PHE n 
1 151 PRO n 
1 152 SER n 
1 153 ILE n 
1 154 GLY n 
1 155 SER n 
1 156 GLY n 
1 157 ARG n 
1 158 ASN n 
1 159 GLY n 
1 160 PHE n 
1 161 PRO n 
1 162 LYS n 
1 163 GLN n 
1 164 THR n 
1 165 ALA n 
1 166 ALA n 
1 167 GLN n 
1 168 LEU n 
1 169 ILE n 
1 170 LEU n 
1 171 LYS n 
1 172 ALA n 
1 173 ILE n 
1 174 SER n 
1 175 SER n 
1 176 TYR n 
1 177 PHE n 
1 178 VAL n 
1 179 SER n 
1 180 THR n 
1 181 MET n 
1 182 SER n 
1 183 SER n 
1 184 SER n 
1 185 ILE n 
1 186 LYS n 
1 187 THR n 
1 188 VAL n 
1 189 TYR n 
1 190 PHE n 
1 191 VAL n 
1 192 LEU n 
1 193 PHE n 
1 194 ASP n 
1 195 SER n 
1 196 GLU n 
1 197 SER n 
1 198 ILE n 
1 199 GLY n 
1 200 ILE n 
1 201 TYR n 
1 202 VAL n 
1 203 GLN n 
1 204 GLU n 
1 205 MET n 
1 206 ALA n 
1 207 LYS n 
1 208 LEU n 
1 209 ASP n 
1 210 ALA n 
1 211 ASN n 
# 
_entity_src_gen.entity_id                          1 
_entity_src_gen.pdbx_src_id                        1 
_entity_src_gen.pdbx_alt_source_flag               sample 
_entity_src_gen.pdbx_seq_type                      ? 
_entity_src_gen.pdbx_beg_seq_num                   ? 
_entity_src_gen.pdbx_end_seq_num                   ? 
_entity_src_gen.gene_src_common_name               human 
_entity_src_gen.gene_src_genus                     ? 
_entity_src_gen.pdbx_gene_src_gene                 'H2AFY, MACROH2A1, macroH2A1.1' 
_entity_src_gen.gene_src_species                   ? 
_entity_src_gen.gene_src_strain                    ? 
_entity_src_gen.gene_src_tissue                    ? 
_entity_src_gen.gene_src_tissue_fraction           ? 
_entity_src_gen.gene_src_details                   ? 
_entity_src_gen.pdbx_gene_src_fragment             ? 
_entity_src_gen.pdbx_gene_src_scientific_name      'Homo sapiens' 
_entity_src_gen.pdbx_gene_src_ncbi_taxonomy_id     9606 
_entity_src_gen.pdbx_gene_src_variant              ? 
_entity_src_gen.pdbx_gene_src_cell_line            ? 
_entity_src_gen.pdbx_gene_src_atcc                 ? 
_entity_src_gen.pdbx_gene_src_organ                ? 
_entity_src_gen.pdbx_gene_src_organelle            ? 
_entity_src_gen.pdbx_gene_src_cell                 ? 
_entity_src_gen.pdbx_gene_src_cellular_location    ? 
_entity_src_gen.host_org_common_name               ? 
_entity_src_gen.pdbx_host_org_scientific_name      'Escherichia coli' 
_entity_src_gen.pdbx_host_org_ncbi_taxonomy_id     562 
_entity_src_gen.host_org_genus                     ? 
_entity_src_gen.pdbx_host_org_gene                 ? 
_entity_src_gen.pdbx_host_org_organ                ? 
_entity_src_gen.host_org_species                   ? 
_entity_src_gen.pdbx_host_org_tissue               ? 
_entity_src_gen.pdbx_host_org_tissue_fraction      ? 
_entity_src_gen.pdbx_host_org_strain               'BL21(DE3)RIL' 
_entity_src_gen.pdbx_host_org_variant              ? 
_entity_src_gen.pdbx_host_org_cell_line            ? 
_entity_src_gen.pdbx_host_org_atcc                 ? 
_entity_src_gen.pdbx_host_org_culture_collection   ? 
_entity_src_gen.pdbx_host_org_cell                 ? 
_entity_src_gen.pdbx_host_org_organelle            ? 
_entity_src_gen.pdbx_host_org_cellular_location    ? 
_entity_src_gen.pdbx_host_org_vector_type          plasmid 
_entity_src_gen.pdbx_host_org_vector               ? 
_entity_src_gen.host_org_details                   ? 
_entity_src_gen.expression_system_id               ? 
_entity_src_gen.plasmid_name                       pETM11 
_entity_src_gen.plasmid_details                    ? 
_entity_src_gen.pdbx_description                   ? 
# 
_struct_ref.id                         1 
_struct_ref.db_name                    UNP 
_struct_ref.db_code                    H2AY_HUMAN 
_struct_ref.pdbx_db_accession          O75367-2 
_struct_ref.entity_id                  1 
_struct_ref.pdbx_seq_one_letter_code   
;QGEVSKAASADSTTEGTPADGFTVLSTKSLFLGQKLQVVQADIASIDSDAVVHPTNTDFYIGGEVGNTLEKKGGKEFVEA
VLELRKKNGPLEVAGAAVSAGHGLPAKFVIHCNSPVWGADKCEELLEKTVKNCLALADDKKLKSIAFPSIGSGRNGFPKQ
TAAQLILKAISSYFVSTMSSSIKTVYFVLFDSESIGIYVQEMAKLDAN
;
_struct_ref.pdbx_align_begin           162 
_struct_ref.pdbx_db_isoform            ? 
# 
_struct_ref_seq.align_id                      1 
_struct_ref_seq.ref_id                        1 
_struct_ref_seq.pdbx_PDB_id_code              3IID 
_struct_ref_seq.pdbx_strand_id                A 
_struct_ref_seq.seq_align_beg                 4 
_struct_ref_seq.pdbx_seq_align_beg_ins_code   ? 
_struct_ref_seq.seq_align_end                 211 
_struct_ref_seq.pdbx_seq_align_end_ins_code   ? 
_struct_ref_seq.pdbx_db_accession             O75367-2 
_struct_ref_seq.db_align_beg                  162 
_struct_ref_seq.pdbx_db_align_beg_ins_code    ? 
_struct_ref_seq.db_align_end                  369 
_struct_ref_seq.pdbx_db_align_end_ins_code    ? 
_struct_ref_seq.pdbx_auth_seq_align_beg       162 
_struct_ref_seq.pdbx_auth_seq_align_end       369 
# 
loop_
_struct_ref_seq_dif.align_id 
_struct_ref_seq_dif.pdbx_pdb_id_code 
_struct_ref_seq_dif.mon_id 
_struct_ref_seq_dif.pdbx_pdb_strand_id 
_struct_ref_seq_dif.seq_num 
_struct_ref_seq_dif.pdbx_pdb_ins_code 
_struct_ref_seq_dif.pdbx_seq_db_name 
_struct_ref_seq_dif.pdbx_seq_db_accession_code 
_struct_ref_seq_dif.db_mon_id 
_struct_ref_seq_dif.pdbx_seq_db_seq_num 
_struct_ref_seq_dif.details 
_struct_ref_seq_dif.pdbx_auth_seq_num 
_struct_ref_seq_dif.pdbx_ordinal 
1 3IID GLY A 1 ? UNP O75367-2 ? ? 'expression tag' 159 1 
1 3IID ALA A 2 ? UNP O75367-2 ? ? 'expression tag' 160 2 
1 3IID MET A 3 ? UNP O75367-2 ? ? 'expression tag' 161 3 
# 
loop_
_chem_comp.id 
_chem_comp.type 
_chem_comp.mon_nstd_flag 
_chem_comp.name 
_chem_comp.pdbx_synonyms 
_chem_comp.formula 
_chem_comp.formula_weight 
ALA 'L-peptide linking' y ALANINE                     ? 'C3 H7 N O2'        89.093  
APR non-polymer         . ADENOSINE-5-DIPHOSPHORIBOSE ? 'C15 H23 N5 O14 P2' 559.316 
ARG 'L-peptide linking' y ARGININE                    ? 'C6 H15 N4 O2 1'    175.209 
ASN 'L-peptide linking' y ASPARAGINE                  ? 'C4 H8 N2 O3'       132.118 
ASP 'L-peptide linking' y 'ASPARTIC ACID'             ? 'C4 H7 N O4'        133.103 
CYS 'L-peptide linking' y CYSTEINE                    ? 'C3 H7 N O2 S'      121.158 
GLN 'L-peptide linking' y GLUTAMINE                   ? 'C5 H10 N2 O3'      146.144 
GLU 'L-peptide linking' y 'GLUTAMIC ACID'             ? 'C5 H9 N O4'        147.129 
GLY 'peptide linking'   y GLYCINE                     ? 'C2 H5 N O2'        75.067  
HIS 'L-peptide linking' y HISTIDINE                   ? 'C6 H10 N3 O2 1'    156.162 
HOH non-polymer         . WATER                       ? 'H2 O'              18.015  
ILE 'L-peptide linking' y ISOLEUCINE                  ? 'C6 H13 N O2'       131.173 
LEU 'L-peptide linking' y LEUCINE                     ? 'C6 H13 N O2'       131.173 
LYS 'L-peptide linking' y LYSINE                      ? 'C6 H15 N2 O2 1'    147.195 
MET 'L-peptide linking' y METHIONINE                  ? 'C5 H11 N O2 S'     149.211 
NO3 non-polymer         . 'NITRATE ION'               ? 'N O3 -1'           62.005  
PHE 'L-peptide linking' y PHENYLALANINE               ? 'C9 H11 N O2'       165.189 
PRO 'L-peptide linking' y PROLINE                     ? 'C5 H9 N O2'        115.130 
SER 'L-peptide linking' y SERINE                      ? 'C3 H7 N O3'        105.093 
THR 'L-peptide linking' y THREONINE                   ? 'C4 H9 N O3'        119.119 
TRP 'L-peptide linking' y TRYPTOPHAN                  ? 'C11 H12 N2 O2'     204.225 
TYR 'L-peptide linking' y TYROSINE                    ? 'C9 H11 N O3'       181.189 
VAL 'L-peptide linking' y VALINE                      ? 'C5 H11 N O2'       117.146 
# 
_exptl.entry_id          3IID 
_exptl.method            'X-RAY DIFFRACTION' 
_exptl.crystals_number   1 
# 
_exptl_crystal.id                    1 
_exptl_crystal.density_meas          ? 
_exptl_crystal.density_Matthews      2.46 
_exptl_crystal.density_percent_sol   50.02 
_exptl_crystal.description           ? 
_exptl_crystal.F_000                 ? 
_exptl_crystal.preparation           ? 
# 
_exptl_crystal_grow.crystal_id      1 
_exptl_crystal_grow.method          'VAPOR DIFFUSION, SITTING DROP' 
_exptl_crystal_grow.temp            294 
_exptl_crystal_grow.temp_details    ? 
_exptl_crystal_grow.pH              ? 
_exptl_crystal_grow.pdbx_details    '35% PEG 1000, 0.2 M K2NO3, VAPOR DIFFUSION, SITTING DROP, temperature 294K' 
_exptl_crystal_grow.pdbx_pH_range   ? 
# 
_diffrn.id                     1 
_diffrn.ambient_temp           100 
_diffrn.ambient_temp_details   ? 
_diffrn.crystal_id             1 
# 
_diffrn_detector.diffrn_id              1 
_diffrn_detector.detector               CCD 
_diffrn_detector.type                   'ADSC QUANTUM 315r' 
_diffrn_detector.pdbx_collection_date   2006-09-09 
_diffrn_detector.details                ? 
# 
_diffrn_radiation.diffrn_id                        1 
_diffrn_radiation.wavelength_id                    1 
_diffrn_radiation.pdbx_monochromatic_or_laue_m_l   M 
_diffrn_radiation.monochromator                    'Si(311) and Si(111)' 
_diffrn_radiation.pdbx_diffrn_protocol             'SINGLE WAVELENGTH' 
_diffrn_radiation.pdbx_scattering_type             x-ray 
# 
_diffrn_radiation_wavelength.id           1 
_diffrn_radiation_wavelength.wavelength   0.973 
_diffrn_radiation_wavelength.wt           1.0 
# 
_diffrn_source.diffrn_id                   1 
_diffrn_source.source                      SYNCHROTRON 
_diffrn_source.type                        'ESRF BEAMLINE ID29' 
_diffrn_source.pdbx_synchrotron_site       ESRF 
_diffrn_source.pdbx_synchrotron_beamline   ID29 
_diffrn_source.pdbx_wavelength             ? 
_diffrn_source.pdbx_wavelength_list        0.973 
# 
_reflns.entry_id                     3IID 
_reflns.observed_criterion_sigma_I   ? 
_reflns.observed_criterion_sigma_F   -3.0 
_reflns.d_resolution_low             19.86 
_reflns.d_resolution_high            1.90 
_reflns.number_obs                   17128 
_reflns.number_all                   17128 
_reflns.percent_possible_obs         99.5 
_reflns.pdbx_Rmerge_I_obs            ? 
_reflns.pdbx_Rsym_value              0.057 
_reflns.pdbx_netI_over_sigmaI        23.7 
_reflns.B_iso_Wilson_estimate        41 
_reflns.pdbx_redundancy              10.0 
_reflns.R_free_details               ? 
_reflns.limit_h_max                  ? 
_reflns.limit_h_min                  ? 
_reflns.limit_k_max                  ? 
_reflns.limit_k_min                  ? 
_reflns.limit_l_max                  ? 
_reflns.limit_l_min                  ? 
_reflns.observed_criterion_F_max     ? 
_reflns.observed_criterion_F_min     ? 
_reflns.pdbx_chi_squared             ? 
_reflns.pdbx_scaling_rejects         ? 
_reflns.pdbx_ordinal                 1 
_reflns.pdbx_diffrn_id               1 
# 
_reflns_shell.d_res_high             1.90 
_reflns_shell.d_res_low              1.95 
_reflns_shell.percent_possible_all   94.4 
_reflns_shell.Rmerge_I_obs           ? 
_reflns_shell.pdbx_Rsym_value        0.525 
_reflns_shell.meanI_over_sigI_obs    3.6 
_reflns_shell.pdbx_redundancy        7.3 
_reflns_shell.percent_possible_obs   ? 
_reflns_shell.number_unique_all      1220 
_reflns_shell.number_measured_all    ? 
_reflns_shell.number_measured_obs    ? 
_reflns_shell.number_unique_obs      ? 
_reflns_shell.pdbx_chi_squared       ? 
_reflns_shell.pdbx_ordinal           1 
_reflns_shell.pdbx_diffrn_id         1 
# 
_refine.entry_id                                 3IID 
_refine.ls_number_reflns_obs                     16271 
_refine.ls_number_reflns_all                     ? 
_refine.pdbx_ls_sigma_I                          ? 
_refine.pdbx_ls_sigma_F                          ? 
_refine.pdbx_data_cutoff_high_absF               ? 
_refine.pdbx_data_cutoff_low_absF                ? 
_refine.pdbx_data_cutoff_high_rms_absF           ? 
_refine.ls_d_res_low                             19.86 
_refine.ls_d_res_high                            1.90 
_refine.ls_percent_reflns_obs                    100.00 
_refine.ls_R_factor_obs                          0.17769 
_refine.ls_R_factor_all                          ? 
_refine.ls_R_factor_R_work                       0.17579 
_refine.ls_R_factor_R_free                       0.21467 
_refine.ls_R_factor_R_free_error                 ? 
_refine.ls_R_factor_R_free_error_details         ? 
_refine.ls_percent_reflns_R_free                 5.0 
_refine.ls_number_reflns_R_free                  857 
_refine.ls_number_parameters                     ? 
_refine.ls_number_restraints                     ? 
_refine.occupancy_min                            ? 
_refine.occupancy_max                            ? 
_refine.correlation_coeff_Fo_to_Fc               0.968 
_refine.correlation_coeff_Fo_to_Fc_free          0.956 
_refine.B_iso_mean                               32.866 
_refine.aniso_B[1][1]                            -1.80 
_refine.aniso_B[2][2]                            -1.80 
_refine.aniso_B[3][3]                            2.70 
_refine.aniso_B[1][2]                            -0.90 
_refine.aniso_B[1][3]                            0.00 
_refine.aniso_B[2][3]                            0.00 
_refine.solvent_model_details                    MASK 
_refine.solvent_model_param_ksol                 ? 
_refine.solvent_model_param_bsol                 ? 
_refine.pdbx_solvent_vdw_probe_radii             1.40 
_refine.pdbx_solvent_ion_probe_radii             0.80 
_refine.pdbx_solvent_shrinkage_radii             0.80 
_refine.pdbx_ls_cross_valid_method               THROUGHOUT 
_refine.details                                  'HYDROGENS HAVE BEEN ADDED IN THE RIDING POSITIONS' 
_refine.pdbx_starting_model                      'PDB entry 1ZR3' 
_refine.pdbx_method_to_determine_struct          'MOLECULAR REPLACEMENT' 
_refine.pdbx_isotropic_thermal_model             ? 
_refine.pdbx_stereochemistry_target_values       'MAXIMUM LIKELIHOOD' 
_refine.pdbx_stereochem_target_val_spec_case     ? 
_refine.pdbx_R_Free_selection_details            RANDOM 
_refine.pdbx_overall_ESU_R                       0.128 
_refine.pdbx_overall_ESU_R_Free                  0.125 
_refine.overall_SU_ML                            0.098 
_refine.overall_SU_B                             6.801 
_refine.ls_redundancy_reflns_obs                 ? 
_refine.B_iso_min                                ? 
_refine.B_iso_max                                ? 
_refine.overall_SU_R_Cruickshank_DPI             ? 
_refine.overall_SU_R_free                        ? 
_refine.ls_wR_factor_R_free                      ? 
_refine.ls_wR_factor_R_work                      ? 
_refine.overall_FOM_free_R_set                   ? 
_refine.overall_FOM_work_R_set                   ? 
_refine.pdbx_overall_phase_error                 ? 
_refine.pdbx_refine_id                           'X-RAY DIFFRACTION' 
_refine.pdbx_TLS_residual_ADP_flag               'LIKELY RESIDUAL' 
_refine.pdbx_diffrn_id                           1 
_refine.pdbx_overall_SU_R_free_Cruickshank_DPI   ? 
_refine.pdbx_overall_SU_R_Blow_DPI               ? 
_refine.pdbx_overall_SU_R_free_Blow_DPI          ? 
# 
_refine_hist.pdbx_refine_id                   'X-RAY DIFFRACTION' 
_refine_hist.cycle_id                         LAST 
_refine_hist.pdbx_number_atoms_protein        1377 
_refine_hist.pdbx_number_atoms_nucleic_acid   0 
_refine_hist.pdbx_number_atoms_ligand         40 
_refine_hist.number_atoms_solvent             40 
_refine_hist.number_atoms_total               1457 
_refine_hist.d_res_high                       1.90 
_refine_hist.d_res_low                        19.86 
# 
loop_
_refine_ls_restr.type 
_refine_ls_restr.dev_ideal 
_refine_ls_restr.dev_ideal_target 
_refine_ls_restr.weight 
_refine_ls_restr.number 
_refine_ls_restr.pdbx_refine_id 
_refine_ls_restr.pdbx_restraint_function 
r_bond_refined_d         0.015  0.022  ? 1459 'X-RAY DIFFRACTION' ? 
r_bond_other_d           0.002  0.020  ? 956  'X-RAY DIFFRACTION' ? 
r_angle_refined_deg      1.680  2.000  ? 1984 'X-RAY DIFFRACTION' ? 
r_angle_other_deg        1.002  3.000  ? 2367 'X-RAY DIFFRACTION' ? 
r_dihedral_angle_1_deg   9.524  5.000  ? 190  'X-RAY DIFFRACTION' ? 
r_dihedral_angle_2_deg   32.983 25.769 ? 52   'X-RAY DIFFRACTION' ? 
r_dihedral_angle_3_deg   14.206 15.000 ? 243  'X-RAY DIFFRACTION' ? 
r_dihedral_angle_4_deg   22.509 15.000 ? 2    'X-RAY DIFFRACTION' ? 
r_chiral_restr           0.100  0.200  ? 233  'X-RAY DIFFRACTION' ? 
r_gen_planes_refined     0.005  0.020  ? 1607 'X-RAY DIFFRACTION' ? 
r_gen_planes_other       0.001  0.020  ? 273  'X-RAY DIFFRACTION' ? 
r_nbd_refined            0.232  0.200  ? 284  'X-RAY DIFFRACTION' ? 
r_nbd_other              0.182  0.200  ? 912  'X-RAY DIFFRACTION' ? 
r_nbtor_refined          0.176  0.200  ? 715  'X-RAY DIFFRACTION' ? 
r_nbtor_other            0.087  0.200  ? 709  'X-RAY DIFFRACTION' ? 
r_xyhbond_nbd_refined    0.166  0.200  ? 61   'X-RAY DIFFRACTION' ? 
r_symmetry_vdw_refined   0.188  0.200  ? 15   'X-RAY DIFFRACTION' ? 
r_symmetry_vdw_other     0.163  0.200  ? 25   'X-RAY DIFFRACTION' ? 
r_symmetry_hbond_refined 0.180  0.200  ? 6    'X-RAY DIFFRACTION' ? 
r_mcbond_it              0.839  1.500  ? 1199 'X-RAY DIFFRACTION' ? 
r_mcbond_other           0.189  1.500  ? 384  'X-RAY DIFFRACTION' ? 
r_mcangle_it             1.073  2.000  ? 1482 'X-RAY DIFFRACTION' ? 
r_scbond_it              2.038  3.000  ? 620  'X-RAY DIFFRACTION' ? 
r_scangle_it             2.878  4.500  ? 500  'X-RAY DIFFRACTION' ? 
# 
_refine_ls_shell.pdbx_total_number_of_bins_used   20 
_refine_ls_shell.d_res_high                       1.900 
_refine_ls_shell.d_res_low                        1.949 
_refine_ls_shell.number_reflns_R_work             1147 
_refine_ls_shell.R_factor_R_work                  0.240 
_refine_ls_shell.percent_reflns_obs               100.00 
_refine_ls_shell.R_factor_R_free                  0.249 
_refine_ls_shell.R_factor_R_free_error            ? 
_refine_ls_shell.percent_reflns_R_free            ? 
_refine_ls_shell.number_reflns_R_free             61 
_refine_ls_shell.number_reflns_all                ? 
_refine_ls_shell.R_factor_all                     ? 
_refine_ls_shell.number_reflns_obs                ? 
_refine_ls_shell.redundancy_reflns_obs            ? 
_refine_ls_shell.pdbx_refine_id                   'X-RAY DIFFRACTION' 
# 
_struct.entry_id                  3IID 
_struct.title                     
'Crystal structure of the macro domain of human histone macroH2A1.1 in complex with ADP-ribose (form A)' 
_struct.pdbx_model_details        ? 
_struct.pdbx_CASP_flag            ? 
_struct.pdbx_model_type_details   ? 
# 
_struct_keywords.entry_id        3IID 
_struct_keywords.pdbx_keywords   'GENE REGULATION' 
_struct_keywords.text            
;Histone, Chromatin, macro domain, Chromatin regulator, Chromosomal protein, DNA-binding, Isopeptide bond, Methylation, Nucleosome core, Nucleus, Phosphoprotein, GENE REGULATION
;
# 
loop_
_struct_asym.id 
_struct_asym.pdbx_blank_PDB_chainid_flag 
_struct_asym.pdbx_modified 
_struct_asym.entity_id 
_struct_asym.details 
A N N 1 ? 
B N N 2 ? 
C N N 3 ? 
D N N 4 ? 
# 
_struct_biol.id        1 
_struct_biol.details   ? 
# 
loop_
_struct_conf.conf_type_id 
_struct_conf.id 
_struct_conf.pdbx_PDB_helix_id 
_struct_conf.beg_label_comp_id 
_struct_conf.beg_label_asym_id 
_struct_conf.beg_label_seq_id 
_struct_conf.pdbx_beg_PDB_ins_code 
_struct_conf.end_label_comp_id 
_struct_conf.end_label_asym_id 
_struct_conf.end_label_seq_id 
_struct_conf.pdbx_end_PDB_ins_code 
_struct_conf.beg_auth_comp_id 
_struct_conf.beg_auth_asym_id 
_struct_conf.beg_auth_seq_id 
_struct_conf.end_auth_comp_id 
_struct_conf.end_auth_asym_id 
_struct_conf.end_auth_seq_id 
_struct_conf.pdbx_PDB_helix_class 
_struct_conf.details 
_struct_conf.pdbx_PDB_helix_length 
HELX_P HELX_P1 1 ILE A 46  ? ILE A 49  ? ILE A 204 ILE A 207 5 ? 4  
HELX_P HELX_P2 2 GLY A 66  ? GLY A 92  ? GLY A 224 GLY A 250 1 ? 27 
HELX_P HELX_P3 3 LYS A 124 ? LYS A 143 ? LYS A 282 LYS A 301 1 ? 20 
HELX_P HELX_P4 4 PRO A 161 ? VAL A 178 ? PRO A 319 VAL A 336 1 ? 18 
HELX_P HELX_P5 5 ASP A 194 ? MET A 205 ? ASP A 352 MET A 363 1 ? 12 
# 
_struct_conf_type.id          HELX_P 
_struct_conf_type.criteria    ? 
_struct_conf_type.reference   ? 
# 
_struct_mon_prot_cis.pdbx_id                1 
_struct_mon_prot_cis.label_comp_id          ALA 
_struct_mon_prot_cis.label_seq_id           22 
_struct_mon_prot_cis.label_asym_id          A 
_struct_mon_prot_cis.label_alt_id           . 
_struct_mon_prot_cis.pdbx_PDB_ins_code      ? 
_struct_mon_prot_cis.auth_comp_id           ALA 
_struct_mon_prot_cis.auth_seq_id            180 
_struct_mon_prot_cis.auth_asym_id           A 
_struct_mon_prot_cis.pdbx_label_comp_id_2   ASP 
_struct_mon_prot_cis.pdbx_label_seq_id_2    23 
_struct_mon_prot_cis.pdbx_label_asym_id_2   A 
_struct_mon_prot_cis.pdbx_PDB_ins_code_2    ? 
_struct_mon_prot_cis.pdbx_auth_comp_id_2    ASP 
_struct_mon_prot_cis.pdbx_auth_seq_id_2     181 
_struct_mon_prot_cis.pdbx_auth_asym_id_2    A 
_struct_mon_prot_cis.pdbx_PDB_model_num     1 
_struct_mon_prot_cis.pdbx_omega_angle       14.36 
# 
_struct_sheet.id               A 
_struct_sheet.type             ? 
_struct_sheet.number_strands   7 
_struct_sheet.details          ? 
# 
loop_
_struct_sheet_order.sheet_id 
_struct_sheet_order.range_id_1 
_struct_sheet_order.range_id_2 
_struct_sheet_order.offset 
_struct_sheet_order.sense 
A 1 2 ? anti-parallel 
A 2 3 ? parallel      
A 3 4 ? parallel      
A 4 5 ? parallel      
A 5 6 ? parallel      
A 6 7 ? anti-parallel 
# 
loop_
_struct_sheet_range.sheet_id 
_struct_sheet_range.id 
_struct_sheet_range.beg_label_comp_id 
_struct_sheet_range.beg_label_asym_id 
_struct_sheet_range.beg_label_seq_id 
_struct_sheet_range.pdbx_beg_PDB_ins_code 
_struct_sheet_range.end_label_comp_id 
_struct_sheet_range.end_label_asym_id 
_struct_sheet_range.end_label_seq_id 
_struct_sheet_range.pdbx_end_PDB_ins_code 
_struct_sheet_range.beg_auth_comp_id 
_struct_sheet_range.beg_auth_asym_id 
_struct_sheet_range.beg_auth_seq_id 
_struct_sheet_range.end_auth_comp_id 
_struct_sheet_range.end_auth_asym_id 
_struct_sheet_range.end_auth_seq_id 
A 1 PHE A 25  ? SER A 32  ? PHE A 183 SER A 190 
A 2 LYS A 38  ? ALA A 44  ? LYS A 196 ALA A 202 
A 3 THR A 187 ? LEU A 192 ? THR A 345 LEU A 350 
A 4 SER A 147 ? PHE A 150 ? SER A 305 PHE A 308 
A 5 ALA A 53  ? THR A 58  ? ALA A 211 THR A 216 
A 6 PHE A 111 ? ASN A 116 ? PHE A 269 ASN A 274 
A 7 ALA A 99  ? ALA A 103 ? ALA A 257 ALA A 261 
# 
loop_
_pdbx_struct_sheet_hbond.sheet_id 
_pdbx_struct_sheet_hbond.range_id_1 
_pdbx_struct_sheet_hbond.range_id_2 
_pdbx_struct_sheet_hbond.range_1_label_atom_id 
_pdbx_struct_sheet_hbond.range_1_label_comp_id 
_pdbx_struct_sheet_hbond.range_1_label_asym_id 
_pdbx_struct_sheet_hbond.range_1_label_seq_id 
_pdbx_struct_sheet_hbond.range_1_PDB_ins_code 
_pdbx_struct_sheet_hbond.range_1_auth_atom_id 
_pdbx_struct_sheet_hbond.range_1_auth_comp_id 
_pdbx_struct_sheet_hbond.range_1_auth_asym_id 
_pdbx_struct_sheet_hbond.range_1_auth_seq_id 
_pdbx_struct_sheet_hbond.range_2_label_atom_id 
_pdbx_struct_sheet_hbond.range_2_label_comp_id 
_pdbx_struct_sheet_hbond.range_2_label_asym_id 
_pdbx_struct_sheet_hbond.range_2_label_seq_id 
_pdbx_struct_sheet_hbond.range_2_PDB_ins_code 
_pdbx_struct_sheet_hbond.range_2_auth_atom_id 
_pdbx_struct_sheet_hbond.range_2_auth_comp_id 
_pdbx_struct_sheet_hbond.range_2_auth_asym_id 
_pdbx_struct_sheet_hbond.range_2_auth_seq_id 
A 1 2 N LYS A 31  ? N LYS A 189 O LEU A 39  ? O LEU A 197 
A 2 3 N GLN A 40  ? N GLN A 198 O PHE A 190 ? O PHE A 348 
A 3 4 O VAL A 191 ? O VAL A 349 N PHE A 150 ? N PHE A 308 
A 4 5 O ALA A 149 ? O ALA A 307 N ALA A 53  ? N ALA A 211 
A 5 6 N HIS A 56  ? N HIS A 214 O ILE A 113 ? O ILE A 271 
A 6 7 O HIS A 114 ? O HIS A 272 N ALA A 100 ? N ALA A 258 
# 
loop_
_struct_site.id 
_struct_site.pdbx_evidence_code 
_struct_site.pdbx_auth_asym_id 
_struct_site.pdbx_auth_comp_id 
_struct_site.pdbx_auth_seq_id 
_struct_site.pdbx_auth_ins_code 
_struct_site.pdbx_num_residues 
_struct_site.details 
AC1 Software A APR 400 ? 24 'BINDING SITE FOR RESIDUE APR A 400' 
AC2 Software A NO3 401 ? 5  'BINDING SITE FOR RESIDUE NO3 A 401' 
# 
loop_
_struct_site_gen.id 
_struct_site_gen.site_id 
_struct_site_gen.pdbx_num_res 
_struct_site_gen.label_comp_id 
_struct_site_gen.label_asym_id 
_struct_site_gen.label_seq_id 
_struct_site_gen.pdbx_auth_ins_code 
_struct_site_gen.auth_comp_id 
_struct_site_gen.auth_asym_id 
_struct_site_gen.auth_seq_id 
_struct_site_gen.label_atom_id 
_struct_site_gen.label_alt_id 
_struct_site_gen.symmetry 
_struct_site_gen.details 
1  AC1 24 ASP A 45  ? ASP A 203 . ? 1_555 ? 
2  AC1 24 ILE A 46  ? ILE A 204 . ? 1_555 ? 
3  AC1 24 PRO A 57  ? PRO A 215 . ? 1_555 ? 
4  AC1 24 THR A 58  ? THR A 216 . ? 1_555 ? 
5  AC1 24 ASN A 59  ? ASN A 217 . ? 1_555 ? 
6  AC1 24 TYR A 63  ? TYR A 221 . ? 1_555 ? 
7  AC1 24 GLY A 65  ? GLY A 223 . ? 1_555 ? 
8  AC1 24 GLY A 66  ? GLY A 224 . ? 1_555 ? 
9  AC1 24 GLU A 67  ? GLU A 225 . ? 1_555 ? 
10 AC1 24 VAL A 68  ? VAL A 226 . ? 1_555 ? 
11 AC1 24 THR A 71  ? THR A 229 . ? 1_555 ? 
12 AC1 24 LYS A 78  ? LYS A 236 . ? 4_545 ? 
13 AC1 24 SER A 117 ? SER A 275 . ? 1_555 ? 
14 AC1 24 SER A 152 ? SER A 310 . ? 1_555 ? 
15 AC1 24 GLY A 154 ? GLY A 312 . ? 1_555 ? 
16 AC1 24 SER A 155 ? SER A 313 . ? 1_555 ? 
17 AC1 24 GLY A 156 ? GLY A 314 . ? 1_555 ? 
18 AC1 24 ARG A 157 ? ARG A 315 . ? 1_555 ? 
19 AC1 24 ASN A 158 ? ASN A 316 . ? 1_555 ? 
20 AC1 24 PHE A 193 ? PHE A 351 . ? 1_555 ? 
21 AC1 24 ASP A 194 ? ASP A 352 . ? 1_555 ? 
22 AC1 24 HOH D .   ? HOH A 506 . ? 1_555 ? 
23 AC1 24 HOH D .   ? HOH A 510 . ? 1_555 ? 
24 AC1 24 HOH D .   ? HOH A 534 . ? 1_555 ? 
25 AC2 5  THR A 30  ? THR A 188 . ? 1_555 ? 
26 AC2 5  LYS A 31  ? LYS A 189 . ? 1_555 ? 
27 AC2 5  LYS A 38  ? LYS A 196 . ? 1_555 ? 
28 AC2 5  LYS A 134 ? LYS A 292 . ? 5_554 ? 
29 AC2 5  TYR A 176 ? TYR A 334 . ? 5_554 ? 
# 
_atom_sites.entry_id                    3IID 
_atom_sites.fract_transf_matrix[1][1]   0.01289749 
_atom_sites.fract_transf_matrix[1][2]   -0.00027352 
_atom_sites.fract_transf_matrix[1][3]   -0.00357406 
_atom_sites.fract_transf_matrix[2][1]   0.00410015 
_atom_sites.fract_transf_matrix[2][2]   -0.00834128 
_atom_sites.fract_transf_matrix[2][3]   -0.00963311 
_atom_sites.fract_transf_matrix[3][1]   -0.00343115 
_atom_sites.fract_transf_matrix[3][2]   0.01383559 
_atom_sites.fract_transf_matrix[3][3]   -0.01344061 
_atom_sites.fract_transf_vector[1]      -0.064596 
_atom_sites.fract_transf_vector[2]      -0.366179 
_atom_sites.fract_transf_vector[3]      -0.013831 
# 
loop_
_atom_type.symbol 
C 
N 
O 
P 
S 
# 
loop_
_atom_site.group_PDB 
_atom_site.id 
_atom_site.type_symbol 
_atom_site.label_atom_id 
_atom_site.label_alt_id 
_atom_site.label_comp_id 
_atom_site.label_asym_id 
_atom_site.label_entity_id 
_atom_site.label_seq_id 
_atom_site.pdbx_PDB_ins_code 
_atom_site.Cartn_x 
_atom_site.Cartn_y 
_atom_site.Cartn_z 
_atom_site.occupancy 
_atom_site.B_iso_or_equiv 
_atom_site.pdbx_formal_charge 
_atom_site.auth_seq_id 
_atom_site.auth_comp_id 
_atom_site.auth_asym_id 
_atom_site.auth_atom_id 
_atom_site.pdbx_PDB_model_num 
ATOM   1    N N     . ALA A 1 22  ? -9.730  -6.500  14.094  1.00 46.10 ? 180 ALA A N     1 
ATOM   2    C CA    . ALA A 1 22  ? -8.718  -7.519  13.676  1.00 45.91 ? 180 ALA A CA    1 
ATOM   3    C C     . ALA A 1 22  ? -8.748  -8.679  14.682  1.00 45.42 ? 180 ALA A C     1 
ATOM   4    O O     . ALA A 1 22  ? -8.655  -8.434  15.884  1.00 45.52 ? 180 ALA A O     1 
ATOM   5    C CB    . ALA A 1 22  ? -7.321  -6.902  13.578  1.00 45.61 ? 180 ALA A CB    1 
ATOM   6    N N     . ASP A 1 23  ? -8.849  -9.933  14.219  1.00 44.93 ? 181 ASP A N     1 
ATOM   7    C CA    . ASP A 1 23  ? -8.636  -10.327 12.818  1.00 44.13 ? 181 ASP A CA    1 
ATOM   8    C C     . ASP A 1 23  ? -9.835  -10.104 11.861  1.00 44.06 ? 181 ASP A C     1 
ATOM   9    O O     . ASP A 1 23  ? -9.965  -10.807 10.843  1.00 43.73 ? 181 ASP A O     1 
ATOM   10   C CB    . ASP A 1 23  ? -8.168  -11.788 12.763  1.00 44.40 ? 181 ASP A CB    1 
ATOM   11   N N     . GLY A 1 24  ? -10.706 -9.139  12.189  1.00 43.36 ? 182 GLY A N     1 
ATOM   12   C CA    . GLY A 1 24  ? -11.692 -8.603  11.238  1.00 42.29 ? 182 GLY A CA    1 
ATOM   13   C C     . GLY A 1 24  ? -11.216 -8.521  9.806   1.00 41.45 ? 182 GLY A C     1 
ATOM   14   O O     . GLY A 1 24  ? -10.125 -8.002  9.535   1.00 40.29 ? 182 GLY A O     1 
ATOM   15   N N     . PHE A 1 25  ? -12.036 -9.043  8.892   1.00 40.41 ? 183 PHE A N     1 
ATOM   16   C CA    . PHE A 1 25  ? -11.773 -8.985  7.461   1.00 40.86 ? 183 PHE A CA    1 
ATOM   17   C C     . PHE A 1 25  ? -13.097 -9.070  6.721   1.00 40.72 ? 183 PHE A C     1 
ATOM   18   O O     . PHE A 1 25  ? -13.857 -10.038 6.892   1.00 40.70 ? 183 PHE A O     1 
ATOM   19   C CB    . PHE A 1 25  ? -10.818 -10.112 7.022   1.00 40.78 ? 183 PHE A CB    1 
ATOM   20   C CG    . PHE A 1 25  ? -10.364 -10.001 5.610   1.00 40.86 ? 183 PHE A CG    1 
ATOM   21   C CD1   . PHE A 1 25  ? -9.172  -9.350  5.292   1.00 41.50 ? 183 PHE A CD1   1 
ATOM   22   C CD2   . PHE A 1 25  ? -11.105 -10.580 4.569   1.00 41.52 ? 183 PHE A CD2   1 
ATOM   23   C CE1   . PHE A 1 25  ? -8.733  -9.260  3.966   1.00 41.72 ? 183 PHE A CE1   1 
ATOM   24   C CE2   . PHE A 1 25  ? -10.674 -10.508 3.250   1.00 40.63 ? 183 PHE A CE2   1 
ATOM   25   C CZ    . PHE A 1 25  ? -9.486  -9.838  2.941   1.00 41.60 ? 183 PHE A CZ    1 
ATOM   26   N N     . THR A 1 26  ? -13.389 -8.043  5.933   1.00 39.67 ? 184 THR A N     1 
ATOM   27   C CA    . THR A 1 26  ? -14.624 -7.980  5.168   1.00 39.79 ? 184 THR A CA    1 
ATOM   28   C C     . THR A 1 26  ? -14.243 -7.602  3.755   1.00 39.54 ? 184 THR A C     1 
ATOM   29   O O     . THR A 1 26  ? -13.521 -6.623  3.559   1.00 39.47 ? 184 THR A O     1 
ATOM   30   C CB    . THR A 1 26  ? -15.613 -6.899  5.712   1.00 40.75 ? 184 THR A CB    1 
ATOM   31   O OG1   . THR A 1 26  ? -15.901 -7.159  7.087   1.00 41.64 ? 184 THR A OG1   1 
ATOM   32   C CG2   . THR A 1 26  ? -16.914 -6.918  4.953   1.00 40.63 ? 184 THR A CG2   1 
ATOM   33   N N     . VAL A 1 27  ? -14.723 -8.371  2.791   1.00 38.36 ? 185 VAL A N     1 
ATOM   34   C CA    . VAL A 1 27  ? -14.592 -7.991  1.394   1.00 38.32 ? 185 VAL A CA    1 
ATOM   35   C C     . VAL A 1 27  ? -15.791 -7.116  1.112   1.00 37.30 ? 185 VAL A C     1 
ATOM   36   O O     . VAL A 1 27  ? -16.901 -7.545  1.300   1.00 37.35 ? 185 VAL A O     1 
ATOM   37   C CB    . VAL A 1 27  ? -14.571 -9.201  0.467   1.00 38.17 ? 185 VAL A CB    1 
ATOM   38   C CG1   . VAL A 1 27  ? -14.707 -8.783  -1.030  1.00 38.00 ? 185 VAL A CG1   1 
ATOM   39   C CG2   . VAL A 1 27  ? -13.294 -10.032 0.740   1.00 38.79 ? 185 VAL A CG2   1 
ATOM   40   N N     . LEU A 1 28  ? -15.505 -5.897  0.674   1.00 37.39 ? 186 LEU A N     1 
ATOM   41   C CA    . LEU A 1 28  ? -16.468 -4.849  0.418   1.00 37.47 ? 186 LEU A CA    1 
ATOM   42   C C     . LEU A 1 28  ? -16.788 -4.794  -1.057  1.00 36.93 ? 186 LEU A C     1 
ATOM   43   O O     . LEU A 1 28  ? -17.912 -4.530  -1.426  1.00 37.67 ? 186 LEU A O     1 
ATOM   44   C CB    . LEU A 1 28  ? -15.922 -3.493  0.898   1.00 37.71 ? 186 LEU A CB    1 
ATOM   45   C CG    . LEU A 1 28  ? -15.558 -3.310  2.377   1.00 38.86 ? 186 LEU A CG    1 
ATOM   46   C CD1   . LEU A 1 28  ? -14.890 -1.980  2.626   1.00 39.47 ? 186 LEU A CD1   1 
ATOM   47   C CD2   . LEU A 1 28  ? -16.795 -3.472  3.283   1.00 39.79 ? 186 LEU A CD2   1 
ATOM   48   N N     . SER A 1 29  ? -15.802 -5.070  -1.900  1.00 37.73 ? 187 SER A N     1 
ATOM   49   C CA    . SER A 1 29  ? -16.007 -5.139  -3.336  1.00 38.63 ? 187 SER A CA    1 
ATOM   50   C C     . SER A 1 29  ? -14.868 -5.916  -4.020  1.00 39.15 ? 187 SER A C     1 
ATOM   51   O O     . SER A 1 29  ? -13.806 -6.182  -3.436  1.00 39.11 ? 187 SER A O     1 
ATOM   52   C CB    . SER A 1 29  ? -16.144 -3.738  -3.934  1.00 38.59 ? 187 SER A CB    1 
ATOM   53   O OG    . SER A 1 29  ? -14.863 -3.183  -4.085  1.00 41.63 ? 187 SER A OG    1 
ATOM   54   N N     . THR A 1 30  ? -15.148 -6.329  -5.242  1.00 39.23 ? 188 THR A N     1 
ATOM   55   C CA    A THR A 1 30  ? -14.152 -6.998  -6.066  0.70 39.86 ? 188 THR A CA    1 
ATOM   56   C CA    B THR A 1 30  ? -14.214 -7.059  -6.091  0.30 39.66 ? 188 THR A CA    1 
ATOM   57   C C     . THR A 1 30  ? -14.395 -6.530  -7.506  1.00 39.73 ? 188 THR A C     1 
ATOM   58   O O     . THR A 1 30  ? -15.530 -6.272  -7.914  1.00 39.42 ? 188 THR A O     1 
ATOM   59   C CB    A THR A 1 30  ? -14.159 -8.575  -5.881  0.70 40.14 ? 188 THR A CB    1 
ATOM   60   C CB    B THR A 1 30  ? -14.516 -8.576  -6.105  0.30 39.49 ? 188 THR A CB    1 
ATOM   61   O OG1   A THR A 1 30  ? -13.193 -9.211  -6.749  0.70 39.18 ? 188 THR A OG1   1 
ATOM   62   O OG1   B THR A 1 30  ? -15.564 -8.863  -7.045  0.30 39.52 ? 188 THR A OG1   1 
ATOM   63   C CG2   A THR A 1 30  ? -15.482 -9.138  -6.155  0.70 40.28 ? 188 THR A CG2   1 
ATOM   64   C CG2   B THR A 1 30  ? -14.913 -9.059  -4.730  0.30 39.22 ? 188 THR A CG2   1 
ATOM   65   N N     . LYS A 1 31  ? -13.298 -6.364  -8.242  1.00 40.73 ? 189 LYS A N     1 
ATOM   66   C CA    . LYS A 1 31  ? -13.338 -5.870  -9.609  1.00 41.17 ? 189 LYS A CA    1 
ATOM   67   C C     . LYS A 1 31  ? -12.302 -6.655  -10.403 1.00 41.43 ? 189 LYS A C     1 
ATOM   68   O O     . LYS A 1 31  ? -11.199 -6.935  -9.930  1.00 41.50 ? 189 LYS A O     1 
ATOM   69   C CB    . LYS A 1 31  ? -13.049 -4.348  -9.599  1.00 41.30 ? 189 LYS A CB    1 
ATOM   70   C CG    . LYS A 1 31  ? -12.467 -3.797  -10.844 1.00 43.08 ? 189 LYS A CG    1 
ATOM   71   C CD    . LYS A 1 31  ? -12.456 -2.267  -10.884 1.00 41.83 ? 189 LYS A CD    1 
ATOM   72   C CE    . LYS A 1 31  ? -11.585 -1.800  -12.034 1.00 43.14 ? 189 LYS A CE    1 
ATOM   73   N NZ    . LYS A 1 31  ? -11.796 -0.351  -12.422 1.00 43.95 ? 189 LYS A NZ    1 
ATOM   74   N N     . SER A 1 32  ? -12.668 -7.014  -11.628 1.00 41.37 ? 190 SER A N     1 
ATOM   75   C CA    . SER A 1 32  ? -11.736 -7.631  -12.544 1.00 41.08 ? 190 SER A CA    1 
ATOM   76   C C     . SER A 1 32  ? -10.908 -6.546  -13.258 1.00 40.05 ? 190 SER A C     1 
ATOM   77   O O     . SER A 1 32  ? -11.469 -5.645  -13.872 1.00 38.83 ? 190 SER A O     1 
ATOM   78   C CB    . SER A 1 32  ? -12.541 -8.464  -13.560 1.00 41.56 ? 190 SER A CB    1 
ATOM   79   O OG    . SER A 1 32  ? -11.682 -9.195  -14.413 1.00 47.28 ? 190 SER A OG    1 
ATOM   80   N N     . LEU A 1 33  ? -9.588  -6.644  -13.186 1.00 38.71 ? 191 LEU A N     1 
ATOM   81   C CA    . LEU A 1 33  ? -8.686  -5.742  -13.906 1.00 39.16 ? 191 LEU A CA    1 
ATOM   82   C C     . LEU A 1 33  ? -8.463  -6.213  -15.360 1.00 38.20 ? 191 LEU A C     1 
ATOM   83   O O     . LEU A 1 33  ? -9.166  -7.091  -15.831 1.00 37.63 ? 191 LEU A O     1 
ATOM   84   C CB    . LEU A 1 33  ? -7.378  -5.587  -13.131 1.00 39.72 ? 191 LEU A CB    1 
ATOM   85   C CG    . LEU A 1 33  ? -7.498  -4.973  -11.728 1.00 40.74 ? 191 LEU A CG    1 
ATOM   86   C CD1   . LEU A 1 33  ? -6.190  -5.195  -10.971 1.00 41.61 ? 191 LEU A CD1   1 
ATOM   87   C CD2   . LEU A 1 33  ? -7.854  -3.489  -11.771 1.00 42.45 ? 191 LEU A CD2   1 
ATOM   88   N N     . PHE A 1 34  ? -7.502  -5.631  -16.075 1.00 38.28 ? 192 PHE A N     1 
ATOM   89   C CA    . PHE A 1 34  ? -7.456  -5.712  -17.543 1.00 38.24 ? 192 PHE A CA    1 
ATOM   90   C C     . PHE A 1 34  ? -7.325  -7.133  -18.059 1.00 37.78 ? 192 PHE A C     1 
ATOM   91   O O     . PHE A 1 34  ? -8.038  -7.523  -18.967 1.00 37.19 ? 192 PHE A O     1 
ATOM   92   C CB    . PHE A 1 34  ? -6.305  -4.858  -18.085 1.00 38.35 ? 192 PHE A CB    1 
ATOM   93   C CG    . PHE A 1 34  ? -6.210  -4.817  -19.588 1.00 38.07 ? 192 PHE A CG    1 
ATOM   94   C CD1   . PHE A 1 34  ? -6.957  -3.898  -20.319 1.00 38.92 ? 192 PHE A CD1   1 
ATOM   95   C CD2   . PHE A 1 34  ? -5.348  -5.673  -20.272 1.00 39.06 ? 192 PHE A CD2   1 
ATOM   96   C CE1   . PHE A 1 34  ? -6.864  -3.844  -21.713 1.00 37.23 ? 192 PHE A CE1   1 
ATOM   97   C CE2   . PHE A 1 34  ? -5.235  -5.613  -21.668 1.00 39.41 ? 192 PHE A CE2   1 
ATOM   98   C CZ    . PHE A 1 34  ? -5.999  -4.694  -22.384 1.00 38.01 ? 192 PHE A CZ    1 
ATOM   99   N N     . LEU A 1 35  ? -6.402  -7.886  -17.491 1.00 38.01 ? 193 LEU A N     1 
ATOM   100  C CA    . LEU A 1 35  ? -6.124  -9.245  -17.927 1.00 39.68 ? 193 LEU A CA    1 
ATOM   101  C C     . LEU A 1 35  ? -6.660  -10.211 -16.891 1.00 39.72 ? 193 LEU A C     1 
ATOM   102  O O     . LEU A 1 35  ? -6.207  -11.342 -16.778 1.00 41.57 ? 193 LEU A O     1 
ATOM   103  C CB    . LEU A 1 35  ? -4.619  -9.455  -18.190 1.00 39.44 ? 193 LEU A CB    1 
ATOM   104  C CG    . LEU A 1 35  ? -4.119  -9.717  -19.604 1.00 43.27 ? 193 LEU A CG    1 
ATOM   105  C CD1   . LEU A 1 35  ? -4.849  -8.917  -20.713 1.00 43.69 ? 193 LEU A CD1   1 
ATOM   106  C CD2   . LEU A 1 35  ? -2.599  -9.472  -19.662 1.00 41.96 ? 193 LEU A CD2   1 
ATOM   107  N N     . GLY A 1 36  ? -7.671  -9.787  -16.153 1.00 39.70 ? 194 GLY A N     1 
ATOM   108  C CA    . GLY A 1 36  ? -8.351  -10.683 -15.239 1.00 39.63 ? 194 GLY A CA    1 
ATOM   109  C C     . GLY A 1 36  ? -7.803  -10.743 -13.824 1.00 39.68 ? 194 GLY A C     1 
ATOM   110  O O     . GLY A 1 36  ? -8.298  -11.526 -13.034 1.00 39.78 ? 194 GLY A O     1 
ATOM   111  N N     . GLN A 1 37  ? -6.822  -9.897  -13.494 1.00 39.44 ? 195 GLN A N     1 
ATOM   112  C CA    . GLN A 1 37  ? -6.341  -9.763  -12.128 1.00 39.53 ? 195 GLN A CA    1 
ATOM   113  C C     . GLN A 1 37  ? -7.514  -9.192  -11.296 1.00 39.44 ? 195 GLN A C     1 
ATOM   114  O O     . GLN A 1 37  ? -8.462  -8.625  -11.836 1.00 38.37 ? 195 GLN A O     1 
ATOM   115  C CB    . GLN A 1 37  ? -5.100  -8.859  -12.037 1.00 39.41 ? 195 GLN A CB    1 
ATOM   116  C CG    . GLN A 1 37  ? -3.911  -9.209  -12.939 1.00 40.25 ? 195 GLN A CG    1 
ATOM   117  C CD    . GLN A 1 37  ? -3.978  -8.611  -14.319 1.00 38.23 ? 195 GLN A CD    1 
ATOM   118  O OE1   . GLN A 1 37  ? -5.026  -8.133  -14.774 1.00 40.14 ? 195 GLN A OE1   1 
ATOM   119  N NE2   . GLN A 1 37  ? -2.866  -8.664  -15.016 1.00 40.53 ? 195 GLN A NE2   1 
ATOM   120  N N     . LYS A 1 38  ? -7.475  -9.378  -9.996  1.00 39.13 ? 196 LYS A N     1 
ATOM   121  C CA    . LYS A 1 38  ? -8.604  -9.024  -9.152  1.00 39.38 ? 196 LYS A CA    1 
ATOM   122  C C     . LYS A 1 38  ? -8.211  -7.878  -8.236  1.00 39.63 ? 196 LYS A C     1 
ATOM   123  O O     . LYS A 1 38  ? -7.184  -7.938  -7.614  1.00 40.76 ? 196 LYS A O     1 
ATOM   124  C CB    . LYS A 1 38  ? -9.032  -10.207 -8.274  1.00 40.15 ? 196 LYS A CB    1 
ATOM   125  C CG    . LYS A 1 38  ? -9.566  -11.397 -8.991  1.00 41.96 ? 196 LYS A CG    1 
ATOM   126  C CD    . LYS A 1 38  ? -10.806 -11.059 -9.765  1.00 44.93 ? 196 LYS A CD    1 
ATOM   127  C CE    . LYS A 1 38  ? -11.541 -12.355 -10.146 1.00 42.32 ? 196 LYS A CE    1 
ATOM   128  N NZ    . LYS A 1 38  ? -12.686 -12.155 -11.028 1.00 43.47 ? 196 LYS A NZ    1 
ATOM   129  N N     . LEU A 1 39  ? -9.036  -6.834  -8.161  1.00 40.12 ? 197 LEU A N     1 
ATOM   130  C CA    . LEU A 1 39  ? -8.863  -5.746  -7.192  1.00 39.50 ? 197 LEU A CA    1 
ATOM   131  C C     . LEU A 1 39  ? -9.969  -5.869  -6.158  1.00 39.69 ? 197 LEU A C     1 
ATOM   132  O O     . LEU A 1 39  ? -11.149 -5.795  -6.516  1.00 40.13 ? 197 LEU A O     1 
ATOM   133  C CB    . LEU A 1 39  ? -8.920  -4.391  -7.916  1.00 39.39 ? 197 LEU A CB    1 
ATOM   134  C CG    . LEU A 1 39  ? -8.947  -3.110  -7.084  1.00 42.26 ? 197 LEU A CG    1 
ATOM   135  C CD1   . LEU A 1 39  ? -7.865  -3.044  -5.980  1.00 43.58 ? 197 LEU A CD1   1 
ATOM   136  C CD2   . LEU A 1 39  ? -8.793  -1.932  -8.069  1.00 41.76 ? 197 LEU A CD2   1 
ATOM   137  N N     . GLN A 1 40  ? -9.597  -6.164  -4.905  1.00 38.89 ? 198 GLN A N     1 
ATOM   138  C CA    . GLN A 1 40  ? -10.545 -6.243  -3.802  1.00 38.70 ? 198 GLN A CA    1 
ATOM   139  C C     . GLN A 1 40  ? -10.412 -5.069  -2.871  1.00 38.54 ? 198 GLN A C     1 
ATOM   140  O O     . GLN A 1 40  ? -9.310  -4.742  -2.397  1.00 40.65 ? 198 GLN A O     1 
ATOM   141  C CB    . GLN A 1 40  ? -10.350 -7.513  -2.981  1.00 38.40 ? 198 GLN A CB    1 
ATOM   142  C CG    . GLN A 1 40  ? -10.644 -8.757  -3.781  1.00 39.76 ? 198 GLN A CG    1 
ATOM   143  C CD    . GLN A 1 40  ? -10.367 -10.004 -3.014  1.00 38.45 ? 198 GLN A CD    1 
ATOM   144  O OE1   . GLN A 1 40  ? -10.081 -11.046 -3.603  1.00 43.72 ? 198 GLN A OE1   1 
ATOM   145  N NE2   . GLN A 1 40  ? -10.412 -9.914  -1.712  1.00 34.86 ? 198 GLN A NE2   1 
ATOM   146  N N     . VAL A 1 41  ? -11.527 -4.417  -2.590  1.00 38.71 ? 199 VAL A N     1 
ATOM   147  C CA    . VAL A 1 41  ? -11.562 -3.452  -1.479  1.00 38.31 ? 199 VAL A CA    1 
ATOM   148  C C     . VAL A 1 41  ? -12.080 -4.206  -0.263  1.00 38.29 ? 199 VAL A C     1 
ATOM   149  O O     . VAL A 1 41  ? -13.152 -4.794  -0.331  1.00 37.52 ? 199 VAL A O     1 
ATOM   150  C CB    . VAL A 1 41  ? -12.435 -2.241  -1.800  1.00 38.92 ? 199 VAL A CB    1 
ATOM   151  C CG1   . VAL A 1 41  ? -12.372 -1.202  -0.626  1.00 37.88 ? 199 VAL A CG1   1 
ATOM   152  C CG2   . VAL A 1 41  ? -11.951 -1.635  -3.129  1.00 37.95 ? 199 VAL A CG2   1 
ATOM   153  N N     . VAL A 1 42  ? -11.278 -4.187  0.813   1.00 38.34 ? 200 VAL A N     1 
ATOM   154  C CA    . VAL A 1 42  ? -11.465 -4.963  1.985   1.00 38.51 ? 200 VAL A CA    1 
ATOM   155  C C     . VAL A 1 42  ? -11.389 -4.058  3.226   1.00 38.75 ? 200 VAL A C     1 
ATOM   156  O O     . VAL A 1 42  ? -10.768 -3.011  3.201   1.00 39.23 ? 200 VAL A O     1 
ATOM   157  C CB    . VAL A 1 42  ? -10.428 -6.125  2.086   1.00 39.07 ? 200 VAL A CB    1 
ATOM   158  C CG1   . VAL A 1 42  ? -10.491 -7.043  0.809   1.00 37.20 ? 200 VAL A CG1   1 
ATOM   159  C CG2   . VAL A 1 42  ? -9.027  -5.587  2.282   1.00 40.77 ? 200 VAL A CG2   1 
ATOM   160  N N     . GLN A 1 43  ? -12.089 -4.454  4.284   1.00 38.14 ? 201 GLN A N     1 
ATOM   161  C CA    . GLN A 1 43  ? -12.032 -3.744  5.547   1.00 38.39 ? 201 GLN A CA    1 
ATOM   162  C C     . GLN A 1 43  ? -11.249 -4.615  6.488   1.00 38.05 ? 201 GLN A C     1 
ATOM   163  O O     . GLN A 1 43  ? -11.670 -5.741  6.783   1.00 36.50 ? 201 GLN A O     1 
ATOM   164  C CB    . GLN A 1 43  ? -13.430 -3.483  6.092   1.00 38.00 ? 201 GLN A CB    1 
ATOM   165  C CG    . GLN A 1 43  ? -13.465 -2.763  7.434   1.00 38.87 ? 201 GLN A CG    1 
ATOM   166  C CD    . GLN A 1 43  ? -14.852 -2.681  8.029   1.00 40.39 ? 201 GLN A CD    1 
ATOM   167  O OE1   . GLN A 1 43  ? -15.830 -2.473  7.327   1.00 44.60 ? 201 GLN A OE1   1 
ATOM   168  N NE2   . GLN A 1 43  ? -14.942 -2.880  9.328   1.00 41.41 ? 201 GLN A NE2   1 
ATOM   169  N N     . ALA A 1 44  ? -10.126 -4.074  6.974   1.00 38.29 ? 202 ALA A N     1 
ATOM   170  C CA    . ALA A 1 44  ? -9.210  -4.821  7.836   1.00 38.62 ? 202 ALA A CA    1 
ATOM   171  C C     . ALA A 1 44  ? -8.069  -3.935  8.360   1.00 38.04 ? 202 ALA A C     1 
ATOM   172  O O     . ALA A 1 44  ? -7.768  -2.877  7.772   1.00 37.32 ? 202 ALA A O     1 
ATOM   173  C CB    . ALA A 1 44  ? -8.620  -6.015  7.047   1.00 38.26 ? 202 ALA A CB    1 
ATOM   174  N N     . ASP A 1 45  ? -7.440  -4.399  9.438   1.00 37.78 ? 203 ASP A N     1 
ATOM   175  C CA    . ASP A 1 45  ? -6.118  -3.938  9.876   1.00 38.72 ? 203 ASP A CA    1 
ATOM   176  C C     . ASP A 1 45  ? -5.120  -4.528  8.879   1.00 38.77 ? 203 ASP A C     1 
ATOM   177  O O     . ASP A 1 45  ? -5.012  -5.761  8.788   1.00 39.38 ? 203 ASP A O     1 
ATOM   178  C CB    . ASP A 1 45  ? -5.828  -4.424  11.305  1.00 39.08 ? 203 ASP A CB    1 
ATOM   179  C CG    . ASP A 1 45  ? -4.415  -4.085  11.780  1.00 38.82 ? 203 ASP A CG    1 
ATOM   180  O OD1   . ASP A 1 45  ? -3.727  -3.239  11.174  1.00 39.11 ? 203 ASP A OD1   1 
ATOM   181  O OD2   . ASP A 1 45  ? -3.981  -4.676  12.780  1.00 40.32 ? 203 ASP A OD2   1 
ATOM   182  N N     . ILE A 1 46  ? -4.430  -3.663  8.137   1.00 38.47 ? 204 ILE A N     1 
ATOM   183  C CA    . ILE A 1 46  ? -3.492  -4.099  7.101   1.00 39.50 ? 204 ILE A CA    1 
ATOM   184  C C     . ILE A 1 46  ? -2.387  -4.997  7.637   1.00 39.78 ? 204 ILE A C     1 
ATOM   185  O O     . ILE A 1 46  ? -1.929  -5.851  6.903   1.00 41.13 ? 204 ILE A O     1 
ATOM   186  C CB    . ILE A 1 46  ? -2.920  -2.926  6.257   1.00 39.54 ? 204 ILE A CB    1 
ATOM   187  C CG1   . ILE A 1 46  ? -2.213  -3.457  5.000   1.00 39.82 ? 204 ILE A CG1   1 
ATOM   188  C CG2   . ILE A 1 46  ? -1.970  -2.015  7.098   1.00 39.53 ? 204 ILE A CG2   1 
ATOM   189  C CD1   . ILE A 1 46  ? -1.972  -2.371  3.919   1.00 39.54 ? 204 ILE A CD1   1 
ATOM   190  N N     . ALA A 1 47  ? -1.992  -4.828  8.905   1.00 39.33 ? 205 ALA A N     1 
ATOM   191  C CA    . ALA A 1 47  ? -0.941  -5.626  9.521   1.00 39.76 ? 205 ALA A CA    1 
ATOM   192  C C     . ALA A 1 47  ? -1.332  -7.081  9.659   1.00 39.91 ? 205 ALA A C     1 
ATOM   193  O O     . ALA A 1 47  ? -0.458  -7.943  9.755   1.00 39.62 ? 205 ALA A O     1 
ATOM   194  C CB    . ALA A 1 47  ? -0.579  -5.072  10.928  1.00 38.92 ? 205 ALA A CB    1 
ATOM   195  N N     . SER A 1 48  ? -2.639  -7.336  9.678   1.00 39.97 ? 206 SER A N     1 
ATOM   196  C CA    . SER A 1 48  ? -3.175  -8.683  9.806   1.00 40.48 ? 206 SER A CA    1 
ATOM   197  C C     . SER A 1 48  ? -3.281  -9.385  8.423   1.00 40.30 ? 206 SER A C     1 
ATOM   198  O O     . SER A 1 48  ? -3.505  -10.585 8.369   1.00 39.04 ? 206 SER A O     1 
ATOM   199  C CB    . SER A 1 48  ? -4.557  -8.622  10.482  1.00 40.36 ? 206 SER A CB    1 
ATOM   200  O OG    . SER A 1 48  ? -5.576  -8.274  9.549   1.00 42.51 ? 206 SER A OG    1 
ATOM   201  N N     . ILE A 1 49  ? -3.134  -8.660  7.315   1.00 40.80 ? 207 ILE A N     1 
ATOM   202  C CA    . ILE A 1 49  ? -3.333  -9.293  5.997   1.00 41.37 ? 207 ILE A CA    1 
ATOM   203  C C     . ILE A 1 49  ? -2.180  -10.215 5.540   1.00 41.37 ? 207 ILE A C     1 
ATOM   204  O O     . ILE A 1 49  ? -0.990  -9.898  5.593   1.00 40.01 ? 207 ILE A O     1 
ATOM   205  C CB    . ILE A 1 49  ? -3.708  -8.292  4.896   1.00 41.21 ? 207 ILE A CB    1 
ATOM   206  C CG1   . ILE A 1 49  ? -4.996  -7.564  5.294   1.00 41.80 ? 207 ILE A CG1   1 
ATOM   207  C CG2   . ILE A 1 49  ? -3.952  -9.050  3.582   1.00 41.86 ? 207 ILE A CG2   1 
ATOM   208  C CD1   . ILE A 1 49  ? -5.419  -6.539  4.339   1.00 44.52 ? 207 ILE A CD1   1 
ATOM   209  N N     . ASP A 1 50  ? -2.584  -11.397 5.118   1.00 42.09 ? 208 ASP A N     1 
ATOM   210  C CA    . ASP A 1 50  ? -1.678  -12.437 4.726   1.00 42.54 ? 208 ASP A CA    1 
ATOM   211  C C     . ASP A 1 50  ? -1.199  -12.351 3.257   1.00 41.78 ? 208 ASP A C     1 
ATOM   212  O O     . ASP A 1 50  ? -0.910  -13.370 2.657   1.00 43.46 ? 208 ASP A O     1 
ATOM   213  C CB    . ASP A 1 50  ? -2.383  -13.786 4.912   1.00 43.18 ? 208 ASP A CB    1 
ATOM   214  C CG    . ASP A 1 50  ? -1.428  -14.920 4.942   1.00 47.02 ? 208 ASP A CG    1 
ATOM   215  O OD1   . ASP A 1 50  ? -0.238  -14.696 4.607   1.00 52.84 ? 208 ASP A OD1   1 
ATOM   216  O OD2   . ASP A 1 50  ? -1.839  -16.032 5.310   1.00 48.52 ? 208 ASP A OD2   1 
ATOM   217  N N     . SER A 1 51  ? -1.128  -11.183 2.648   1.00 40.73 ? 209 SER A N     1 
ATOM   218  C CA    . SER A 1 51  ? -0.674  -11.111 1.284   1.00 39.91 ? 209 SER A CA    1 
ATOM   219  C C     . SER A 1 51  ? 0.837   -11.265 1.190   1.00 39.82 ? 209 SER A C     1 
ATOM   220  O O     . SER A 1 51  ? 1.541   -11.272 2.214   1.00 37.93 ? 209 SER A O     1 
ATOM   221  C CB    . SER A 1 51  ? -1.095  -9.794  0.671   1.00 39.18 ? 209 SER A CB    1 
ATOM   222  O OG    . SER A 1 51  ? -0.880  -8.758  1.549   1.00 40.74 ? 209 SER A OG    1 
ATOM   223  N N     . ASP A 1 52  ? 1.331   -11.389 -0.043  1.00 38.78 ? 210 ASP A N     1 
ATOM   224  C CA    . ASP A 1 52  ? 2.757   -11.490 -0.268  1.00 38.78 ? 210 ASP A CA    1 
ATOM   225  C C     . ASP A 1 52  ? 3.478   -10.218 0.133   1.00 38.38 ? 210 ASP A C     1 
ATOM   226  O O     . ASP A 1 52  ? 4.565   -10.314 0.694   1.00 39.25 ? 210 ASP A O     1 
ATOM   227  C CB    . ASP A 1 52  ? 3.070   -11.826 -1.717  1.00 38.24 ? 210 ASP A CB    1 
ATOM   228  C CG    . ASP A 1 52  ? 2.861   -13.257 -2.036  1.00 38.51 ? 210 ASP A CG    1 
ATOM   229  O OD1   . ASP A 1 52  ? 2.641   -14.091 -1.132  1.00 41.51 ? 210 ASP A OD1   1 
ATOM   230  O OD2   . ASP A 1 52  ? 2.956   -13.579 -3.224  1.00 38.72 ? 210 ASP A OD2   1 
ATOM   231  N N     . ALA A 1 53  ? 2.894   -9.050  -0.186  1.00 38.66 ? 211 ALA A N     1 
ATOM   232  C CA    . ALA A 1 53  ? 3.350   -7.783  0.343   1.00 38.77 ? 211 ALA A CA    1 
ATOM   233  C C     . ALA A 1 53  ? 2.216   -7.015  1.014   1.00 39.43 ? 211 ALA A C     1 
ATOM   234  O O     . ALA A 1 53  ? 1.046   -7.083  0.564   1.00 39.90 ? 211 ALA A O     1 
ATOM   235  C CB    . ALA A 1 53  ? 3.949   -6.899  -0.786  1.00 38.38 ? 211 ALA A CB    1 
ATOM   236  N N     . VAL A 1 54  ? 2.562   -6.263  2.063   1.00 38.92 ? 212 VAL A N     1 
ATOM   237  C CA    . VAL A 1 54  ? 1.749   -5.122  2.525   1.00 39.16 ? 212 VAL A CA    1 
ATOM   238  C C     . VAL A 1 54  ? 2.541   -3.813  2.293   1.00 39.45 ? 212 VAL A C     1 
ATOM   239  O O     . VAL A 1 54  ? 3.774   -3.819  2.344   1.00 39.10 ? 212 VAL A O     1 
ATOM   240  C CB    . VAL A 1 54  ? 1.272   -5.271  3.997   1.00 40.13 ? 212 VAL A CB    1 
ATOM   241  C CG1   . VAL A 1 54  ? 0.363   -6.498  4.129   1.00 38.32 ? 212 VAL A CG1   1 
ATOM   242  C CG2   . VAL A 1 54  ? 2.457   -5.329  4.998   1.00 40.48 ? 212 VAL A CG2   1 
ATOM   243  N N     . VAL A 1 55  ? 1.846   -2.713  1.997   1.00 39.09 ? 213 VAL A N     1 
ATOM   244  C CA    . VAL A 1 55  ? 2.498   -1.437  1.739   1.00 38.75 ? 213 VAL A CA    1 
ATOM   245  C C     . VAL A 1 55  ? 2.522   -0.516  2.987   1.00 38.68 ? 213 VAL A C     1 
ATOM   246  O O     . VAL A 1 55  ? 1.489   -0.275  3.647   1.00 39.72 ? 213 VAL A O     1 
ATOM   247  C CB    . VAL A 1 55  ? 1.885   -0.720  0.526   1.00 38.02 ? 213 VAL A CB    1 
ATOM   248  C CG1   . VAL A 1 55  ? 2.424   0.656   0.364   1.00 37.46 ? 213 VAL A CG1   1 
ATOM   249  C CG2   . VAL A 1 55  ? 2.167   -1.567  -0.792  1.00 38.90 ? 213 VAL A CG2   1 
ATOM   250  N N     . HIS A 1 56  ? 3.721   -0.032  3.312   1.00 39.57 ? 214 HIS A N     1 
ATOM   251  C CA    . HIS A 1 56  ? 3.959   0.893   4.429   1.00 38.85 ? 214 HIS A CA    1 
ATOM   252  C C     . HIS A 1 56  ? 4.310   2.264   3.869   1.00 38.93 ? 214 HIS A C     1 
ATOM   253  O O     . HIS A 1 56  ? 5.429   2.432   3.363   1.00 37.23 ? 214 HIS A O     1 
ATOM   254  C CB    . HIS A 1 56  ? 5.153   0.422   5.237   1.00 39.03 ? 214 HIS A CB    1 
ATOM   255  C CG    . HIS A 1 56  ? 5.615   1.403   6.273   1.00 39.90 ? 214 HIS A CG    1 
ATOM   256  N ND1   . HIS A 1 56  ? 6.945   1.620   6.549   1.00 39.63 ? 214 HIS A ND1   1 
ATOM   257  C CD2   . HIS A 1 56  ? 4.921   2.222   7.096   1.00 39.92 ? 214 HIS A CD2   1 
ATOM   258  C CE1   . HIS A 1 56  ? 7.051   2.534   7.495   1.00 41.95 ? 214 HIS A CE1   1 
ATOM   259  N NE2   . HIS A 1 56  ? 5.836   2.915   7.843   1.00 41.27 ? 214 HIS A NE2   1 
ATOM   260  N N     . PRO A 1 57  ? 3.400   3.248   4.021   1.00 39.18 ? 215 PRO A N     1 
ATOM   261  C CA    . PRO A 1 57  ? 3.724   4.645   3.707   1.00 39.81 ? 215 PRO A CA    1 
ATOM   262  C C     . PRO A 1 57  ? 4.676   5.231   4.751   1.00 38.97 ? 215 PRO A C     1 
ATOM   263  O O     . PRO A 1 57  ? 4.425   5.192   6.009   1.00 37.91 ? 215 PRO A O     1 
ATOM   264  C CB    . PRO A 1 57  ? 2.358   5.355   3.736   1.00 41.06 ? 215 PRO A CB    1 
ATOM   265  C CG    . PRO A 1 57  ? 1.343   4.288   3.930   1.00 40.01 ? 215 PRO A CG    1 
ATOM   266  C CD    . PRO A 1 57  ? 2.025   3.122   4.547   1.00 39.46 ? 215 PRO A CD    1 
ATOM   267  N N     . THR A 1 58  ? 5.797   5.719   4.245   1.00 38.70 ? 216 THR A N     1 
ATOM   268  C CA    . THR A 1 58  ? 6.868   6.222   5.066   1.00 39.08 ? 216 THR A CA    1 
ATOM   269  C C     . THR A 1 58  ? 7.407   7.517   4.439   1.00 39.46 ? 216 THR A C     1 
ATOM   270  O O     . THR A 1 58  ? 6.709   8.156   3.645   1.00 38.14 ? 216 THR A O     1 
ATOM   271  C CB    . THR A 1 58  ? 7.923   5.109   5.252   1.00 39.26 ? 216 THR A CB    1 
ATOM   272  O OG1   . THR A 1 58  ? 8.856   5.488   6.246   1.00 38.79 ? 216 THR A OG1   1 
ATOM   273  C CG2   . THR A 1 58  ? 8.664   4.794   3.970   1.00 40.16 ? 216 THR A CG2   1 
ATOM   274  N N     . ASN A 1 59  ? 8.613   7.920   4.818   1.00 39.69 ? 217 ASN A N     1 
ATOM   275  C CA    . ASN A 1 59  ? 9.251   9.142   4.297   1.00 39.77 ? 217 ASN A CA    1 
ATOM   276  C C     . ASN A 1 59  ? 10.655  8.810   3.792   1.00 40.18 ? 217 ASN A C     1 
ATOM   277  O O     . ASN A 1 59  ? 11.007  7.636   3.689   1.00 39.18 ? 217 ASN A O     1 
ATOM   278  C CB    . ASN A 1 59  ? 9.283   10.242  5.385   1.00 39.60 ? 217 ASN A CB    1 
ATOM   279  C CG    . ASN A 1 59  ? 10.161  9.886   6.574   1.00 38.91 ? 217 ASN A CG    1 
ATOM   280  O OD1   . ASN A 1 59  ? 10.846  8.874   6.580   1.00 39.34 ? 217 ASN A OD1   1 
ATOM   281  N ND2   . ASN A 1 59  ? 10.129  10.728  7.593   1.00 38.32 ? 217 ASN A ND2   1 
ATOM   282  N N     . THR A 1 60  ? 11.479  9.829   3.531   1.00 40.41 ? 218 THR A N     1 
ATOM   283  C CA    . THR A 1 60  ? 12.804  9.601   2.964   1.00 41.18 ? 218 THR A CA    1 
ATOM   284  C C     . THR A 1 60  ? 13.708  8.758   3.859   1.00 41.06 ? 218 THR A C     1 
ATOM   285  O O     . THR A 1 60  ? 14.626  8.126   3.378   1.00 40.91 ? 218 THR A O     1 
ATOM   286  C CB    . THR A 1 60  ? 13.508  10.917  2.651   1.00 42.20 ? 218 THR A CB    1 
ATOM   287  O OG1   . THR A 1 60  ? 12.559  11.806  2.049   1.00 45.89 ? 218 THR A OG1   1 
ATOM   288  C CG2   . THR A 1 60  ? 14.686  10.687  1.695   1.00 41.75 ? 218 THR A CG2   1 
ATOM   289  N N     . ASP A 1 61  ? 13.467  8.767   5.163   1.00 41.87 ? 219 ASP A N     1 
ATOM   290  C CA    . ASP A 1 61  ? 14.383  8.119   6.099   1.00 41.73 ? 219 ASP A CA    1 
ATOM   291  C C     . ASP A 1 61  ? 13.752  6.866   6.683   1.00 41.91 ? 219 ASP A C     1 
ATOM   292  O O     . ASP A 1 61  ? 14.116  6.447   7.785   1.00 41.70 ? 219 ASP A O     1 
ATOM   293  C CB    . ASP A 1 61  ? 14.775  9.099   7.216   1.00 42.44 ? 219 ASP A CB    1 
ATOM   294  C CG    . ASP A 1 61  ? 15.403  10.387  6.686   1.00 44.06 ? 219 ASP A CG    1 
ATOM   295  O OD1   . ASP A 1 61  ? 16.237  10.346  5.743   1.00 46.80 ? 219 ASP A OD1   1 
ATOM   296  O OD2   . ASP A 1 61  ? 15.056  11.456  7.221   1.00 46.48 ? 219 ASP A OD2   1 
ATOM   297  N N     . PHE A 1 62  ? 12.786  6.289   5.962   1.00 40.97 ? 220 PHE A N     1 
ATOM   298  C CA    . PHE A 1 62  ? 12.054  5.108   6.420   1.00 41.09 ? 220 PHE A CA    1 
ATOM   299  C C     . PHE A 1 62  ? 11.493  5.218   7.856   1.00 41.19 ? 220 PHE A C     1 
ATOM   300  O O     . PHE A 1 62  ? 11.526  4.248   8.610   1.00 40.78 ? 220 PHE A O     1 
ATOM   301  C CB    . PHE A 1 62  ? 12.930  3.857   6.282   1.00 39.91 ? 220 PHE A CB    1 
ATOM   302  C CG    . PHE A 1 62  ? 13.327  3.554   4.865   1.00 38.62 ? 220 PHE A CG    1 
ATOM   303  C CD1   . PHE A 1 62  ? 12.564  2.684   4.083   1.00 36.86 ? 220 PHE A CD1   1 
ATOM   304  C CD2   . PHE A 1 62  ? 14.454  4.138   4.303   1.00 36.83 ? 220 PHE A CD2   1 
ATOM   305  C CE1   . PHE A 1 62  ? 12.930  2.407   2.768   1.00 37.48 ? 220 PHE A CE1   1 
ATOM   306  C CE2   . PHE A 1 62  ? 14.809  3.863   2.980   1.00 36.95 ? 220 PHE A CE2   1 
ATOM   307  C CZ    . PHE A 1 62  ? 14.046  2.998   2.219   1.00 37.45 ? 220 PHE A CZ    1 
ATOM   308  N N     . TYR A 1 63  ? 10.966  6.395   8.197   1.00 42.08 ? 221 TYR A N     1 
ATOM   309  C CA    . TYR A 1 63  ? 10.307  6.637   9.485   1.00 42.69 ? 221 TYR A CA    1 
ATOM   310  C C     . TYR A 1 63  ? 9.148   5.671   9.681   1.00 42.88 ? 221 TYR A C     1 
ATOM   311  O O     . TYR A 1 63  ? 8.367   5.465   8.767   1.00 41.83 ? 221 TYR A O     1 
ATOM   312  C CB    . TYR A 1 63  ? 9.810   8.103   9.557   1.00 43.99 ? 221 TYR A CB    1 
ATOM   313  C CG    . TYR A 1 63  ? 9.215   8.512   10.893  1.00 44.34 ? 221 TYR A CG    1 
ATOM   314  C CD1   . TYR A 1 63  ? 9.942   8.368   12.069  1.00 46.12 ? 221 TYR A CD1   1 
ATOM   315  C CD2   . TYR A 1 63  ? 7.927   9.049   10.983  1.00 46.09 ? 221 TYR A CD2   1 
ATOM   316  C CE1   . TYR A 1 63  ? 9.402   8.737   13.297  1.00 46.10 ? 221 TYR A CE1   1 
ATOM   317  C CE2   . TYR A 1 63  ? 7.380   9.418   12.209  1.00 46.18 ? 221 TYR A CE2   1 
ATOM   318  C CZ    . TYR A 1 63  ? 8.122   9.257   13.365  1.00 45.99 ? 221 TYR A CZ    1 
ATOM   319  O OH    . TYR A 1 63  ? 7.611   9.623   14.603  1.00 47.39 ? 221 TYR A OH    1 
ATOM   320  N N     . ILE A 1 64  ? 9.033   5.076   10.870  1.00 42.94 ? 222 ILE A N     1 
ATOM   321  C CA    . ILE A 1 64  ? 7.990   4.071   11.154  1.00 43.10 ? 222 ILE A CA    1 
ATOM   322  C C     . ILE A 1 64  ? 6.764   4.674   11.881  1.00 43.11 ? 222 ILE A C     1 
ATOM   323  O O     . ILE A 1 64  ? 5.935   3.945   12.443  1.00 44.67 ? 222 ILE A O     1 
ATOM   324  C CB    . ILE A 1 64  ? 8.605   2.881   11.967  1.00 43.75 ? 222 ILE A CB    1 
ATOM   325  C CG1   . ILE A 1 64  ? 9.542   2.050   11.081  1.00 44.83 ? 222 ILE A CG1   1 
ATOM   326  C CG2   . ILE A 1 64  ? 7.540   1.943   12.499  1.00 43.98 ? 222 ILE A CG2   1 
ATOM   327  C CD1   . ILE A 1 64  ? 10.234  0.887   11.831  1.00 44.81 ? 222 ILE A CD1   1 
ATOM   328  N N     . GLY A 1 65  ? 6.599   5.989   11.835  1.00 41.70 ? 223 GLY A N     1 
ATOM   329  C CA    . GLY A 1 65  ? 5.662   6.662   12.739  1.00 41.45 ? 223 GLY A CA    1 
ATOM   330  C C     . GLY A 1 65  ? 4.275   7.038   12.249  1.00 40.62 ? 223 GLY A C     1 
ATOM   331  O O     . GLY A 1 65  ? 3.472   7.594   13.028  1.00 40.64 ? 223 GLY A O     1 
ATOM   332  N N     . GLY A 1 66  ? 4.000   6.761   10.979  1.00 39.38 ? 224 GLY A N     1 
ATOM   333  C CA    . GLY A 1 66  ? 2.665   6.912   10.404  1.00 38.96 ? 224 GLY A CA    1 
ATOM   334  C C     . GLY A 1 66  ? 1.662   5.946   10.989  1.00 38.03 ? 224 GLY A C     1 
ATOM   335  O O     . GLY A 1 66  ? 2.020   5.069   11.769  1.00 36.22 ? 224 GLY A O     1 
ATOM   336  N N     . GLU A 1 67  ? 0.402   6.102   10.602  1.00 38.00 ? 225 GLU A N     1 
ATOM   337  C CA    . GLU A 1 67  ? -0.668  5.273   11.170  1.00 38.21 ? 225 GLU A CA    1 
ATOM   338  C C     . GLU A 1 67  ? -0.476  3.813   10.835  1.00 37.77 ? 225 GLU A C     1 
ATOM   339  O O     . GLU A 1 67  ? -0.518  2.956   11.716  1.00 37.07 ? 225 GLU A O     1 
ATOM   340  C CB    . GLU A 1 67  ? -2.049  5.798   10.774  1.00 37.95 ? 225 GLU A CB    1 
ATOM   341  C CG    . GLU A 1 67  ? -2.268  7.198   11.305  1.00 38.23 ? 225 GLU A CG    1 
ATOM   342  C CD    . GLU A 1 67  ? -3.576  7.843   10.902  1.00 38.59 ? 225 GLU A CD    1 
ATOM   343  O OE1   . GLU A 1 67  ? -3.638  9.086   10.983  1.00 39.25 ? 225 GLU A OE1   1 
ATOM   344  O OE2   . GLU A 1 67  ? -4.535  7.133   10.527  1.00 37.34 ? 225 GLU A OE2   1 
ATOM   345  N N     . VAL A 1 68  ? -0.206  3.513   9.571   1.00 38.42 ? 226 VAL A N     1 
ATOM   346  C CA    . VAL A 1 68  ? 0.094   2.138   9.180   1.00 37.64 ? 226 VAL A CA    1 
ATOM   347  C C     . VAL A 1 68  ? 1.417   1.624   9.753   1.00 37.61 ? 226 VAL A C     1 
ATOM   348  O O     . VAL A 1 68  ? 1.495   0.454   10.176  1.00 37.61 ? 226 VAL A O     1 
ATOM   349  C CB    . VAL A 1 68  ? 0.077   1.977   7.650   1.00 37.41 ? 226 VAL A CB    1 
ATOM   350  C CG1   . VAL A 1 68  ? 0.629   0.620   7.236   1.00 35.63 ? 226 VAL A CG1   1 
ATOM   351  C CG2   . VAL A 1 68  ? -1.344  2.197   7.124   1.00 36.70 ? 226 VAL A CG2   1 
ATOM   352  N N     . GLY A 1 69  ? 2.444   2.473   9.765   1.00 37.68 ? 227 GLY A N     1 
ATOM   353  C CA    . GLY A 1 69  ? 3.732   2.101   10.360  1.00 38.32 ? 227 GLY A CA    1 
ATOM   354  C C     . GLY A 1 69  ? 3.590   1.657   11.803  1.00 38.69 ? 227 GLY A C     1 
ATOM   355  O O     . GLY A 1 69  ? 4.216   0.693   12.248  1.00 39.19 ? 227 GLY A O     1 
ATOM   356  N N     . ASN A 1 70  ? 2.747   2.363   12.536  1.00 38.73 ? 228 ASN A N     1 
ATOM   357  C CA    . ASN A 1 70  ? 2.499   2.040   13.931  1.00 39.11 ? 228 ASN A CA    1 
ATOM   358  C C     . ASN A 1 70  ? 1.717   0.736   14.096  1.00 38.64 ? 228 ASN A C     1 
ATOM   359  O O     . ASN A 1 70  ? 2.035   -0.058  14.987  1.00 37.75 ? 228 ASN A O     1 
ATOM   360  C CB    . ASN A 1 70  ? 1.810   3.202   14.614  1.00 39.80 ? 228 ASN A CB    1 
ATOM   361  C CG    . ASN A 1 70  ? 2.782   4.351   14.972  1.00 42.64 ? 228 ASN A CG    1 
ATOM   362  O OD1   . ASN A 1 70  ? 4.015   4.185   14.986  1.00 46.11 ? 228 ASN A OD1   1 
ATOM   363  N ND2   . ASN A 1 70  ? 2.216   5.515   15.289  1.00 43.21 ? 228 ASN A ND2   1 
ATOM   364  N N     . THR A 1 71  ? 0.740   0.483   13.218  1.00 38.35 ? 229 THR A N     1 
ATOM   365  C CA    . THR A 1 71  ? 0.007   -0.802  13.273  1.00 37.91 ? 229 THR A CA    1 
ATOM   366  C C     . THR A 1 71  ? 0.902   -1.988  12.918  1.00 37.72 ? 229 THR A C     1 
ATOM   367  O O     . THR A 1 71  ? 0.775   -3.072  13.490  1.00 37.20 ? 229 THR A O     1 
ATOM   368  C CB    . THR A 1 71  ? -1.260  -0.840  12.392  1.00 37.63 ? 229 THR A CB    1 
ATOM   369  O OG1   . THR A 1 71  ? -2.104  -1.901  12.859  1.00 36.04 ? 229 THR A OG1   1 
ATOM   370  C CG2   . THR A 1 71  ? -0.960  -1.087  10.893  1.00 37.35 ? 229 THR A CG2   1 
ATOM   371  N N     . LEU A 1 72  ? 1.817   -1.777  11.979  1.00 37.45 ? 230 LEU A N     1 
ATOM   372  C CA    . LEU A 1 72  ? 2.802   -2.800  11.638  1.00 37.51 ? 230 LEU A CA    1 
ATOM   373  C C     . LEU A 1 72  ? 3.717   -3.018  12.814  1.00 38.00 ? 230 LEU A C     1 
ATOM   374  O O     . LEU A 1 72  ? 4.145   -4.138  13.091  1.00 37.49 ? 230 LEU A O     1 
ATOM   375  C CB    . LEU A 1 72  ? 3.617   -2.379  10.409  1.00 37.58 ? 230 LEU A CB    1 
ATOM   376  C CG    . LEU A 1 72  ? 2.820   -2.336  9.101   1.00 36.13 ? 230 LEU A CG    1 
ATOM   377  C CD1   . LEU A 1 72  ? 3.727   -1.891  7.934   1.00 34.89 ? 230 LEU A CD1   1 
ATOM   378  C CD2   . LEU A 1 72  ? 2.132   -3.688  8.804   1.00 32.99 ? 230 LEU A CD2   1 
ATOM   379  N N     . GLU A 1 73  ? 4.073   -1.932  13.489  1.00 38.75 ? 231 GLU A N     1 
ATOM   380  C CA    . GLU A 1 73  ? 5.025   -1.948  14.600  1.00 39.68 ? 231 GLU A CA    1 
ATOM   381  C C     . GLU A 1 73  ? 4.450   -2.764  15.750  1.00 39.11 ? 231 GLU A C     1 
ATOM   382  O O     . GLU A 1 73  ? 5.059   -3.665  16.238  1.00 40.38 ? 231 GLU A O     1 
ATOM   383  C CB    . GLU A 1 73  ? 5.339   -0.521  15.058  1.00 39.26 ? 231 GLU A CB    1 
ATOM   384  C CG    . GLU A 1 73  ? 6.396   -0.431  16.147  1.00 40.52 ? 231 GLU A CG    1 
ATOM   385  C CD    . GLU A 1 73  ? 6.865   0.994   16.461  1.00 41.05 ? 231 GLU A CD    1 
ATOM   386  O OE1   . GLU A 1 73  ? 6.555   1.939   15.740  1.00 45.58 ? 231 GLU A OE1   1 
ATOM   387  O OE2   . GLU A 1 73  ? 7.574   1.165   17.444  1.00 43.79 ? 231 GLU A OE2   1 
ATOM   388  N N     . LYS A 1 74  ? 3.243   -2.413  16.113  1.00 40.29 ? 232 LYS A N     1 
ATOM   389  C CA    . LYS A 1 74  ? 2.357   -3.170  16.957  1.00 39.28 ? 232 LYS A CA    1 
ATOM   390  C C     . LYS A 1 74  ? 2.355   -4.648  16.692  1.00 38.94 ? 232 LYS A C     1 
ATOM   391  O O     . LYS A 1 74  ? 2.662   -5.428  17.559  1.00 38.53 ? 232 LYS A O     1 
ATOM   392  C CB    . LYS A 1 74  ? 0.977   -2.646  16.712  1.00 39.93 ? 232 LYS A CB    1 
ATOM   393  C CG    . LYS A 1 74  ? 0.160   -2.462  17.896  1.00 39.47 ? 232 LYS A CG    1 
ATOM   394  C CD    . LYS A 1 74  ? -1.259  -2.214  17.532  0.00 32.00 ? 232 LYS A CD    1 
ATOM   395  C CE    . LYS A 1 74  ? -1.458  -0.829  16.965  0.00 32.00 ? 232 LYS A CE    1 
ATOM   396  N NZ    . LYS A 1 74  ? -2.834  -0.633  16.449  0.00 32.00 ? 232 LYS A NZ    1 
ATOM   397  N N     . LYS A 1 75  ? 1.979   -5.031  15.478  1.00 38.12 ? 233 LYS A N     1 
ATOM   398  C CA    . LYS A 1 75  ? 1.901   -6.419  15.123  1.00 37.65 ? 233 LYS A CA    1 
ATOM   399  C C     . LYS A 1 75  ? 3.234   -7.118  15.043  1.00 37.03 ? 233 LYS A C     1 
ATOM   400  O O     . LYS A 1 75  ? 3.378   -8.209  15.524  1.00 35.63 ? 233 LYS A O     1 
ATOM   401  C CB    . LYS A 1 75  ? 1.092   -6.606  13.852  1.00 38.03 ? 233 LYS A CB    1 
ATOM   402  C CG    . LYS A 1 75  ? 1.186   -7.972  13.263  1.00 38.73 ? 233 LYS A CG    1 
ATOM   403  C CD    . LYS A 1 75  ? 0.109   -8.890  13.737  1.00 39.25 ? 233 LYS A CD    1 
ATOM   404  C CE    . LYS A 1 75  ? -1.162  -8.157  13.943  1.00 40.39 ? 233 LYS A CE    1 
ATOM   405  N NZ    . LYS A 1 75  ? -2.277  -9.076  14.129  1.00 40.45 ? 233 LYS A NZ    1 
ATOM   406  N N     . GLY A 1 76  ? 4.210   -6.488  14.412  1.00 36.99 ? 234 GLY A N     1 
ATOM   407  C CA    . GLY A 1 76  ? 5.506   -7.128  14.118  1.00 36.78 ? 234 GLY A CA    1 
ATOM   408  C C     . GLY A 1 76  ? 6.590   -6.970  15.176  1.00 36.47 ? 234 GLY A C     1 
ATOM   409  O O     . GLY A 1 76  ? 7.555   -7.737  15.214  1.00 35.62 ? 234 GLY A O     1 
ATOM   410  N N     . GLY A 1 77  ? 6.442   -5.952  16.013  1.00 36.76 ? 235 GLY A N     1 
ATOM   411  C CA    . GLY A 1 77  ? 7.366   -5.699  17.106  1.00 36.99 ? 235 GLY A CA    1 
ATOM   412  C C     . GLY A 1 77  ? 8.781   -5.390  16.654  1.00 37.23 ? 235 GLY A C     1 
ATOM   413  O O     . GLY A 1 77  ? 9.003   -4.766  15.610  1.00 36.57 ? 235 GLY A O     1 
ATOM   414  N N     . LYS A 1 78  ? 9.737   -5.849  17.459  1.00 37.28 ? 236 LYS A N     1 
ATOM   415  C CA    . LYS A 1 78  ? 11.159  -5.585  17.242  1.00 37.45 ? 236 LYS A CA    1 
ATOM   416  C C     . LYS A 1 78  ? 11.660  -6.129  15.894  1.00 37.43 ? 236 LYS A C     1 
ATOM   417  O O     . LYS A 1 78  ? 12.405  -5.446  15.191  1.00 37.15 ? 236 LYS A O     1 
ATOM   418  C CB    . LYS A 1 78  ? 11.975  -6.167  18.409  1.00 37.12 ? 236 LYS A CB    1 
ATOM   419  C CG    . LYS A 1 78  ? 13.325  -5.513  18.596  1.00 37.59 ? 236 LYS A CG    1 
ATOM   420  C CD    . LYS A 1 78  ? 14.231  -6.292  19.556  1.00 37.47 ? 236 LYS A CD    1 
ATOM   421  C CE    . LYS A 1 78  ? 13.559  -6.590  20.885  1.00 37.49 ? 236 LYS A CE    1 
ATOM   422  N NZ    . LYS A 1 78  ? 14.485  -7.264  21.840  1.00 37.80 ? 236 LYS A NZ    1 
ATOM   423  N N     . GLU A 1 79  ? 11.231  -7.350  15.550  1.00 37.73 ? 237 GLU A N     1 
ATOM   424  C CA    . GLU A 1 79  ? 11.575  -8.019  14.281  1.00 37.66 ? 237 GLU A CA    1 
ATOM   425  C C     . GLU A 1 79  ? 11.231  -7.185  13.064  1.00 37.40 ? 237 GLU A C     1 
ATOM   426  O O     . GLU A 1 79  ? 11.994  -7.158  12.098  1.00 37.34 ? 237 GLU A O     1 
ATOM   427  C CB    . GLU A 1 79  ? 10.848  -9.360  14.146  1.00 37.81 ? 237 GLU A CB    1 
ATOM   428  C CG    . GLU A 1 79  ? 11.566  -10.535 14.769  1.00 38.93 ? 237 GLU A CG    1 
ATOM   429  C CD    . GLU A 1 79  ? 10.742  -11.817 14.741  1.00 39.17 ? 237 GLU A CD    1 
ATOM   430  O OE1   . GLU A 1 79  ? 9.771   -11.912 13.959  1.00 40.90 ? 237 GLU A OE1   1 
ATOM   431  O OE2   . GLU A 1 79  ? 11.078  -12.739 15.516  1.00 41.94 ? 237 GLU A OE2   1 
ATOM   432  N N     . PHE A 1 80  ? 10.065  -6.542  13.097  1.00 37.15 ? 238 PHE A N     1 
ATOM   433  C CA    . PHE A 1 80  ? 9.701   -5.551  12.080  1.00 36.96 ? 238 PHE A CA    1 
ATOM   434  C C     . PHE A 1 80  ? 10.659  -4.376  12.074  1.00 37.00 ? 238 PHE A C     1 
ATOM   435  O O     . PHE A 1 80  ? 11.214  -4.020  11.024  1.00 37.28 ? 238 PHE A O     1 
ATOM   436  C CB    . PHE A 1 80  ? 8.272   -5.032  12.302  1.00 36.83 ? 238 PHE A CB    1 
ATOM   437  C CG    . PHE A 1 80  ? 7.861   -3.912  11.356  1.00 36.94 ? 238 PHE A CG    1 
ATOM   438  C CD1   . PHE A 1 80  ? 7.697   -4.144  9.985   1.00 36.98 ? 238 PHE A CD1   1 
ATOM   439  C CD2   . PHE A 1 80  ? 7.630   -2.626  11.840  1.00 36.93 ? 238 PHE A CD2   1 
ATOM   440  C CE1   . PHE A 1 80  ? 7.319   -3.111  9.133   1.00 36.15 ? 238 PHE A CE1   1 
ATOM   441  C CE2   . PHE A 1 80  ? 7.248   -1.601  10.987  1.00 36.59 ? 238 PHE A CE2   1 
ATOM   442  C CZ    . PHE A 1 80  ? 7.080   -1.848  9.635   1.00 37.10 ? 238 PHE A CZ    1 
ATOM   443  N N     . VAL A 1 81  ? 10.841  -3.762  13.245  1.00 37.16 ? 239 VAL A N     1 
ATOM   444  C CA    . VAL A 1 81  ? 11.631  -2.535  13.361  1.00 37.00 ? 239 VAL A CA    1 
ATOM   445  C C     . VAL A 1 81  ? 13.040  -2.790  12.823  1.00 36.95 ? 239 VAL A C     1 
ATOM   446  O O     . VAL A 1 81  ? 13.589  -1.976  12.078  1.00 36.34 ? 239 VAL A O     1 
ATOM   447  C CB    . VAL A 1 81  ? 11.660  -2.024  14.808  1.00 37.38 ? 239 VAL A CB    1 
ATOM   448  C CG1   . VAL A 1 81  ? 12.537  -0.768  14.928  1.00 36.26 ? 239 VAL A CG1   1 
ATOM   449  C CG2   . VAL A 1 81  ? 10.224  -1.761  15.311  1.00 37.54 ? 239 VAL A CG2   1 
ATOM   450  N N     . GLU A 1 82  ? 13.584  -3.955  13.164  1.00 37.16 ? 240 GLU A N     1 
ATOM   451  C CA    . GLU A 1 82  ? 14.924  -4.362  12.744  1.00 37.83 ? 240 GLU A CA    1 
ATOM   452  C C     . GLU A 1 82  ? 15.030  -4.652  11.242  1.00 38.04 ? 240 GLU A C     1 
ATOM   453  O O     . GLU A 1 82  ? 16.080  -4.416  10.646  1.00 37.94 ? 240 GLU A O     1 
ATOM   454  C CB    . GLU A 1 82  ? 15.399  -5.567  13.577  1.00 37.90 ? 240 GLU A CB    1 
ATOM   455  C CG    . GLU A 1 82  ? 15.729  -5.196  15.015  1.00 38.88 ? 240 GLU A CG    1 
ATOM   456  C CD    . GLU A 1 82  ? 15.834  -6.402  15.958  1.00 39.05 ? 240 GLU A CD    1 
ATOM   457  O OE1   . GLU A 1 82  ? 16.444  -6.253  17.033  1.00 40.06 ? 240 GLU A OE1   1 
ATOM   458  O OE2   . GLU A 1 82  ? 15.304  -7.492  15.637  1.00 41.82 ? 240 GLU A OE2   1 
ATOM   459  N N     . ALA A 1 83  ? 13.952  -5.161  10.633  1.00 38.07 ? 241 ALA A N     1 
ATOM   460  C CA    . ALA A 1 83  ? 13.881  -5.302  9.176   1.00 38.39 ? 241 ALA A CA    1 
ATOM   461  C C     . ALA A 1 83  ? 13.921  -3.938  8.478   1.00 38.47 ? 241 ALA A C     1 
ATOM   462  O O     . ALA A 1 83  ? 14.619  -3.787  7.477   1.00 38.67 ? 241 ALA A O     1 
ATOM   463  C CB    . ALA A 1 83  ? 12.615  -6.088  8.755   1.00 37.70 ? 241 ALA A CB    1 
ATOM   464  N N     . VAL A 1 84  ? 13.197  -2.949  9.012   1.00 38.53 ? 242 VAL A N     1 
ATOM   465  C CA    . VAL A 1 84  ? 13.184  -1.606  8.412   1.00 38.89 ? 242 VAL A CA    1 
ATOM   466  C C     . VAL A 1 84  ? 14.549  -0.946  8.535   1.00 38.69 ? 242 VAL A C     1 
ATOM   467  O O     . VAL A 1 84  ? 15.032  -0.305  7.611   1.00 38.24 ? 242 VAL A O     1 
ATOM   468  C CB    . VAL A 1 84  ? 12.101  -0.695  9.023   1.00 39.07 ? 242 VAL A CB    1 
ATOM   469  C CG1   . VAL A 1 84  ? 12.128  0.678   8.358   1.00 40.63 ? 242 VAL A CG1   1 
ATOM   470  C CG2   . VAL A 1 84  ? 10.709  -1.328  8.835   1.00 39.11 ? 242 VAL A CG2   1 
ATOM   471  N N     . LEU A 1 85  ? 15.176  -1.136  9.684   1.00 38.60 ? 243 LEU A N     1 
ATOM   472  C CA    . LEU A 1 85  ? 16.501  -0.600  9.941   1.00 38.85 ? 243 LEU A CA    1 
ATOM   473  C C     . LEU A 1 85  ? 17.510  -1.172  8.940   1.00 38.52 ? 243 LEU A C     1 
ATOM   474  O O     . LEU A 1 85  ? 18.261  -0.431  8.316   1.00 37.43 ? 243 LEU A O     1 
ATOM   475  C CB    . LEU A 1 85  ? 16.891  -0.940  11.383  1.00 38.29 ? 243 LEU A CB    1 
ATOM   476  C CG    . LEU A 1 85  ? 17.983  -0.122  12.028  1.00 38.87 ? 243 LEU A CG    1 
ATOM   477  C CD1   . LEU A 1 85  ? 17.647  1.365   12.050  1.00 38.81 ? 243 LEU A CD1   1 
ATOM   478  C CD2   . LEU A 1 85  ? 18.162  -0.681  13.424  1.00 39.02 ? 243 LEU A CD2   1 
ATOM   479  N N     . GLU A 1 86  ? 17.497  -2.493  8.789   1.00 39.21 ? 244 GLU A N     1 
ATOM   480  C CA    . GLU A 1 86  ? 18.340  -3.194  7.817   1.00 39.72 ? 244 GLU A CA    1 
ATOM   481  C C     . GLU A 1 86  ? 18.196  -2.562  6.444   1.00 39.71 ? 244 GLU A C     1 
ATOM   482  O O     . GLU A 1 86  ? 19.185  -2.251  5.788   1.00 39.46 ? 244 GLU A O     1 
ATOM   483  C CB    . GLU A 1 86  ? 17.932  -4.672  7.724   1.00 40.08 ? 244 GLU A CB    1 
ATOM   484  C CG    . GLU A 1 86  ? 19.083  -5.638  7.451   1.00 41.36 ? 244 GLU A CG    1 
ATOM   485  C CD    . GLU A 1 86  ? 19.192  -6.722  8.533   1.00 44.58 ? 244 GLU A CD    1 
ATOM   486  O OE1   . GLU A 1 86  ? 18.161  -7.382  8.820   1.00 48.09 ? 244 GLU A OE1   1 
ATOM   487  O OE2   . GLU A 1 86  ? 20.299  -6.911  9.090   1.00 45.36 ? 244 GLU A OE2   1 
ATOM   488  N N     . LEU A 1 87  ? 16.946  -2.354  6.038   1.00 39.99 ? 245 LEU A N     1 
ATOM   489  C CA    . LEU A 1 87  ? 16.634  -1.746  4.734   1.00 40.54 ? 245 LEU A CA    1 
ATOM   490  C C     . LEU A 1 87  ? 17.185  -0.323  4.666   1.00 41.10 ? 245 LEU A C     1 
ATOM   491  O O     . LEU A 1 87  ? 17.778  0.069   3.668   1.00 40.97 ? 245 LEU A O     1 
ATOM   492  C CB    . LEU A 1 87  ? 15.123  -1.754  4.481   1.00 39.87 ? 245 LEU A CB    1 
ATOM   493  C CG    . LEU A 1 87  ? 14.625  -1.001  3.230   1.00 40.05 ? 245 LEU A CG    1 
ATOM   494  C CD1   . LEU A 1 87  ? 15.278  -1.503  1.978   1.00 38.39 ? 245 LEU A CD1   1 
ATOM   495  C CD2   . LEU A 1 87  ? 13.136  -1.109  3.143   1.00 39.69 ? 245 LEU A CD2   1 
ATOM   496  N N     . ARG A 1 88  ? 17.012  0.432   5.745   1.00 41.82 ? 246 ARG A N     1 
ATOM   497  C CA    . ARG A 1 88  ? 17.436  1.824   5.787   1.00 42.38 ? 246 ARG A CA    1 
ATOM   498  C C     . ARG A 1 88  ? 18.942  1.947   5.558   1.00 42.67 ? 246 ARG A C     1 
ATOM   499  O O     . ARG A 1 88  ? 19.395  2.818   4.802   1.00 42.46 ? 246 ARG A O     1 
ATOM   500  C CB    . ARG A 1 88  ? 17.062  2.415   7.137   1.00 42.58 ? 246 ARG A CB    1 
ATOM   501  C CG    . ARG A 1 88  ? 17.259  3.899   7.271   1.00 42.93 ? 246 ARG A CG    1 
ATOM   502  C CD    . ARG A 1 88  ? 16.449  4.381   8.449   1.00 44.81 ? 246 ARG A CD    1 
ATOM   503  N NE    . ARG A 1 88  ? 16.737  5.766   8.795   1.00 47.82 ? 246 ARG A NE    1 
ATOM   504  C CZ    . ARG A 1 88  ? 16.087  6.449   9.737   1.00 50.00 ? 246 ARG A CZ    1 
ATOM   505  N NH1   . ARG A 1 88  ? 15.088  5.881   10.418  1.00 51.59 ? 246 ARG A NH1   1 
ATOM   506  N NH2   . ARG A 1 88  ? 16.428  7.708   9.987   1.00 50.33 ? 246 ARG A NH2   1 
ATOM   507  N N     . LYS A 1 89  ? 19.707  1.070   6.213   1.00 42.92 ? 247 LYS A N     1 
ATOM   508  C CA    . LYS A 1 89  ? 21.154  1.023   6.042   1.00 43.31 ? 247 LYS A CA    1 
ATOM   509  C C     . LYS A 1 89  ? 21.542  0.732   4.588   1.00 43.50 ? 247 LYS A C     1 
ATOM   510  O O     . LYS A 1 89  ? 22.276  1.512   3.982   1.00 43.45 ? 247 LYS A O     1 
ATOM   511  C CB    . LYS A 1 89  ? 21.793  -0.020  6.975   1.00 43.51 ? 247 LYS A CB    1 
ATOM   512  C CG    . LYS A 1 89  ? 21.613  0.259   8.477   1.00 43.58 ? 247 LYS A CG    1 
ATOM   513  C CD    . LYS A 1 89  ? 22.640  -0.498  9.334   1.00 43.98 ? 247 LYS A CD    1 
ATOM   514  C CE    . LYS A 1 89  ? 22.021  -1.045  10.627  1.00 44.16 ? 247 LYS A CE    1 
ATOM   515  N NZ    . LYS A 1 89  ? 21.085  -2.186  10.357  1.00 43.39 ? 247 LYS A NZ    1 
ATOM   516  N N     . LYS A 1 90  ? 21.041  -0.375  4.039   1.00 43.52 ? 248 LYS A N     1 
ATOM   517  C CA    . LYS A 1 90  ? 21.411  -0.826  2.691   1.00 43.89 ? 248 LYS A CA    1 
ATOM   518  C C     . LYS A 1 90  ? 20.974  0.143   1.584   1.00 43.79 ? 248 LYS A C     1 
ATOM   519  O O     . LYS A 1 90  ? 21.696  0.334   0.607   1.00 43.64 ? 248 LYS A O     1 
ATOM   520  C CB    . LYS A 1 90  ? 20.786  -2.200  2.393   1.00 44.08 ? 248 LYS A CB    1 
ATOM   521  C CG    . LYS A 1 90  ? 21.383  -3.382  3.166   1.00 45.07 ? 248 LYS A CG    1 
ATOM   522  C CD    . LYS A 1 90  ? 20.685  -4.720  2.784   1.00 45.15 ? 248 LYS A CD    1 
ATOM   523  C CE    . LYS A 1 90  ? 19.271  -4.825  3.377   1.00 46.35 ? 248 LYS A CE    1 
ATOM   524  N NZ    . LYS A 1 90  ? 18.734  -6.220  3.408   1.00 47.10 ? 248 LYS A NZ    1 
ATOM   525  N N     . ASN A 1 91  ? 19.792  0.734   1.751   1.00 43.43 ? 249 ASN A N     1 
ATOM   526  C CA    . ASN A 1 91  ? 19.168  1.576   0.735   1.00 43.50 ? 249 ASN A CA    1 
ATOM   527  C C     . ASN A 1 91  ? 19.652  3.027   0.742   1.00 43.17 ? 249 ASN A C     1 
ATOM   528  O O     . ASN A 1 91  ? 19.872  3.618   -0.317  1.00 42.51 ? 249 ASN A O     1 
ATOM   529  C CB    . ASN A 1 91  ? 17.651  1.545   0.941   1.00 43.63 ? 249 ASN A CB    1 
ATOM   530  C CG    . ASN A 1 91  ? 16.869  1.897   -0.304  1.00 45.54 ? 249 ASN A CG    1 
ATOM   531  O OD1   . ASN A 1 91  ? 16.761  3.071   -0.688  1.00 48.16 ? 249 ASN A OD1   1 
ATOM   532  N ND2   . ASN A 1 91  ? 16.270  0.887   -0.916  1.00 42.11 ? 249 ASN A ND2   1 
ATOM   533  N N     . GLY A 1 92  ? 19.815  3.603   1.933   1.00 43.15 ? 250 GLY A N     1 
ATOM   534  C CA    . GLY A 1 92  ? 20.058  5.046   2.056   1.00 42.84 ? 250 GLY A CA    1 
ATOM   535  C C     . GLY A 1 92  ? 18.731  5.782   1.916   1.00 42.83 ? 250 GLY A C     1 
ATOM   536  O O     . GLY A 1 92  ? 17.675  5.157   1.913   1.00 42.36 ? 250 GLY A O     1 
ATOM   537  N N     . PRO A 1 93  ? 18.769  7.119   1.792   1.00 42.47 ? 251 PRO A N     1 
ATOM   538  C CA    . PRO A 1 93  ? 17.525  7.884   1.667   1.00 42.17 ? 251 PRO A CA    1 
ATOM   539  C C     . PRO A 1 93  ? 16.635  7.436   0.498   1.00 41.71 ? 251 PRO A C     1 
ATOM   540  O O     . PRO A 1 93  ? 17.131  7.086   -0.565  1.00 41.57 ? 251 PRO A O     1 
ATOM   541  C CB    . PRO A 1 93  ? 18.008  9.332   1.468   1.00 42.36 ? 251 PRO A CB    1 
ATOM   542  C CG    . PRO A 1 93  ? 19.377  9.357   2.014   1.00 42.83 ? 251 PRO A CG    1 
ATOM   543  C CD    . PRO A 1 93  ? 19.954  7.990   1.794   1.00 42.51 ? 251 PRO A CD    1 
ATOM   544  N N     . LEU A 1 94  ? 15.327  7.433   0.742   1.00 41.65 ? 252 LEU A N     1 
ATOM   545  C CA    . LEU A 1 94  ? 14.297  6.979   -0.214  1.00 41.34 ? 252 LEU A CA    1 
ATOM   546  C C     . LEU A 1 94  ? 13.822  8.190   -1.022  1.00 41.45 ? 252 LEU A C     1 
ATOM   547  O O     . LEU A 1 94  ? 13.328  9.165   -0.439  1.00 40.66 ? 252 LEU A O     1 
ATOM   548  C CB    . LEU A 1 94  ? 13.128  6.353   0.560   1.00 41.23 ? 252 LEU A CB    1 
ATOM   549  C CG    . LEU A 1 94  ? 12.006  5.665   -0.224  1.00 41.94 ? 252 LEU A CG    1 
ATOM   550  C CD1   . LEU A 1 94  ? 12.531  4.544   -1.135  1.00 41.23 ? 252 LEU A CD1   1 
ATOM   551  C CD2   . LEU A 1 94  ? 10.971  5.114   0.726   1.00 40.69 ? 252 LEU A CD2   1 
ATOM   552  N N     A GLU A 1 95  ? 13.973  8.139   -2.352  0.50 41.15 ? 253 GLU A N     1 
ATOM   553  N N     B GLU A 1 95  ? 13.998  8.148   -2.346  0.50 41.05 ? 253 GLU A N     1 
ATOM   554  C CA    A GLU A 1 95  ? 13.538  9.252   -3.214  0.50 40.95 ? 253 GLU A CA    1 
ATOM   555  C CA    B GLU A 1 95  ? 13.564  9.256   -3.206  0.50 40.79 ? 253 GLU A CA    1 
ATOM   556  C C     A GLU A 1 95  ? 12.038  9.414   -3.114  0.50 40.89 ? 253 GLU A C     1 
ATOM   557  C C     B GLU A 1 95  ? 12.049  9.406   -3.138  0.50 40.78 ? 253 GLU A C     1 
ATOM   558  O O     A GLU A 1 95  ? 11.323  8.472   -2.722  0.50 39.86 ? 253 GLU A O     1 
ATOM   559  O O     B GLU A 1 95  ? 11.337  8.453   -2.767  0.50 39.76 ? 253 GLU A O     1 
ATOM   560  C CB    A GLU A 1 95  ? 13.891  9.020   -4.689  0.50 40.99 ? 253 GLU A CB    1 
ATOM   561  C CB    B GLU A 1 95  ? 13.999  9.022   -4.661  0.50 40.66 ? 253 GLU A CB    1 
ATOM   562  C CG    A GLU A 1 95  ? 15.332  9.254   -5.048  0.50 41.89 ? 253 GLU A CG    1 
ATOM   563  C CG    B GLU A 1 95  ? 15.502  9.079   -4.904  0.50 41.07 ? 253 GLU A CG    1 
ATOM   564  C CD    A GLU A 1 95  ? 16.240  8.189   -4.500  0.50 42.77 ? 253 GLU A CD    1 
ATOM   565  C CD    B GLU A 1 95  ? 16.112  10.439  -4.599  0.50 41.23 ? 253 GLU A CD    1 
ATOM   566  O OE1   A GLU A 1 95  ? 15.737  7.088   -4.166  0.50 42.01 ? 253 GLU A OE1   1 
ATOM   567  O OE1   B GLU A 1 95  ? 15.360  11.443  -4.548  0.50 41.49 ? 253 GLU A OE1   1 
ATOM   568  O OE2   A GLU A 1 95  ? 17.457  8.467   -4.398  0.50 44.98 ? 253 GLU A OE2   1 
ATOM   569  O OE2   B GLU A 1 95  ? 17.348  10.498  -4.393  0.50 38.92 ? 253 GLU A OE2   1 
ATOM   570  N N     . VAL A 1 96  ? 11.549  10.589  -3.502  1.00 40.58 ? 254 VAL A N     1 
ATOM   571  C CA    . VAL A 1 96  ? 10.097  10.858  -3.449  1.00 41.31 ? 254 VAL A CA    1 
ATOM   572  C C     . VAL A 1 96  ? 9.387   9.889   -4.401  1.00 40.52 ? 254 VAL A C     1 
ATOM   573  O O     . VAL A 1 96  ? 9.892   9.619   -5.467  1.00 42.08 ? 254 VAL A O     1 
ATOM   574  C CB    . VAL A 1 96  ? 9.693   12.319  -3.846  1.00 41.89 ? 254 VAL A CB    1 
ATOM   575  C CG1   . VAL A 1 96  ? 8.169   12.516  -3.598  1.00 45.01 ? 254 VAL A CG1   1 
ATOM   576  C CG2   . VAL A 1 96  ? 10.522  13.389  -3.074  1.00 44.89 ? 254 VAL A CG2   1 
ATOM   577  N N     . ALA A 1 97  ? 8.254   9.359   -3.977  1.00 40.50 ? 255 ALA A N     1 
ATOM   578  C CA    . ALA A 1 97  ? 7.469   8.358   -4.723  1.00 39.87 ? 255 ALA A CA    1 
ATOM   579  C C     . ALA A 1 97  ? 8.165   6.985   -4.838  1.00 39.11 ? 255 ALA A C     1 
ATOM   580  O O     . ALA A 1 97  ? 7.598   6.067   -5.384  1.00 39.29 ? 255 ALA A O     1 
ATOM   581  C CB    . ALA A 1 97  ? 7.066   8.914   -6.125  1.00 38.34 ? 255 ALA A CB    1 
ATOM   582  N N     . GLY A 1 98  ? 9.366   6.847   -4.287  1.00 38.79 ? 256 GLY A N     1 
ATOM   583  C CA    . GLY A 1 98  ? 10.160  5.647   -4.423  1.00 38.58 ? 256 GLY A CA    1 
ATOM   584  C C     . GLY A 1 98  ? 9.583   4.521   -3.609  1.00 39.11 ? 256 GLY A C     1 
ATOM   585  O O     . GLY A 1 98  ? 8.949   4.768   -2.578  1.00 39.18 ? 256 GLY A O     1 
ATOM   586  N N     . ALA A 1 99  ? 9.838   3.291   -4.045  1.00 38.13 ? 257 ALA A N     1 
ATOM   587  C CA    . ALA A 1 99  ? 9.449   2.084   -3.307  1.00 38.40 ? 257 ALA A CA    1 
ATOM   588  C C     . ALA A 1 99  ? 10.639  1.150   -3.059  1.00 38.80 ? 257 ALA A C     1 
ATOM   589  O O     . ALA A 1 99  ? 11.420  0.899   -3.969  1.00 38.49 ? 257 ALA A O     1 
ATOM   590  C CB    . ALA A 1 99  ? 8.350   1.317   -4.070  1.00 37.72 ? 257 ALA A CB    1 
ATOM   591  N N     . ALA A 1 100 ? 10.695  0.565   -1.851  1.00 39.26 ? 258 ALA A N     1 
ATOM   592  C CA    . ALA A 1 100 ? 11.733  -0.386  -1.445  1.00 38.89 ? 258 ALA A CA    1 
ATOM   593  C C     . ALA A 1 100 ? 11.076  -1.470  -0.577  1.00 39.31 ? 258 ALA A C     1 
ATOM   594  O O     . ALA A 1 100 ? 9.960   -1.300  -0.121  1.00 40.08 ? 258 ALA A O     1 
ATOM   595  C CB    . ALA A 1 100 ? 12.875  0.346   -0.681  1.00 38.88 ? 258 ALA A CB    1 
ATOM   596  N N     . VAL A 1 101 ? 11.730  -2.607  -0.421  1.00 39.27 ? 259 VAL A N     1 
ATOM   597  C CA    . VAL A 1 101 ? 11.113  -3.783  0.211   1.00 39.13 ? 259 VAL A CA    1 
ATOM   598  C C     . VAL A 1 101 ? 12.012  -4.327  1.336   1.00 39.02 ? 259 VAL A C     1 
ATOM   599  O O     . VAL A 1 101 ? 13.226  -4.357  1.197   1.00 38.09 ? 259 VAL A O     1 
ATOM   600  C CB    . VAL A 1 101 ? 10.740  -4.892  -0.829  1.00 39.17 ? 259 VAL A CB    1 
ATOM   601  C CG1   . VAL A 1 101 ? 11.943  -5.294  -1.654  1.00 40.46 ? 259 VAL A CG1   1 
ATOM   602  C CG2   . VAL A 1 101 ? 10.058  -6.132  -0.144  1.00 39.16 ? 259 VAL A CG2   1 
ATOM   603  N N     . SER A 1 102 ? 11.365  -4.741  2.431   1.00 38.51 ? 260 SER A N     1 
ATOM   604  C CA    . SER A 1 102 ? 11.981  -5.383  3.578   1.00 39.26 ? 260 SER A CA    1 
ATOM   605  C C     . SER A 1 102 ? 11.258  -6.720  3.788   1.00 39.56 ? 260 SER A C     1 
ATOM   606  O O     . SER A 1 102 ? 10.124  -6.899  3.312   1.00 39.35 ? 260 SER A O     1 
ATOM   607  C CB    . SER A 1 102 ? 11.852  -4.484  4.836   1.00 38.68 ? 260 SER A CB    1 
ATOM   608  O OG    . SER A 1 102 ? 10.500  -4.328  5.292   1.00 38.28 ? 260 SER A OG    1 
ATOM   609  N N     . ALA A 1 103 ? 11.935  -7.668  4.422   1.00 40.26 ? 261 ALA A N     1 
ATOM   610  C CA    . ALA A 1 103 ? 11.317  -8.913  4.854   1.00 40.28 ? 261 ALA A CA    1 
ATOM   611  C C     . ALA A 1 103 ? 10.238  -8.572  5.887   1.00 40.72 ? 261 ALA A C     1 
ATOM   612  O O     . ALA A 1 103 ? 10.432  -7.688  6.724   1.00 40.96 ? 261 ALA A O     1 
ATOM   613  C CB    . ALA A 1 103 ? 12.354  -9.842  5.470   1.00 40.53 ? 261 ALA A CB    1 
ATOM   614  N N     . GLY A 1 104 ? 9.104   -9.261  5.811   1.00 40.75 ? 262 GLY A N     1 
ATOM   615  C CA    . GLY A 1 104 ? 8.005   -9.021  6.728   1.00 40.31 ? 262 GLY A CA    1 
ATOM   616  C C     . GLY A 1 104 ? 8.166   -9.909  7.945   1.00 40.65 ? 262 GLY A C     1 
ATOM   617  O O     . GLY A 1 104 ? 7.225   -10.607 8.321   1.00 41.20 ? 262 GLY A O     1 
ATOM   618  N N     . HIS A 1 105 ? 9.348   -9.891  8.555   1.00 40.75 ? 263 HIS A N     1 
ATOM   619  C CA    . HIS A 1 105 ? 9.587   -10.669 9.751   1.00 40.98 ? 263 HIS A CA    1 
ATOM   620  C C     . HIS A 1 105 ? 8.639   -10.163 10.838  1.00 40.43 ? 263 HIS A C     1 
ATOM   621  O O     . HIS A 1 105 ? 8.437   -8.945  10.974  1.00 39.76 ? 263 HIS A O     1 
ATOM   622  C CB    . HIS A 1 105 ? 11.036  -10.525 10.229  1.00 41.95 ? 263 HIS A CB    1 
ATOM   623  C CG    . HIS A 1 105 ? 12.072  -11.021 9.257   1.00 43.54 ? 263 HIS A CG    1 
ATOM   624  N ND1   . HIS A 1 105 ? 13.284  -10.388 9.078   1.00 43.96 ? 263 HIS A ND1   1 
ATOM   625  C CD2   . HIS A 1 105 ? 12.092  -12.102 8.440   1.00 45.46 ? 263 HIS A CD2   1 
ATOM   626  C CE1   . HIS A 1 105 ? 14.002  -11.047 8.185   1.00 45.80 ? 263 HIS A CE1   1 
ATOM   627  N NE2   . HIS A 1 105 ? 13.303  -12.093 7.783   1.00 45.65 ? 263 HIS A NE2   1 
ATOM   628  N N     . GLY A 1 106 ? 8.078   -11.101 11.609  1.00 39.82 ? 264 GLY A N     1 
ATOM   629  C CA    . GLY A 1 106 ? 7.079   -10.794 12.612  1.00 39.47 ? 264 GLY A CA    1 
ATOM   630  C C     . GLY A 1 106 ? 5.671   -10.518 12.118  1.00 38.96 ? 264 GLY A C     1 
ATOM   631  O O     . GLY A 1 106 ? 4.774   -10.323 12.930  1.00 38.80 ? 264 GLY A O     1 
ATOM   632  N N     . LEU A 1 107 ? 5.459   -10.511 10.800  1.00 38.61 ? 265 LEU A N     1 
ATOM   633  C CA    . LEU A 1 107 ? 4.166   -10.176 10.231  1.00 38.55 ? 265 LEU A CA    1 
ATOM   634  C C     . LEU A 1 107 ? 3.613   -11.338 9.397   1.00 38.93 ? 265 LEU A C     1 
ATOM   635  O O     . LEU A 1 107 ? 4.385   -12.107 8.810   1.00 39.54 ? 265 LEU A O     1 
ATOM   636  C CB    . LEU A 1 107 ? 4.308   -8.975  9.288   1.00 38.34 ? 265 LEU A CB    1 
ATOM   637  C CG    . LEU A 1 107 ? 4.781   -7.643  9.867   1.00 37.27 ? 265 LEU A CG    1 
ATOM   638  C CD1   . LEU A 1 107 ? 5.117   -6.685  8.742   1.00 32.63 ? 265 LEU A CD1   1 
ATOM   639  C CD2   . LEU A 1 107 ? 3.726   -7.069  10.806  1.00 37.43 ? 265 LEU A CD2   1 
ATOM   640  N N     . PRO A 1 108 ? 2.278   -11.408 9.252   1.00 39.03 ? 266 PRO A N     1 
ATOM   641  C CA    . PRO A 1 108 ? 1.680   -12.416 8.365   1.00 39.18 ? 266 PRO A CA    1 
ATOM   642  C C     . PRO A 1 108 ? 2.153   -12.262 6.925   1.00 38.84 ? 266 PRO A C     1 
ATOM   643  O O     . PRO A 1 108 ? 2.385   -13.239 6.228   1.00 38.41 ? 266 PRO A O     1 
ATOM   644  C CB    . PRO A 1 108 ? 0.174   -12.147 8.502   1.00 39.89 ? 266 PRO A CB    1 
ATOM   645  C CG    . PRO A 1 108 ? 0.023   -11.469 9.860   1.00 40.97 ? 266 PRO A CG    1 
ATOM   646  C CD    . PRO A 1 108 ? 1.248   -10.580 9.905   1.00 39.72 ? 266 PRO A CD    1 
ATOM   647  N N     . ALA A 1 109 ? 2.327   -11.027 6.500   1.00 38.69 ? 267 ALA A N     1 
ATOM   648  C CA    . ALA A 1 109 ? 2.848   -10.737 5.167   1.00 39.36 ? 267 ALA A CA    1 
ATOM   649  C C     . ALA A 1 109 ? 4.321   -11.166 4.976   1.00 39.27 ? 267 ALA A C     1 
ATOM   650  O O     . ALA A 1 109 ? 5.126   -11.076 5.876   1.00 37.17 ? 267 ALA A O     1 
ATOM   651  C CB    . ALA A 1 109 ? 2.686   -9.273  4.892   1.00 38.93 ? 267 ALA A CB    1 
ATOM   652  N N     . LYS A 1 110 ? 4.661   -11.591 3.764   1.00 40.08 ? 268 LYS A N     1 
ATOM   653  C CA    . LYS A 1 110 ? 6.007   -12.066 3.440   1.00 41.00 ? 268 LYS A CA    1 
ATOM   654  C C     . LYS A 1 110 ? 6.989   -10.897 3.415   1.00 39.76 ? 268 LYS A C     1 
ATOM   655  O O     . LYS A 1 110 ? 8.123   -10.971 3.922   1.00 37.86 ? 268 LYS A O     1 
ATOM   656  C CB    . LYS A 1 110 ? 5.956   -12.735 2.054   1.00 41.89 ? 268 LYS A CB    1 
ATOM   657  C CG    . LYS A 1 110 ? 6.816   -13.961 1.853   1.00 45.69 ? 268 LYS A CG    1 
ATOM   658  C CD    . LYS A 1 110 ? 6.432   -14.725 0.542   1.00 46.56 ? 268 LYS A CD    1 
ATOM   659  C CE    . LYS A 1 110 ? 5.249   -15.692 0.757   1.00 50.44 ? 268 LYS A CE    1 
ATOM   660  N NZ    . LYS A 1 110 ? 4.854   -16.430 -0.504  1.00 51.59 ? 268 LYS A NZ    1 
ATOM   661  N N     . PHE A 1 111 ? 6.533   -9.813  2.798   1.00 39.72 ? 269 PHE A N     1 
ATOM   662  C CA    . PHE A 1 111 ? 7.331   -8.614  2.540   1.00 39.43 ? 269 PHE A CA    1 
ATOM   663  C C     . PHE A 1 111 ? 6.557   -7.367  2.891   1.00 38.90 ? 269 PHE A C     1 
ATOM   664  O O     . PHE A 1 111 ? 5.321   -7.358  2.829   1.00 39.21 ? 269 PHE A O     1 
ATOM   665  C CB    . PHE A 1 111 ? 7.710   -8.522  1.049   1.00 40.21 ? 269 PHE A CB    1 
ATOM   666  C CG    . PHE A 1 111 ? 8.583   -9.667  0.576   1.00 39.96 ? 269 PHE A CG    1 
ATOM   667  C CD1   . PHE A 1 111 ? 9.938   -9.663  0.826   1.00 41.59 ? 269 PHE A CD1   1 
ATOM   668  C CD2   . PHE A 1 111 ? 8.034   -10.742 -0.109  1.00 40.83 ? 269 PHE A CD2   1 
ATOM   669  C CE1   . PHE A 1 111 ? 10.723  -10.702 0.414   1.00 41.73 ? 269 PHE A CE1   1 
ATOM   670  C CE2   . PHE A 1 111 ? 8.814   -11.766 -0.546  1.00 40.35 ? 269 PHE A CE2   1 
ATOM   671  C CZ    . PHE A 1 111 ? 10.163  -11.759 -0.278  1.00 40.82 ? 269 PHE A CZ    1 
ATOM   672  N N     . VAL A 1 112 ? 7.284   -6.308  3.252   1.00 38.51 ? 270 VAL A N     1 
ATOM   673  C CA    . VAL A 1 112 ? 6.678   -5.005  3.423   1.00 38.84 ? 270 VAL A CA    1 
ATOM   674  C C     . VAL A 1 112 ? 7.281   -4.124  2.359   1.00 38.70 ? 270 VAL A C     1 
ATOM   675  O O     . VAL A 1 112 ? 8.490   -4.043  2.275   1.00 39.55 ? 270 VAL A O     1 
ATOM   676  C CB    . VAL A 1 112 ? 6.917   -4.432  4.852   1.00 38.28 ? 270 VAL A CB    1 
ATOM   677  C CG1   . VAL A 1 112 ? 6.288   -3.012  4.992   1.00 37.38 ? 270 VAL A CG1   1 
ATOM   678  C CG2   . VAL A 1 112 ? 6.346   -5.402  5.895   1.00 38.22 ? 270 VAL A CG2   1 
ATOM   679  N N     . ILE A 1 113 ? 6.446   -3.483  1.539   1.00 39.53 ? 271 ILE A N     1 
ATOM   680  C CA    . ILE A 1 113 ? 6.933   -2.537  0.539   1.00 40.07 ? 271 ILE A CA    1 
ATOM   681  C C     . ILE A 1 113 ? 6.762   -1.152  1.159   1.00 40.65 ? 271 ILE A C     1 
ATOM   682  O O     . ILE A 1 113 ? 5.685   -0.801  1.603   1.00 40.74 ? 271 ILE A O     1 
ATOM   683  C CB    . ILE A 1 113 ? 6.210   -2.671  -0.836  1.00 39.98 ? 271 ILE A CB    1 
ATOM   684  C CG1   . ILE A 1 113 ? 6.653   -3.976  -1.502  1.00 40.86 ? 271 ILE A CG1   1 
ATOM   685  C CG2   . ILE A 1 113 ? 6.547   -1.529  -1.771  1.00 40.52 ? 271 ILE A CG2   1 
ATOM   686  C CD1   . ILE A 1 113 ? 5.855   -4.450  -2.693  1.00 40.17 ? 271 ILE A CD1   1 
ATOM   687  N N     . HIS A 1 114 ? 7.849   -0.390  1.199   1.00 40.72 ? 272 HIS A N     1 
ATOM   688  C CA    . HIS A 1 114 ? 7.864   0.912   1.846   1.00 40.88 ? 272 HIS A CA    1 
ATOM   689  C C     . HIS A 1 114 ? 7.850   1.936   0.750   1.00 40.63 ? 272 HIS A C     1 
ATOM   690  O O     . HIS A 1 114 ? 8.619   1.843   -0.204  1.00 40.96 ? 272 HIS A O     1 
ATOM   691  C CB    . HIS A 1 114 ? 9.117   1.077   2.710   1.00 41.10 ? 272 HIS A CB    1 
ATOM   692  C CG    . HIS A 1 114 ? 9.286   0.002   3.738   1.00 40.89 ? 272 HIS A CG    1 
ATOM   693  N ND1   . HIS A 1 114 ? 8.784   0.104   5.019   1.00 39.03 ? 272 HIS A ND1   1 
ATOM   694  C CD2   . HIS A 1 114 ? 9.886   -1.207  3.662   1.00 40.48 ? 272 HIS A CD2   1 
ATOM   695  C CE1   . HIS A 1 114 ? 9.070   -0.999  5.685   1.00 40.87 ? 272 HIS A CE1   1 
ATOM   696  N NE2   . HIS A 1 114 ? 9.733   -1.812  4.884   1.00 40.44 ? 272 HIS A NE2   1 
ATOM   697  N N     . CYS A 1 115 ? 6.969   2.910   0.855   1.00 40.80 ? 273 CYS A N     1 
ATOM   698  C CA    . CYS A 1 115 ? 6.937   3.956   -0.139  1.00 40.88 ? 273 CYS A CA    1 
ATOM   699  C C     . CYS A 1 115 ? 7.026   5.341   0.462   1.00 40.92 ? 273 CYS A C     1 
ATOM   700  O O     . CYS A 1 115 ? 6.492   5.601   1.550   1.00 40.12 ? 273 CYS A O     1 
ATOM   701  C CB    . CYS A 1 115 ? 5.678   3.804   -0.996  1.00 42.22 ? 273 CYS A CB    1 
ATOM   702  S SG    . CYS A 1 115 ? 4.123   4.081   -0.163  1.00 43.44 ? 273 CYS A SG    1 
ATOM   703  N N     . ASN A 1 116 ? 7.742   6.226   -0.216  1.00 39.95 ? 274 ASN A N     1 
ATOM   704  C CA    . ASN A 1 116 ? 7.820   7.613   0.204   1.00 40.65 ? 274 ASN A CA    1 
ATOM   705  C C     . ASN A 1 116 ? 6.528   8.339   -0.195  1.00 40.48 ? 274 ASN A C     1 
ATOM   706  O O     . ASN A 1 116 ? 6.397   8.880   -1.279  1.00 39.90 ? 274 ASN A O     1 
ATOM   707  C CB    . ASN A 1 116 ? 9.057   8.307   -0.365  1.00 40.73 ? 274 ASN A CB    1 
ATOM   708  C CG    . ASN A 1 116 ? 9.316   9.661   0.270   1.00 40.52 ? 274 ASN A CG    1 
ATOM   709  O OD1   . ASN A 1 116 ? 8.478   10.195  0.997   1.00 38.37 ? 274 ASN A OD1   1 
ATOM   710  N ND2   . ASN A 1 116 ? 10.485  10.227  -0.010  1.00 40.51 ? 274 ASN A ND2   1 
ATOM   711  N N     . SER A 1 117 ? 5.592   8.337   0.737   1.00 40.31 ? 275 SER A N     1 
ATOM   712  C CA    . SER A 1 117 ? 4.276   8.906   0.536   1.00 40.95 ? 275 SER A CA    1 
ATOM   713  C C     . SER A 1 117 ? 4.346   10.424  0.340   1.00 41.05 ? 275 SER A C     1 
ATOM   714  O O     . SER A 1 117 ? 5.051   11.115  1.081   1.00 40.75 ? 275 SER A O     1 
ATOM   715  C CB    . SER A 1 117 ? 3.410   8.549   1.746   1.00 41.07 ? 275 SER A CB    1 
ATOM   716  O OG    . SER A 1 117 ? 2.118   9.087   1.621   1.00 42.35 ? 275 SER A OG    1 
ATOM   717  N N     . PRO A 1 118 ? 3.619   10.958  -0.661  1.00 40.81 ? 276 PRO A N     1 
ATOM   718  C CA    . PRO A 1 118 ? 3.640   12.410  -0.838  1.00 40.61 ? 276 PRO A CA    1 
ATOM   719  C C     . PRO A 1 118 ? 2.761   13.095  0.192   1.00 40.65 ? 276 PRO A C     1 
ATOM   720  O O     . PRO A 1 118 ? 1.823   12.479  0.735   1.00 40.35 ? 276 PRO A O     1 
ATOM   721  C CB    . PRO A 1 118 ? 3.072   12.597  -2.254  1.00 41.15 ? 276 PRO A CB    1 
ATOM   722  C CG    . PRO A 1 118 ? 2.182   11.440  -2.464  1.00 40.48 ? 276 PRO A CG    1 
ATOM   723  C CD    . PRO A 1 118 ? 2.739   10.293  -1.640  1.00 41.62 ? 276 PRO A CD    1 
ATOM   724  N N     . VAL A 1 119 ? 3.059   14.357  0.468   1.00 40.24 ? 277 VAL A N     1 
ATOM   725  C CA    . VAL A 1 119 ? 2.282   15.122  1.433   1.00 39.84 ? 277 VAL A CA    1 
ATOM   726  C C     . VAL A 1 119 ? 1.252   15.942  0.668   1.00 39.16 ? 277 VAL A C     1 
ATOM   727  O O     . VAL A 1 119 ? 1.591   16.591  -0.336  1.00 37.84 ? 277 VAL A O     1 
ATOM   728  C CB    . VAL A 1 119 ? 3.184   16.001  2.322   1.00 40.02 ? 277 VAL A CB    1 
ATOM   729  C CG1   . VAL A 1 119 ? 2.358   16.959  3.192   1.00 40.17 ? 277 VAL A CG1   1 
ATOM   730  C CG2   . VAL A 1 119 ? 4.085   15.106  3.181   1.00 41.44 ? 277 VAL A CG2   1 
ATOM   731  N N     . TRP A 1 120 ? -0.011  15.861  1.127   1.00 38.36 ? 278 TRP A N     1 
ATOM   732  C CA    . TRP A 1 120 ? -1.077  16.721  0.603   1.00 38.64 ? 278 TRP A CA    1 
ATOM   733  C C     . TRP A 1 120 ? -0.650  18.176  0.712   1.00 38.03 ? 278 TRP A C     1 
ATOM   734  O O     . TRP A 1 120 ? -0.312  18.658  1.794   1.00 38.27 ? 278 TRP A O     1 
ATOM   735  C CB    . TRP A 1 120 ? -2.376  16.514  1.367   1.00 37.63 ? 278 TRP A CB    1 
ATOM   736  C CG    . TRP A 1 120 ? -3.575  17.230  0.826   1.00 36.89 ? 278 TRP A CG    1 
ATOM   737  C CD1   . TRP A 1 120 ? -4.298  18.176  1.464   1.00 37.13 ? 278 TRP A CD1   1 
ATOM   738  C CD2   . TRP A 1 120 ? -4.214  17.030  -0.444  1.00 36.10 ? 278 TRP A CD2   1 
ATOM   739  N NE1   . TRP A 1 120 ? -5.348  18.585  0.687   1.00 36.95 ? 278 TRP A NE1   1 
ATOM   740  C CE2   . TRP A 1 120 ? -5.331  17.884  -0.485  1.00 35.61 ? 278 TRP A CE2   1 
ATOM   741  C CE3   . TRP A 1 120 ? -3.975  16.185  -1.529  1.00 36.94 ? 278 TRP A CE3   1 
ATOM   742  C CZ2   . TRP A 1 120 ? -6.189  17.949  -1.585  1.00 36.36 ? 278 TRP A CZ2   1 
ATOM   743  C CZ3   . TRP A 1 120 ? -4.837  16.245  -2.626  1.00 36.93 ? 278 TRP A CZ3   1 
ATOM   744  C CH2   . TRP A 1 120 ? -5.918  17.136  -2.647  1.00 36.85 ? 278 TRP A CH2   1 
ATOM   745  N N     . GLY A 1 121 ? -0.672  18.859  -0.425  1.00 38.58 ? 279 GLY A N     1 
ATOM   746  C CA    . GLY A 1 121 ? -0.290  20.241  -0.510  1.00 38.89 ? 279 GLY A CA    1 
ATOM   747  C C     . GLY A 1 121 ? 1.094   20.451  -1.094  1.00 39.29 ? 279 GLY A C     1 
ATOM   748  O O     . GLY A 1 121 ? 1.430   21.565  -1.440  1.00 37.83 ? 279 GLY A O     1 
ATOM   749  N N     . ALA A 1 122 ? 1.902   19.393  -1.183  1.00 39.57 ? 280 ALA A N     1 
ATOM   750  C CA    . ALA A 1 122 ? 3.231   19.473  -1.816  1.00 40.62 ? 280 ALA A CA    1 
ATOM   751  C C     . ALA A 1 122 ? 3.071   19.481  -3.356  1.00 41.14 ? 280 ALA A C     1 
ATOM   752  O O     . ALA A 1 122 ? 2.044   19.054  -3.847  1.00 40.95 ? 280 ALA A O     1 
ATOM   753  C CB    . ALA A 1 122 ? 4.084   18.295  -1.370  1.00 40.36 ? 280 ALA A CB    1 
ATOM   754  N N     . ASP A 1 123 ? 4.044   19.999  -4.113  1.00 41.86 ? 281 ASP A N     1 
ATOM   755  C CA    . ASP A 1 123 ? 3.888   20.065  -5.591  1.00 41.78 ? 281 ASP A CA    1 
ATOM   756  C C     . ASP A 1 123 ? 3.603   18.724  -6.267  1.00 41.71 ? 281 ASP A C     1 
ATOM   757  O O     . ASP A 1 123 ? 4.270   17.710  -5.998  1.00 41.97 ? 281 ASP A O     1 
ATOM   758  C CB    . ASP A 1 123 ? 5.053   20.751  -6.334  1.00 42.96 ? 281 ASP A CB    1 
ATOM   759  C CG    . ASP A 1 123 ? 6.415   20.594  -5.657  1.00 45.27 ? 281 ASP A CG    1 
ATOM   760  O OD1   . ASP A 1 123 ? 6.518   20.010  -4.551  1.00 47.96 ? 281 ASP A OD1   1 
ATOM   761  O OD2   . ASP A 1 123 ? 7.386   21.118  -6.257  1.00 47.70 ? 281 ASP A OD2   1 
ATOM   762  N N     . LYS A 1 124 ? 2.601   18.741  -7.148  1.00 41.02 ? 282 LYS A N     1 
ATOM   763  C CA    . LYS A 1 124 ? 2.166   17.560  -7.911  1.00 40.32 ? 282 LYS A CA    1 
ATOM   764  C C     . LYS A 1 124 ? 1.816   16.351  -7.034  1.00 39.77 ? 282 LYS A C     1 
ATOM   765  O O     . LYS A 1 124 ? 1.997   15.207  -7.462  1.00 38.33 ? 282 LYS A O     1 
ATOM   766  C CB    . LYS A 1 124 ? 3.237   17.168  -8.932  1.00 40.57 ? 282 LYS A CB    1 
ATOM   767  C CG    . LYS A 1 124 ? 3.593   18.271  -9.923  1.00 41.91 ? 282 LYS A CG    1 
ATOM   768  C CD    . LYS A 1 124 ? 2.424   18.566  -10.847 1.00 43.74 ? 282 LYS A CD    1 
ATOM   769  C CE    . LYS A 1 124 ? 2.773   19.593  -11.910 1.00 43.72 ? 282 LYS A CE    1 
ATOM   770  N NZ    . LYS A 1 124 ? 2.746   20.997  -11.391 1.00 45.36 ? 282 LYS A NZ    1 
ATOM   771  N N     . CYS A 1 125 ? 1.318   16.582  -5.813  1.00 39.06 ? 283 CYS A N     1 
ATOM   772  C CA    . CYS A 1 125 ? 1.178   15.464  -4.849  1.00 38.65 ? 283 CYS A CA    1 
ATOM   773  C C     . CYS A 1 125 ? 0.239   14.365  -5.353  1.00 38.45 ? 283 CYS A C     1 
ATOM   774  O O     . CYS A 1 125 ? 0.440   13.185  -5.017  1.00 36.12 ? 283 CYS A O     1 
ATOM   775  C CB    . CYS A 1 125 ? 0.734   15.948  -3.463  1.00 38.87 ? 283 CYS A CB    1 
ATOM   776  S SG    . CYS A 1 125 ? -0.876  16.739  -3.426  1.00 38.25 ? 283 CYS A SG    1 
ATOM   777  N N     . GLU A 1 126 ? -0.750  14.734  -6.179  1.00 38.22 ? 284 GLU A N     1 
ATOM   778  C CA    . GLU A 1 126 ? -1.682  13.743  -6.728  1.00 39.19 ? 284 GLU A CA    1 
ATOM   779  C C     . GLU A 1 126 ? -1.022  12.810  -7.772  1.00 39.02 ? 284 GLU A C     1 
ATOM   780  O O     . GLU A 1 126 ? -1.203  11.610  -7.712  1.00 37.90 ? 284 GLU A O     1 
ATOM   781  C CB    . GLU A 1 126 ? -2.914  14.415  -7.301  1.00 39.29 ? 284 GLU A CB    1 
ATOM   782  C CG    . GLU A 1 126 ? -3.743  15.159  -6.257  1.00 40.06 ? 284 GLU A CG    1 
ATOM   783  C CD    . GLU A 1 126 ? -5.127  15.516  -6.755  1.00 40.80 ? 284 GLU A CD    1 
ATOM   784  O OE1   . GLU A 1 126 ? -5.454  15.182  -7.903  1.00 45.20 ? 284 GLU A OE1   1 
ATOM   785  O OE2   . GLU A 1 126 ? -5.895  16.135  -6.006  1.00 42.84 ? 284 GLU A OE2   1 
ATOM   786  N N     . GLU A 1 127 ? -0.247  13.380  -8.693  1.00 39.25 ? 285 GLU A N     1 
ATOM   787  C CA    . GLU A 1 127 ? 0.589   12.620  -9.628  1.00 40.23 ? 285 GLU A CA    1 
ATOM   788  C C     . GLU A 1 127 ? 1.531   11.716  -8.881  1.00 39.59 ? 285 GLU A C     1 
ATOM   789  O O     . GLU A 1 127 ? 1.697   10.538  -9.226  1.00 39.09 ? 285 GLU A O     1 
ATOM   790  C CB    . GLU A 1 127 ? 1.446   13.561  -10.496 1.00 40.85 ? 285 GLU A CB    1 
ATOM   791  C CG    . GLU A 1 127 ? 0.785   14.042  -11.750 1.00 44.00 ? 285 GLU A CG    1 
ATOM   792  C CD    . GLU A 1 127 ? 1.791   14.697  -12.713 1.00 43.77 ? 285 GLU A CD    1 
ATOM   793  O OE1   . GLU A 1 127 ? 2.612   13.953  -13.307 1.00 51.79 ? 285 GLU A OE1   1 
ATOM   794  O OE2   . GLU A 1 127 ? 1.766   15.931  -12.875 1.00 46.83 ? 285 GLU A OE2   1 
ATOM   795  N N     . LEU A 1 128 ? 2.145   12.263  -7.830  1.00 39.03 ? 286 LEU A N     1 
ATOM   796  C CA    . LEU A 1 128 ? 3.107   11.504  -7.045  1.00 38.86 ? 286 LEU A CA    1 
ATOM   797  C C     . LEU A 1 128 ? 2.481   10.315  -6.350  1.00 38.76 ? 286 LEU A C     1 
ATOM   798  O O     . LEU A 1 128 ? 3.132   9.260   -6.180  1.00 37.70 ? 286 LEU A O     1 
ATOM   799  C CB    . LEU A 1 128 ? 3.816   12.399  -6.043  1.00 39.43 ? 286 LEU A CB    1 
ATOM   800  C CG    . LEU A 1 128 ? 4.801   13.378  -6.702  1.00 38.39 ? 286 LEU A CG    1 
ATOM   801  C CD1   . LEU A 1 128 ? 5.265   14.461  -5.692  1.00 40.53 ? 286 LEU A CD1   1 
ATOM   802  C CD2   . LEU A 1 128 ? 5.990   12.614  -7.323  1.00 38.41 ? 286 LEU A CD2   1 
ATOM   803  N N     . LEU A 1 129 ? 1.224   10.481  -5.948  1.00 38.49 ? 287 LEU A N     1 
ATOM   804  C CA    . LEU A 1 129 ? 0.509   9.409   -5.272  1.00 38.51 ? 287 LEU A CA    1 
ATOM   805  C C     . LEU A 1 129 ? 0.310   8.269   -6.256  1.00 37.93 ? 287 LEU A C     1 
ATOM   806  O O     . LEU A 1 129 ? 0.603   7.137   -5.933  1.00 37.31 ? 287 LEU A O     1 
ATOM   807  C CB    . LEU A 1 129 ? -0.841  9.883   -4.678  1.00 38.43 ? 287 LEU A CB    1 
ATOM   808  C CG    . LEU A 1 129 ? -1.652  8.822   -3.900  1.00 38.93 ? 287 LEU A CG    1 
ATOM   809  C CD1   . LEU A 1 129 ? -0.834  8.106   -2.823  1.00 40.09 ? 287 LEU A CD1   1 
ATOM   810  C CD2   . LEU A 1 129 ? -2.899  9.403   -3.284  1.00 36.27 ? 287 LEU A CD2   1 
ATOM   811  N N     . GLU A 1 130 ? -0.140  8.589   -7.460  1.00 38.53 ? 288 GLU A N     1 
ATOM   812  C CA    . GLU A 1 130 ? -0.307  7.577   -8.515  1.00 39.41 ? 288 GLU A CA    1 
ATOM   813  C C     . GLU A 1 130 ? 1.029   6.915   -8.890  1.00 39.12 ? 288 GLU A C     1 
ATOM   814  O O     . GLU A 1 130 ? 1.074   5.698   -9.056  1.00 37.83 ? 288 GLU A O     1 
ATOM   815  C CB    . GLU A 1 130 ? -0.997  8.157   -9.759  1.00 38.92 ? 288 GLU A CB    1 
ATOM   816  C CG    . GLU A 1 130 ? -2.383  8.740   -9.467  1.00 41.70 ? 288 GLU A CG    1 
ATOM   817  C CD    . GLU A 1 130 ? -3.039  9.404   -10.657 1.00 43.25 ? 288 GLU A CD    1 
ATOM   818  O OE1   . GLU A 1 130 ? -2.507  10.428  -11.159 1.00 48.95 ? 288 GLU A OE1   1 
ATOM   819  O OE2   . GLU A 1 130 ? -4.098  8.912   -11.096 1.00 48.64 ? 288 GLU A OE2   1 
ATOM   820  N N     . LYS A 1 131 ? 2.112   7.690   -8.969  1.00 37.96 ? 289 LYS A N     1 
ATOM   821  C CA    . LYS A 1 131 ? 3.450   7.132   -9.237  1.00 39.61 ? 289 LYS A CA    1 
ATOM   822  C C     . LYS A 1 131 ? 3.902   6.197   -8.131  1.00 39.35 ? 289 LYS A C     1 
ATOM   823  O O     . LYS A 1 131 ? 4.471   5.144   -8.413  1.00 38.74 ? 289 LYS A O     1 
ATOM   824  C CB    . LYS A 1 131 ? 4.530   8.221   -9.448  1.00 39.23 ? 289 LYS A CB    1 
ATOM   825  C CG    . LYS A 1 131 ? 4.399   8.916   -10.774 1.00 41.64 ? 289 LYS A CG    1 
ATOM   826  C CD    . LYS A 1 131 ? 5.383   10.057  -10.926 1.00 41.83 ? 289 LYS A CD    1 
ATOM   827  C CE    . LYS A 1 131 ? 5.277   10.684  -12.317 1.00 44.27 ? 289 LYS A CE    1 
ATOM   828  N NZ    . LYS A 1 131 ? 6.540   11.390  -12.626 1.00 48.63 ? 289 LYS A NZ    1 
ATOM   829  N N     . THR A 1 132 ? 3.671   6.611   -6.893  1.00 39.79 ? 290 THR A N     1 
ATOM   830  C CA    . THR A 1 132 ? 4.056   5.839   -5.742  1.00 40.67 ? 290 THR A CA    1 
ATOM   831  C C     . THR A 1 132 ? 3.393   4.453   -5.774  1.00 39.91 ? 290 THR A C     1 
ATOM   832  O O     . THR A 1 132 ? 4.059   3.438   -5.617  1.00 39.92 ? 290 THR A O     1 
ATOM   833  C CB    . THR A 1 132 ? 3.689   6.548   -4.386  1.00 41.58 ? 290 THR A CB    1 
ATOM   834  O OG1   . THR A 1 132 ? 3.985   7.950   -4.488  1.00 44.54 ? 290 THR A OG1   1 
ATOM   835  C CG2   . THR A 1 132 ? 4.505   5.957   -3.322  1.00 44.01 ? 290 THR A CG2   1 
ATOM   836  N N     . VAL A 1 133 ? 2.082   4.449   -5.998  1.00 39.53 ? 291 VAL A N     1 
ATOM   837  C CA    . VAL A 1 133 ? 1.303   3.215   -6.199  1.00 39.59 ? 291 VAL A CA    1 
ATOM   838  C C     . VAL A 1 133 ? 1.872   2.331   -7.301  1.00 38.80 ? 291 VAL A C     1 
ATOM   839  O O     . VAL A 1 133 ? 2.097   1.154   -7.098  1.00 39.26 ? 291 VAL A O     1 
ATOM   840  C CB    . VAL A 1 133 ? -0.204  3.528   -6.455  1.00 38.53 ? 291 VAL A CB    1 
ATOM   841  C CG1   . VAL A 1 133 ? -0.962  2.284   -6.841  1.00 38.34 ? 291 VAL A CG1   1 
ATOM   842  C CG2   . VAL A 1 133 ? -0.839  4.198   -5.217  1.00 39.42 ? 291 VAL A CG2   1 
ATOM   843  N N     . LYS A 1 134 ? 2.088   2.878   -8.492  1.00 37.68 ? 292 LYS A N     1 
ATOM   844  C CA    . LYS A 1 134 ? 2.647   2.089   -9.573  1.00 38.47 ? 292 LYS A CA    1 
ATOM   845  C C     . LYS A 1 134 ? 4.054   1.539   -9.271  1.00 38.78 ? 292 LYS A C     1 
ATOM   846  O O     . LYS A 1 134 ? 4.384   0.443   -9.698  1.00 38.49 ? 292 LYS A O     1 
ATOM   847  C CB    . LYS A 1 134 ? 2.668   2.918   -10.875 1.00 37.73 ? 292 LYS A CB    1 
ATOM   848  C CG    . LYS A 1 134 ? 1.266   3.256   -11.330 1.00 38.50 ? 292 LYS A CG    1 
ATOM   849  C CD    . LYS A 1 134 ? 1.246   3.988   -12.677 1.00 39.95 ? 292 LYS A CD    1 
ATOM   850  C CE    . LYS A 1 134 ? -0.160  4.451   -13.014 1.00 42.16 ? 292 LYS A CE    1 
ATOM   851  N NZ    . LYS A 1 134 ? -0.222  4.923   -14.436 1.00 41.39 ? 292 LYS A NZ    1 
ATOM   852  N N     . ASN A 1 135 ? 4.899   2.312   -8.583  1.00 39.04 ? 293 ASN A N     1 
ATOM   853  C CA    . ASN A 1 135 ? 6.249   1.852   -8.212  1.00 38.72 ? 293 ASN A CA    1 
ATOM   854  C C     . ASN A 1 135 ? 6.202   0.679   -7.244  1.00 39.11 ? 293 ASN A C     1 
ATOM   855  O O     . ASN A 1 135 ? 7.009   -0.221  -7.331  1.00 38.08 ? 293 ASN A O     1 
ATOM   856  C CB    . ASN A 1 135 ? 7.079   2.976   -7.578  1.00 38.36 ? 293 ASN A CB    1 
ATOM   857  C CG    . ASN A 1 135 ? 7.407   4.066   -8.531  1.00 38.82 ? 293 ASN A CG    1 
ATOM   858  O OD1   . ASN A 1 135 ? 7.367   3.878   -9.762  1.00 39.13 ? 293 ASN A OD1   1 
ATOM   859  N ND2   . ASN A 1 135 ? 7.784   5.253   -7.989  1.00 40.24 ? 293 ASN A ND2   1 
ATOM   860  N N     . CYS A 1 136 ? 5.243   0.701   -6.331  1.00 39.62 ? 294 CYS A N     1 
ATOM   861  C CA    . CYS A 1 136 ? 5.023   -0.438  -5.436  1.00 39.37 ? 294 CYS A CA    1 
ATOM   862  C C     . CYS A 1 136 ? 4.617   -1.720  -6.181  1.00 39.54 ? 294 CYS A C     1 
ATOM   863  O O     . CYS A 1 136 ? 5.087   -2.815  -5.853  1.00 39.86 ? 294 CYS A O     1 
ATOM   864  C CB    . CYS A 1 136 ? 3.966   -0.116  -4.355  1.00 40.55 ? 294 CYS A CB    1 
ATOM   865  S SG    . CYS A 1 136 ? 4.334   1.202   -3.160  1.00 41.22 ? 294 CYS A SG    1 
ATOM   866  N N     . LEU A 1 137 ? 3.658   -1.595  -7.102  1.00 37.82 ? 295 LEU A N     1 
ATOM   867  C CA    . LEU A 1 137 ? 3.270   -2.672  -7.986  1.00 38.19 ? 295 LEU A CA    1 
ATOM   868  C C     . LEU A 1 137 ? 4.446   -3.166  -8.804  1.00 38.93 ? 295 LEU A C     1 
ATOM   869  O O     . LEU A 1 137 ? 4.596   -4.374  -8.969  1.00 39.21 ? 295 LEU A O     1 
ATOM   870  C CB    . LEU A 1 137 ? 2.132   -2.237  -8.928  1.00 36.81 ? 295 LEU A CB    1 
ATOM   871  C CG    . LEU A 1 137 ? 0.775   -1.946  -8.280  1.00 37.06 ? 295 LEU A CG    1 
ATOM   872  C CD1   . LEU A 1 137 ? -0.189  -1.209  -9.244  1.00 38.42 ? 295 LEU A CD1   1 
ATOM   873  C CD2   . LEU A 1 137 ? 0.104   -3.221  -7.707  1.00 37.34 ? 295 LEU A CD2   1 
ATOM   874  N N     . ALA A 1 138 ? 5.236   -2.241  -9.372  1.00 38.25 ? 296 ALA A N     1 
ATOM   875  C CA    . ALA A 1 138 ? 6.452   -2.612  -10.106 1.00 39.05 ? 296 ALA A CA    1 
ATOM   876  C C     . ALA A 1 138 ? 7.408   -3.434  -9.216  1.00 39.22 ? 296 ALA A C     1 
ATOM   877  O O     . ALA A 1 138 ? 7.941   -4.462  -9.620  1.00 38.70 ? 296 ALA A O     1 
ATOM   878  C CB    . ALA A 1 138 ? 7.151   -1.360  -10.627 1.00 39.67 ? 296 ALA A CB    1 
ATOM   879  N N     . LEU A 1 139 ? 7.599   -2.988  -7.993  1.00 38.95 ? 297 LEU A N     1 
ATOM   880  C CA    . LEU A 1 139 ? 8.491   -3.698  -7.090  1.00 39.72 ? 297 LEU A CA    1 
ATOM   881  C C     . LEU A 1 139 ? 7.934   -5.091  -6.749  1.00 40.04 ? 297 LEU A C     1 
ATOM   882  O O     . LEU A 1 139 ? 8.692   -6.038  -6.685  1.00 40.76 ? 297 LEU A O     1 
ATOM   883  C CB    . LEU A 1 139 ? 8.751   -2.870  -5.828  1.00 39.58 ? 297 LEU A CB    1 
ATOM   884  C CG    . LEU A 1 139 ? 9.790   -3.394  -4.848  1.00 39.48 ? 297 LEU A CG    1 
ATOM   885  C CD1   . LEU A 1 139 ? 11.123  -3.673  -5.514  1.00 39.72 ? 297 LEU A CD1   1 
ATOM   886  C CD2   . LEU A 1 139 ? 9.968   -2.342  -3.767  1.00 39.83 ? 297 LEU A CD2   1 
ATOM   887  N N     . ALA A 1 140 ? 6.619   -5.209  -6.553  1.00 39.87 ? 298 ALA A N     1 
ATOM   888  C CA    . ALA A 1 140 ? 5.992   -6.518  -6.269  1.00 39.39 ? 298 ALA A CA    1 
ATOM   889  C C     . ALA A 1 140 ? 6.180   -7.466  -7.450  1.00 39.35 ? 298 ALA A C     1 
ATOM   890  O O     . ALA A 1 140 ? 6.502   -8.630  -7.269  1.00 39.55 ? 298 ALA A O     1 
ATOM   891  C CB    . ALA A 1 140 ? 4.491   -6.363  -5.940  1.00 39.00 ? 298 ALA A CB    1 
ATOM   892  N N     . ASP A 1 141 ? 5.981   -6.958  -8.672  1.00 39.44 ? 299 ASP A N     1 
ATOM   893  C CA    . ASP A 1 141 ? 6.293   -7.714  -9.885  1.00 38.59 ? 299 ASP A CA    1 
ATOM   894  C C     . ASP A 1 141 ? 7.747   -8.171  -9.934  1.00 37.76 ? 299 ASP A C     1 
ATOM   895  O O     . ASP A 1 141 ? 8.024   -9.320  -10.315 1.00 36.09 ? 299 ASP A O     1 
ATOM   896  C CB    . ASP A 1 141 ? 5.994   -6.874  -11.157 1.00 39.68 ? 299 ASP A CB    1 
ATOM   897  C CG    . ASP A 1 141 ? 4.555   -6.977  -11.613 1.00 44.19 ? 299 ASP A CG    1 
ATOM   898  O OD1   . ASP A 1 141 ? 3.860   -7.935  -11.203 1.00 47.44 ? 299 ASP A OD1   1 
ATOM   899  O OD2   . ASP A 1 141 ? 4.134   -6.144  -12.445 1.00 47.02 ? 299 ASP A OD2   1 
ATOM   900  N N     . ASP A 1 142 ? 8.679   -7.272  -9.612  1.00 37.01 ? 300 ASP A N     1 
ATOM   901  C CA    . ASP A 1 142 ? 10.121  -7.585  -9.596  1.00 37.86 ? 300 ASP A CA    1 
ATOM   902  C C     . ASP A 1 142 ? 10.427  -8.738  -8.638  1.00 37.33 ? 300 ASP A C     1 
ATOM   903  O O     . ASP A 1 142 ? 11.308  -9.542  -8.878  1.00 38.00 ? 300 ASP A O     1 
ATOM   904  C CB    . ASP A 1 142 ? 10.950  -6.349  -9.189  1.00 37.45 ? 300 ASP A CB    1 
ATOM   905  C CG    . ASP A 1 142 ? 10.876  -5.220  -10.225 1.00 37.18 ? 300 ASP A CG    1 
ATOM   906  O OD1   . ASP A 1 142 ? 10.461  -5.515  -11.362 1.00 36.72 ? 300 ASP A OD1   1 
ATOM   907  O OD2   . ASP A 1 142 ? 11.199  -4.043  -9.889  1.00 37.37 ? 300 ASP A OD2   1 
ATOM   908  N N     . LYS A 1 143 ? 9.693   -8.805  -7.547  1.00 38.28 ? 301 LYS A N     1 
ATOM   909  C CA    . LYS A 1 143 ? 9.848   -9.900  -6.592  1.00 38.95 ? 301 LYS A CA    1 
ATOM   910  C C     . LYS A 1 143 ? 8.984   -11.124 -6.911  1.00 39.56 ? 301 LYS A C     1 
ATOM   911  O O     . LYS A 1 143 ? 8.980   -12.073 -6.129  1.00 38.34 ? 301 LYS A O     1 
ATOM   912  C CB    . LYS A 1 143 ? 9.589   -9.383  -5.175  1.00 39.77 ? 301 LYS A CB    1 
ATOM   913  C CG    . LYS A 1 143 ? 10.553  -8.275  -4.702  1.00 42.86 ? 301 LYS A CG    1 
ATOM   914  C CD    . LYS A 1 143 ? 11.925  -8.810  -4.341  1.00 45.33 ? 301 LYS A CD    1 
ATOM   915  C CE    . LYS A 1 143 ? 11.918  -9.547  -3.011  1.00 46.45 ? 301 LYS A CE    1 
ATOM   916  N NZ    . LYS A 1 143 ? 13.296  -10.074 -2.635  1.00 45.82 ? 301 LYS A NZ    1 
ATOM   917  N N     . LYS A 1 144 ? 8.299   -11.114 -8.072  1.00 39.15 ? 302 LYS A N     1 
ATOM   918  C CA    . LYS A 1 144 ? 7.401   -12.192 -8.517  1.00 39.64 ? 302 LYS A CA    1 
ATOM   919  C C     . LYS A 1 144 ? 6.266   -12.476 -7.509  1.00 39.40 ? 302 LYS A C     1 
ATOM   920  O O     . LYS A 1 144 ? 5.842   -13.603 -7.342  1.00 38.59 ? 302 LYS A O     1 
ATOM   921  C CB    . LYS A 1 144 ? 8.174   -13.480 -8.835  1.00 40.56 ? 302 LYS A CB    1 
ATOM   922  C CG    . LYS A 1 144 ? 9.397   -13.297 -9.721  1.00 41.98 ? 302 LYS A CG    1 
ATOM   923  C CD    . LYS A 1 144 ? 9.047   -13.066 -11.188 1.00 46.15 ? 302 LYS A CD    1 
ATOM   924  C CE    . LYS A 1 144 ? 10.320  -12.732 -12.026 1.00 47.25 ? 302 LYS A CE    1 
ATOM   925  N NZ    . LYS A 1 144 ? 10.863  -11.309 -11.722 1.00 50.49 ? 302 LYS A NZ    1 
ATOM   926  N N     . LEU A 1 145 ? 5.790   -11.437 -6.830  1.00 38.83 ? 303 LEU A N     1 
ATOM   927  C CA    . LEU A 1 145 ? 4.739   -11.599 -5.814  1.00 39.22 ? 303 LEU A CA    1 
ATOM   928  C C     . LEU A 1 145 ? 3.348   -11.725 -6.484  1.00 39.64 ? 303 LEU A C     1 
ATOM   929  O O     . LEU A 1 145 ? 3.127   -11.202 -7.573  1.00 39.47 ? 303 LEU A O     1 
ATOM   930  C CB    . LEU A 1 145 ? 4.776   -10.427 -4.821  1.00 38.99 ? 303 LEU A CB    1 
ATOM   931  C CG    . LEU A 1 145 ? 6.101   -10.240 -4.030  1.00 37.00 ? 303 LEU A CG    1 
ATOM   932  C CD1   . LEU A 1 145 ? 5.902   -9.073  -3.008  1.00 37.68 ? 303 LEU A CD1   1 
ATOM   933  C CD2   . LEU A 1 145 ? 6.634   -11.519 -3.376  1.00 38.85 ? 303 LEU A CD2   1 
ATOM   934  N N     . LYS A 1 146 ? 2.461   -12.485 -5.847  1.00 40.27 ? 304 LYS A N     1 
ATOM   935  C CA    . LYS A 1 146 ? 1.147   -12.782 -6.387  1.00 40.86 ? 304 LYS A CA    1 
ATOM   936  C C     . LYS A 1 146 ? 0.047   -11.895 -5.797  1.00 40.24 ? 304 LYS A C     1 
ATOM   937  O O     . LYS A 1 146 ? -1.028  -11.774 -6.376  1.00 41.18 ? 304 LYS A O     1 
ATOM   938  C CB    . LYS A 1 146 ? 0.815   -14.250 -6.174  1.00 41.72 ? 304 LYS A CB    1 
ATOM   939  C CG    . LYS A 1 146 ? 1.854   -15.269 -6.716  1.00 44.72 ? 304 LYS A CG    1 
ATOM   940  C CD    . LYS A 1 146 ? 2.445   -14.894 -8.096  1.00 48.87 ? 304 LYS A CD    1 
ATOM   941  C CE    . LYS A 1 146 ? 3.443   -15.959 -8.645  1.00 50.93 ? 304 LYS A CE    1 
ATOM   942  N NZ    . LYS A 1 146 ? 4.913   -15.635 -8.505  1.00 50.77 ? 304 LYS A NZ    1 
ATOM   943  N N     . SER A 1 147 ? 0.325   -11.264 -4.659  1.00 39.25 ? 305 SER A N     1 
ATOM   944  C CA    . SER A 1 147 ? -0.653  -10.425 -3.950  1.00 39.61 ? 305 SER A CA    1 
ATOM   945  C C     . SER A 1 147 ? 0.031   -9.270  -3.255  1.00 39.47 ? 305 SER A C     1 
ATOM   946  O O     . SER A 1 147 ? 1.176   -9.365  -2.826  1.00 39.73 ? 305 SER A O     1 
ATOM   947  C CB    . SER A 1 147 ? -1.486  -11.227 -2.939  1.00 39.53 ? 305 SER A CB    1 
ATOM   948  O OG    . SER A 1 147 ? -0.685  -11.952 -1.995  1.00 38.58 ? 305 SER A OG    1 
ATOM   949  N N     . ILE A 1 148 ? -0.707  -8.168  -3.146  1.00 39.40 ? 306 ILE A N     1 
ATOM   950  C CA    . ILE A 1 148 ? -0.182  -6.914  -2.622  1.00 39.15 ? 306 ILE A CA    1 
ATOM   951  C C     . ILE A 1 148 ? -1.311  -6.046  -2.067  1.00 39.04 ? 306 ILE A C     1 
ATOM   952  O O     . ILE A 1 148 ? -2.277  -5.737  -2.766  1.00 39.54 ? 306 ILE A O     1 
ATOM   953  C CB    . ILE A 1 148 ? 0.577   -6.123  -3.704  1.00 38.62 ? 306 ILE A CB    1 
ATOM   954  C CG1   . ILE A 1 148 ? 1.198   -4.860  -3.104  1.00 38.07 ? 306 ILE A CG1   1 
ATOM   955  C CG2   . ILE A 1 148 ? -0.352  -5.770  -4.856  1.00 39.44 ? 306 ILE A CG2   1 
ATOM   956  C CD1   . ILE A 1 148 ? 2.135   -4.135  -4.043  1.00 36.97 ? 306 ILE A CD1   1 
ATOM   957  N N     . ALA A 1 149 ? -1.175  -5.660  -0.804  1.00 38.77 ? 307 ALA A N     1 
ATOM   958  C CA    . ALA A 1 149 ? -2.220  -4.926  -0.067  1.00 38.82 ? 307 ALA A CA    1 
ATOM   959  C C     . ALA A 1 149 ? -1.727  -3.509  0.167   1.00 38.92 ? 307 ALA A C     1 
ATOM   960  O O     . ALA A 1 149 ? -0.608  -3.293  0.699   1.00 38.70 ? 307 ALA A O     1 
ATOM   961  C CB    . ALA A 1 149 ? -2.539  -5.593  1.331   1.00 37.48 ? 307 ALA A CB    1 
ATOM   962  N N     . PHE A 1 150 ? -2.561  -2.561  -0.272  1.00 40.44 ? 308 PHE A N     1 
ATOM   963  C CA    . PHE A 1 150 ? -2.358  -1.136  -0.120  1.00 39.30 ? 308 PHE A CA    1 
ATOM   964  C C     . PHE A 1 150 ? -3.344  -0.550  0.882   1.00 40.27 ? 308 PHE A C     1 
ATOM   965  O O     . PHE A 1 150 ? -4.544  -0.739  0.734   1.00 39.12 ? 308 PHE A O     1 
ATOM   966  C CB    . PHE A 1 150 ? -2.641  -0.399  -1.433  1.00 40.44 ? 308 PHE A CB    1 
ATOM   967  C CG    . PHE A 1 150 ? -1.634  -0.627  -2.495  1.00 41.08 ? 308 PHE A CG    1 
ATOM   968  C CD1   . PHE A 1 150 ? -0.618  0.281   -2.701  1.00 41.62 ? 308 PHE A CD1   1 
ATOM   969  C CD2   . PHE A 1 150 ? -1.717  -1.724  -3.329  1.00 41.80 ? 308 PHE A CD2   1 
ATOM   970  C CE1   . PHE A 1 150 ? 0.320   0.099   -3.700  1.00 40.18 ? 308 PHE A CE1   1 
ATOM   971  C CE2   . PHE A 1 150 ? -0.784  -1.902  -4.318  1.00 41.50 ? 308 PHE A CE2   1 
ATOM   972  C CZ    . PHE A 1 150 ? 0.227   -0.988  -4.500  1.00 38.62 ? 308 PHE A CZ    1 
ATOM   973  N N     . PRO A 1 151 ? -2.841  0.272   1.843   1.00 40.13 ? 309 PRO A N     1 
ATOM   974  C CA    . PRO A 1 151 ? -3.704  1.089   2.676   1.00 39.87 ? 309 PRO A CA    1 
ATOM   975  C C     . PRO A 1 151 ? -3.973  2.356   1.843   1.00 39.30 ? 309 PRO A C     1 
ATOM   976  O O     . PRO A 1 151 ? -3.430  2.478   0.739   1.00 40.08 ? 309 PRO A O     1 
ATOM   977  C CB    . PRO A 1 151 ? -2.821  1.414   3.872   1.00 39.57 ? 309 PRO A CB    1 
ATOM   978  C CG    . PRO A 1 151 ? -1.453  1.600   3.275   1.00 38.96 ? 309 PRO A CG    1 
ATOM   979  C CD    . PRO A 1 151 ? -1.416  0.599   2.080   1.00 40.62 ? 309 PRO A CD    1 
ATOM   980  N N     . SER A 1 152 ? -4.797  3.253   2.334   1.00 40.09 ? 310 SER A N     1 
ATOM   981  C CA    . SER A 1 152 ? -5.031  4.544   1.662   1.00 40.07 ? 310 SER A CA    1 
ATOM   982  C C     . SER A 1 152 ? -3.857  5.520   1.896   1.00 40.34 ? 310 SER A C     1 
ATOM   983  O O     . SER A 1 152 ? -3.922  6.478   2.679   1.00 39.38 ? 310 SER A O     1 
ATOM   984  C CB    . SER A 1 152 ? -6.369  5.123   2.114   1.00 40.85 ? 310 SER A CB    1 
ATOM   985  O OG    . SER A 1 152 ? -6.698  6.282   1.393   1.00 41.69 ? 310 SER A OG    1 
ATOM   986  N N     . ILE A 1 153 ? -2.773  5.246   1.172   1.00 40.17 ? 311 ILE A N     1 
ATOM   987  C CA    . ILE A 1 153 ? -1.546  6.020   1.249   1.00 40.36 ? 311 ILE A CA    1 
ATOM   988  C C     . ILE A 1 153 ? -1.864  7.505   1.105   1.00 39.71 ? 311 ILE A C     1 
ATOM   989  O O     . ILE A 1 153 ? -2.641  7.892   0.226   1.00 39.38 ? 311 ILE A O     1 
ATOM   990  C CB    . ILE A 1 153 ? -0.598  5.644   0.081   1.00 39.81 ? 311 ILE A CB    1 
ATOM   991  C CG1   . ILE A 1 153 ? -0.246  4.157   0.087   1.00 40.69 ? 311 ILE A CG1   1 
ATOM   992  C CG2   . ILE A 1 153 ? 0.689   6.495   0.108   1.00 40.50 ? 311 ILE A CG2   1 
ATOM   993  C CD1   . ILE A 1 153 ? 0.257   3.700   -1.305  1.00 40.28 ? 311 ILE A CD1   1 
ATOM   994  N N     . GLY A 1 154 ? -1.259  8.313   1.974   1.00 40.06 ? 312 GLY A N     1 
ATOM   995  C CA    . GLY A 1 154 ? -1.376  9.774   1.931   1.00 40.07 ? 312 GLY A CA    1 
ATOM   996  C C     . GLY A 1 154 ? -2.448  10.390  2.831   1.00 40.12 ? 312 GLY A C     1 
ATOM   997  O O     . GLY A 1 154 ? -2.327  11.546  3.211   1.00 39.47 ? 312 GLY A O     1 
ATOM   998  N N     . SER A 1 155 ? -3.492  9.626   3.159   1.00 39.55 ? 313 SER A N     1 
ATOM   999  C CA    . SER A 1 155 ? -4.689  10.149  3.836   1.00 39.19 ? 313 SER A CA    1 
ATOM   1000 C C     . SER A 1 155 ? -4.710  9.964   5.371   1.00 39.57 ? 313 SER A C     1 
ATOM   1001 O O     . SER A 1 155 ? -5.751  10.144  6.014   1.00 39.84 ? 313 SER A O     1 
ATOM   1002 C CB    . SER A 1 155 ? -5.953  9.542   3.188   1.00 39.28 ? 313 SER A CB    1 
ATOM   1003 O OG    . SER A 1 155 ? -6.185  8.180   3.588   1.00 37.96 ? 313 SER A OG    1 
ATOM   1004 N N     . GLY A 1 156 ? -3.569  9.608   5.956   1.00 39.91 ? 314 GLY A N     1 
ATOM   1005 C CA    . GLY A 1 156 ? -3.392  9.619   7.416   1.00 39.50 ? 314 GLY A CA    1 
ATOM   1006 C C     . GLY A 1 156 ? -2.547  10.803  7.831   1.00 39.87 ? 314 GLY A C     1 
ATOM   1007 O O     . GLY A 1 156 ? -2.967  11.949  7.698   1.00 39.39 ? 314 GLY A O     1 
ATOM   1008 N N     . ARG A 1 157 ? -1.329  10.538  8.288   1.00 40.14 ? 315 ARG A N     1 
ATOM   1009 C CA    . ARG A 1 157 ? -0.423  11.607  8.702   1.00 40.03 ? 315 ARG A CA    1 
ATOM   1010 C C     . ARG A 1 157 ? -0.090  12.602  7.585   1.00 39.80 ? 315 ARG A C     1 
ATOM   1011 O O     . ARG A 1 157 ? 0.321   13.712  7.874   1.00 38.27 ? 315 ARG A O     1 
ATOM   1012 C CB    . ARG A 1 157 ? 0.891   11.035  9.228   1.00 41.29 ? 315 ARG A CB    1 
ATOM   1013 C CG    . ARG A 1 157 ? 0.794   10.163  10.467  1.00 43.67 ? 315 ARG A CG    1 
ATOM   1014 C CD    . ARG A 1 157 ? 0.324   10.904  11.672  1.00 47.51 ? 315 ARG A CD    1 
ATOM   1015 N NE    . ARG A 1 157 ? -0.286  10.009  12.668  1.00 48.34 ? 315 ARG A NE    1 
ATOM   1016 C CZ    . ARG A 1 157 ? -1.273  10.367  13.490  1.00 51.96 ? 315 ARG A CZ    1 
ATOM   1017 N NH1   . ARG A 1 157 ? -1.783  11.599  13.436  1.00 52.55 ? 315 ARG A NH1   1 
ATOM   1018 N NH2   . ARG A 1 157 ? -1.760  9.500   14.378  1.00 53.03 ? 315 ARG A NH2   1 
ATOM   1019 N N     . ASN A 1 158 ? -0.255  12.206  6.326   1.00 39.01 ? 316 ASN A N     1 
ATOM   1020 C CA    . ASN A 1 158 ? 0.099   13.067  5.185   1.00 39.44 ? 316 ASN A CA    1 
ATOM   1021 C C     . ASN A 1 158 ? -1.034  13.936  4.616   1.00 39.35 ? 316 ASN A C     1 
ATOM   1022 O O     . ASN A 1 158 ? -0.801  14.774  3.752   1.00 40.13 ? 316 ASN A O     1 
ATOM   1023 C CB    . ASN A 1 158 ? 0.787   12.251  4.082   1.00 39.38 ? 316 ASN A CB    1 
ATOM   1024 C CG    . ASN A 1 158 ? 2.284   12.113  4.318   1.00 39.85 ? 316 ASN A CG    1 
ATOM   1025 O OD1   . ASN A 1 158 ? 2.805   12.584  5.329   1.00 39.61 ? 316 ASN A OD1   1 
ATOM   1026 N ND2   . ASN A 1 158 ? 2.982   11.493  3.384   1.00 36.86 ? 316 ASN A ND2   1 
ATOM   1027 N N     . GLY A 1 159 ? -2.251  13.745  5.104   1.00 39.33 ? 317 GLY A N     1 
ATOM   1028 C CA    . GLY A 1 159 ? -3.273  14.788  5.007   1.00 38.87 ? 317 GLY A CA    1 
ATOM   1029 C C     . GLY A 1 159 ? -4.149  14.825  3.772   1.00 38.20 ? 317 GLY A C     1 
ATOM   1030 O O     . GLY A 1 159 ? -4.966  15.728  3.639   1.00 37.66 ? 317 GLY A O     1 
ATOM   1031 N N     . PHE A 1 160 ? -4.002  13.861  2.875   1.00 37.81 ? 318 PHE A N     1 
ATOM   1032 C CA    . PHE A 1 160 ? -4.878  13.774  1.701   1.00 37.92 ? 318 PHE A CA    1 
ATOM   1033 C C     . PHE A 1 160 ? -6.307  13.606  2.164   1.00 37.95 ? 318 PHE A C     1 
ATOM   1034 O O     . PHE A 1 160 ? -6.553  12.837  3.112   1.00 37.32 ? 318 PHE A O     1 
ATOM   1035 C CB    . PHE A 1 160 ? -4.577  12.548  0.842   1.00 37.63 ? 318 PHE A CB    1 
ATOM   1036 C CG    . PHE A 1 160 ? -3.520  12.744  -0.164  1.00 36.96 ? 318 PHE A CG    1 
ATOM   1037 C CD1   . PHE A 1 160 ? -3.831  12.714  -1.518  1.00 38.56 ? 318 PHE A CD1   1 
ATOM   1038 C CD2   . PHE A 1 160 ? -2.193  12.948  0.214   1.00 39.18 ? 318 PHE A CD2   1 
ATOM   1039 C CE1   . PHE A 1 160 ? -2.839  12.886  -2.477  1.00 38.03 ? 318 PHE A CE1   1 
ATOM   1040 C CE2   . PHE A 1 160 ? -1.187  13.138  -0.748  1.00 38.50 ? 318 PHE A CE2   1 
ATOM   1041 C CZ    . PHE A 1 160 ? -1.519  13.101  -2.095  1.00 37.27 ? 318 PHE A CZ    1 
ATOM   1042 N N     . PRO A 1 161 ? -7.259  14.279  1.489   1.00 37.91 ? 319 PRO A N     1 
ATOM   1043 C CA    . PRO A 1 161 ? -8.650  13.918  1.698   1.00 38.43 ? 319 PRO A CA    1 
ATOM   1044 C C     . PRO A 1 161 ? -8.861  12.433  1.389   1.00 38.33 ? 319 PRO A C     1 
ATOM   1045 O O     . PRO A 1 161 ? -8.312  11.919  0.426   1.00 38.59 ? 319 PRO A O     1 
ATOM   1046 C CB    . PRO A 1 161 ? -9.404  14.830  0.724   1.00 38.12 ? 319 PRO A CB    1 
ATOM   1047 C CG    . PRO A 1 161 ? -8.502  15.998  0.522   1.00 38.35 ? 319 PRO A CG    1 
ATOM   1048 C CD    . PRO A 1 161 ? -7.122  15.411  0.552   1.00 38.43 ? 319 PRO A CD    1 
ATOM   1049 N N     . LYS A 1 162 ? -9.626  11.745  2.219   1.00 39.16 ? 320 LYS A N     1 
ATOM   1050 C CA    . LYS A 1 162 ? -9.745  10.280  2.119   1.00 39.92 ? 320 LYS A CA    1 
ATOM   1051 C C     . LYS A 1 162 ? -10.394 9.784   0.824   1.00 40.01 ? 320 LYS A C     1 
ATOM   1052 O O     . LYS A 1 162 ? -10.013 8.736   0.287   1.00 40.14 ? 320 LYS A O     1 
ATOM   1053 C CB    . LYS A 1 162 ? -10.431 9.734   3.386   1.00 40.35 ? 320 LYS A CB    1 
ATOM   1054 C CG    . LYS A 1 162 ? -9.424  9.750   4.533   1.00 41.30 ? 320 LYS A CG    1 
ATOM   1055 C CD    . LYS A 1 162 ? -9.955  9.420   5.895   1.00 41.22 ? 320 LYS A CD    1 
ATOM   1056 C CE    . LYS A 1 162 ? -8.761  9.381   6.859   1.00 42.87 ? 320 LYS A CE    1 
ATOM   1057 N NZ    . LYS A 1 162 ? -9.160  9.104   8.273   1.00 44.46 ? 320 LYS A NZ    1 
ATOM   1058 N N     . GLN A 1 163 ? -11.341 10.557  0.311   1.00 40.84 ? 321 GLN A N     1 
ATOM   1059 C CA    . GLN A 1 163 ? -11.983 10.266  -0.976  1.00 40.62 ? 321 GLN A CA    1 
ATOM   1060 C C     . GLN A 1 163 ? -10.983 10.434  -2.121  1.00 40.42 ? 321 GLN A C     1 
ATOM   1061 O O     . GLN A 1 163 ? -10.944 9.603   -3.016  1.00 40.46 ? 321 GLN A O     1 
ATOM   1062 C CB    . GLN A 1 163 ? -13.203 11.177  -1.182  1.00 41.09 ? 321 GLN A CB    1 
ATOM   1063 C CG    . GLN A 1 163 ? -13.620 11.446  -2.636  1.00 42.42 ? 321 GLN A CG    1 
ATOM   1064 C CD    . GLN A 1 163 ? -14.944 10.814  -2.994  1.00 45.86 ? 321 GLN A CD    1 
ATOM   1065 O OE1   . GLN A 1 163 ? -15.986 11.483  -2.997  1.00 47.29 ? 321 GLN A OE1   1 
ATOM   1066 N NE2   . GLN A 1 163 ? -14.920 9.511   -3.278  1.00 48.21 ? 321 GLN A NE2   1 
ATOM   1067 N N     . THR A 1 164 ? -10.182 11.505  -2.081  1.00 39.93 ? 322 THR A N     1 
ATOM   1068 C CA    . THR A 1 164 ? -9.169  11.763  -3.123  1.00 39.47 ? 322 THR A CA    1 
ATOM   1069 C C     . THR A 1 164 ? -8.046  10.712  -3.144  1.00 39.04 ? 322 THR A C     1 
ATOM   1070 O O     . THR A 1 164 ? -7.717  10.185  -4.196  1.00 38.31 ? 322 THR A O     1 
ATOM   1071 C CB    . THR A 1 164 ? -8.555  13.160  -2.988  1.00 39.25 ? 322 THR A CB    1 
ATOM   1072 O OG1   . THR A 1 164 ? -9.609  14.111  -2.811  1.00 37.97 ? 322 THR A OG1   1 
ATOM   1073 C CG2   . THR A 1 164 ? -7.774  13.544  -4.249  1.00 39.94 ? 322 THR A CG2   1 
ATOM   1074 N N     . ALA A 1 165 ? -7.442  10.440  -1.994  1.00 38.93 ? 323 ALA A N     1 
ATOM   1075 C CA    . ALA A 1 165 ? -6.471  9.357   -1.893  1.00 38.94 ? 323 ALA A CA    1 
ATOM   1076 C C     . ALA A 1 165 ? -7.026  8.093   -2.532  1.00 39.14 ? 323 ALA A C     1 
ATOM   1077 O O     . ALA A 1 165 ? -6.374  7.514   -3.435  1.00 39.27 ? 323 ALA A O     1 
ATOM   1078 C CB    . ALA A 1 165 ? -6.077  9.105   -0.459  1.00 38.35 ? 323 ALA A CB    1 
ATOM   1079 N N     . ALA A 1 166 ? -8.215  7.660   -2.096  1.00 39.10 ? 324 ALA A N     1 
ATOM   1080 C CA    . ALA A 1 166 ? -8.783  6.382   -2.570  1.00 38.67 ? 324 ALA A CA    1 
ATOM   1081 C C     . ALA A 1 166 ? -8.958  6.381   -4.083  1.00 39.08 ? 324 ALA A C     1 
ATOM   1082 O O     . ALA A 1 166 ? -8.568  5.431   -4.748  1.00 39.05 ? 324 ALA A O     1 
ATOM   1083 C CB    . ALA A 1 166 ? -10.108 6.046   -1.884  1.00 38.10 ? 324 ALA A CB    1 
ATOM   1084 N N     . GLN A 1 167 ? -9.518  7.455   -4.622  1.00 39.38 ? 325 GLN A N     1 
ATOM   1085 C CA    . GLN A 1 167 ? -9.683  7.598   -6.071  1.00 40.30 ? 325 GLN A CA    1 
ATOM   1086 C C     . GLN A 1 167 ? -8.381  7.445   -6.853  1.00 39.59 ? 325 GLN A C     1 
ATOM   1087 O O     . GLN A 1 167 ? -8.347  6.745   -7.886  1.00 39.29 ? 325 GLN A O     1 
ATOM   1088 C CB    . GLN A 1 167 ? -10.262 8.968   -6.411  1.00 40.72 ? 325 GLN A CB    1 
ATOM   1089 C CG    . GLN A 1 167 ? -11.749 9.143   -6.154  1.00 43.58 ? 325 GLN A CG    1 
ATOM   1090 C CD    . GLN A 1 167 ? -12.188 10.608  -6.281  1.00 44.13 ? 325 GLN A CD    1 
ATOM   1091 O OE1   . GLN A 1 167 ? -13.314 10.902  -6.696  1.00 49.62 ? 325 GLN A OE1   1 
ATOM   1092 N NE2   . GLN A 1 167 ? -11.293 11.537  -5.921  1.00 49.20 ? 325 GLN A NE2   1 
ATOM   1093 N N     . LEU A 1 168 ? -7.335  8.133   -6.388  1.00 38.80 ? 326 LEU A N     1 
ATOM   1094 C CA    . LEU A 1 168 ? -6.038  8.144   -7.059  1.00 39.14 ? 326 LEU A CA    1 
ATOM   1095 C C     . LEU A 1 168 ? -5.343  6.783   -6.987  1.00 39.30 ? 326 LEU A C     1 
ATOM   1096 O O     . LEU A 1 168 ? -4.772  6.323   -7.961  1.00 39.21 ? 326 LEU A O     1 
ATOM   1097 C CB    . LEU A 1 168 ? -5.146  9.250   -6.465  1.00 39.25 ? 326 LEU A CB    1 
ATOM   1098 C CG    . LEU A 1 168 ? -5.580  10.700  -6.716  1.00 39.01 ? 326 LEU A CG    1 
ATOM   1099 C CD1   . LEU A 1 168 ? -4.788  11.718  -5.881  1.00 38.60 ? 326 LEU A CD1   1 
ATOM   1100 C CD2   . LEU A 1 168 ? -5.483  11.065  -8.216  1.00 38.52 ? 326 LEU A CD2   1 
ATOM   1101 N N     . ILE A 1 169 ? -5.469  6.113   -5.851  1.00 38.78 ? 327 ILE A N     1 
ATOM   1102 C CA    . ILE A 1 169 ? -4.862  4.797   -5.664  1.00 39.41 ? 327 ILE A CA    1 
ATOM   1103 C C     . ILE A 1 169 ? -5.562  3.798   -6.589  1.00 39.62 ? 327 ILE A C     1 
ATOM   1104 O O     . ILE A 1 169 ? -4.922  3.098   -7.382  1.00 41.22 ? 327 ILE A O     1 
ATOM   1105 C CB    . ILE A 1 169 ? -4.901  4.385   -4.185  1.00 39.01 ? 327 ILE A CB    1 
ATOM   1106 C CG1   . ILE A 1 169 ? -3.980  5.319   -3.350  1.00 40.32 ? 327 ILE A CG1   1 
ATOM   1107 C CG2   . ILE A 1 169 ? -4.514  2.854   -4.016  1.00 39.01 ? 327 ILE A CG2   1 
ATOM   1108 C CD1   . ILE A 1 169 ? -4.193  5.243   -1.810  1.00 38.91 ? 327 ILE A CD1   1 
ATOM   1109 N N     . LEU A 1 170 ? -6.880  3.752   -6.518  1.00 39.47 ? 328 LEU A N     1 
ATOM   1110 C CA    . LEU A 1 170 ? -7.657  2.809   -7.339  1.00 39.98 ? 328 LEU A CA    1 
ATOM   1111 C C     . LEU A 1 170 ? -7.417  3.030   -8.840  1.00 40.21 ? 328 LEU A C     1 
ATOM   1112 O O     . LEU A 1 170 ? -7.237  2.074   -9.590  1.00 38.93 ? 328 LEU A O     1 
ATOM   1113 C CB    . LEU A 1 170 ? -9.142  2.882   -6.979  1.00 40.22 ? 328 LEU A CB    1 
ATOM   1114 C CG    . LEU A 1 170 ? -9.460  2.331   -5.584  1.00 39.84 ? 328 LEU A CG    1 
ATOM   1115 C CD1   . LEU A 1 170 ? -10.872 2.686   -5.198  1.00 38.84 ? 328 LEU A CD1   1 
ATOM   1116 C CD2   . LEU A 1 170 ? -9.239  0.816   -5.530  1.00 39.46 ? 328 LEU A CD2   1 
ATOM   1117 N N     . LYS A 1 171 ? -7.344  4.284   -9.258  1.00 39.92 ? 329 LYS A N     1 
ATOM   1118 C CA    . LYS A 1 171 ? -7.075  4.622   -10.660 1.00 40.88 ? 329 LYS A CA    1 
ATOM   1119 C C     . LYS A 1 171 ? -5.672  4.146   -11.100 1.00 40.15 ? 329 LYS A C     1 
ATOM   1120 O O     . LYS A 1 171 ? -5.538  3.516   -12.149 1.00 39.73 ? 329 LYS A O     1 
ATOM   1121 C CB    . LYS A 1 171 ? -7.238  6.125   -10.860 1.00 41.00 ? 329 LYS A CB    1 
ATOM   1122 C CG    . LYS A 1 171 ? -6.845  6.673   -12.238 1.00 42.60 ? 329 LYS A CG    1 
ATOM   1123 C CD    . LYS A 1 171 ? -6.870  8.182   -12.237 1.00 44.60 ? 329 LYS A CD    1 
ATOM   1124 C CE    . LYS A 1 171 ? -6.416  8.772   -13.587 1.00 47.60 ? 329 LYS A CE    1 
ATOM   1125 N NZ    . LYS A 1 171 ? -5.033  9.376   -13.568 1.00 51.40 ? 329 LYS A NZ    1 
ATOM   1126 N N     . ALA A 1 172 ? -4.657  4.422   -10.285 1.00 39.69 ? 330 ALA A N     1 
ATOM   1127 C CA    . ALA A 1 172 ? -3.273  3.974   -10.520 1.00 39.88 ? 330 ALA A CA    1 
ATOM   1128 C C     . ALA A 1 172 ? -3.175  2.456   -10.659 1.00 39.06 ? 330 ALA A C     1 
ATOM   1129 O O     . ALA A 1 172 ? -2.515  1.956   -11.548 1.00 37.69 ? 330 ALA A O     1 
ATOM   1130 C CB    . ALA A 1 172 ? -2.362  4.446   -9.403  1.00 39.56 ? 330 ALA A CB    1 
ATOM   1131 N N     . ILE A 1 173 ? -3.801  1.744   -9.730  1.00 39.84 ? 331 ILE A N     1 
ATOM   1132 C CA    . ILE A 1 173 ? -3.856  0.276   -9.783  1.00 39.69 ? 331 ILE A CA    1 
ATOM   1133 C C     . ILE A 1 173 ? -4.434  -0.221  -11.095 1.00 39.82 ? 331 ILE A C     1 
ATOM   1134 O O     . ILE A 1 173 ? -3.834  -1.079  -11.762 1.00 38.64 ? 331 ILE A O     1 
ATOM   1135 C CB    . ILE A 1 173 ? -4.655  -0.326  -8.617  1.00 39.81 ? 331 ILE A CB    1 
ATOM   1136 C CG1   . ILE A 1 173 ? -3.913  -0.097  -7.293  1.00 39.44 ? 331 ILE A CG1   1 
ATOM   1137 C CG2   . ILE A 1 173 ? -4.860  -1.863  -8.870  1.00 40.36 ? 331 ILE A CG2   1 
ATOM   1138 C CD1   . ILE A 1 173 ? -4.809  -0.303  -5.985  1.00 38.45 ? 331 ILE A CD1   1 
ATOM   1139 N N     . SER A 1 174 ? -5.596  0.328   -11.481 1.00 39.69 ? 332 SER A N     1 
ATOM   1140 C CA    A SER A 1 174 ? -6.279  -0.046  -12.713 0.50 39.90 ? 332 SER A CA    1 
ATOM   1141 C CA    B SER A 1 174 ? -6.245  -0.110  -12.705 0.50 39.98 ? 332 SER A CA    1 
ATOM   1142 C C     . SER A 1 174 ? -5.370  0.211   -13.913 1.00 40.02 ? 332 SER A C     1 
ATOM   1143 O O     . SER A 1 174 ? -5.233  -0.620  -14.812 1.00 39.17 ? 332 SER A O     1 
ATOM   1144 C CB    A SER A 1 174 ? -7.577  0.769   -12.854 0.50 40.10 ? 332 SER A CB    1 
ATOM   1145 C CB    B SER A 1 174 ? -7.638  0.511   -12.849 0.50 40.25 ? 332 SER A CB    1 
ATOM   1146 O OG    A SER A 1 174 ? -8.194  0.573   -14.113 0.50 41.41 ? 332 SER A OG    1 
ATOM   1147 O OG    B SER A 1 174 ? -8.515  -0.053  -11.889 0.50 42.07 ? 332 SER A OG    1 
ATOM   1148 N N     . SER A 1 175 ? -4.763  1.390   -13.913 1.00 39.25 ? 333 SER A N     1 
ATOM   1149 C CA    . SER A 1 175 ? -3.894  1.806   -14.983 1.00 38.95 ? 333 SER A CA    1 
ATOM   1150 C C     . SER A 1 175 ? -2.649  0.906   -15.125 1.00 37.99 ? 333 SER A C     1 
ATOM   1151 O O     . SER A 1 175 ? -2.302  0.521   -16.235 1.00 37.81 ? 333 SER A O     1 
ATOM   1152 C CB    . SER A 1 175 ? -3.517  3.280   -14.807 1.00 39.61 ? 333 SER A CB    1 
ATOM   1153 O OG    . SER A 1 175 ? -2.426  3.618   -15.631 1.00 41.61 ? 333 SER A OG    1 
ATOM   1154 N N     . TYR A 1 176 ? -2.032  0.491   -14.025 1.00 38.39 ? 334 TYR A N     1 
ATOM   1155 C CA    . TYR A 1 176 ? -0.850  -0.347  -14.098 1.00 38.22 ? 334 TYR A CA    1 
ATOM   1156 C C     . TYR A 1 176 ? -1.095  -1.605  -14.922 1.00 37.88 ? 334 TYR A C     1 
ATOM   1157 O O     . TYR A 1 176 ? -0.216  -2.041  -15.675 1.00 36.82 ? 334 TYR A O     1 
ATOM   1158 C CB    . TYR A 1 176 ? -0.387  -0.712  -12.686 1.00 38.89 ? 334 TYR A CB    1 
ATOM   1159 C CG    . TYR A 1 176 ? 0.876   -1.559  -12.641 1.00 38.66 ? 334 TYR A CG    1 
ATOM   1160 C CD1   . TYR A 1 176 ? 2.117   -0.973  -12.680 1.00 39.87 ? 334 TYR A CD1   1 
ATOM   1161 C CD2   . TYR A 1 176 ? 0.811   -2.942  -12.505 1.00 38.91 ? 334 TYR A CD2   1 
ATOM   1162 C CE1   . TYR A 1 176 ? 3.287   -1.738  -12.663 1.00 37.93 ? 334 TYR A CE1   1 
ATOM   1163 C CE2   . TYR A 1 176 ? 1.980   -3.702  -12.453 1.00 38.88 ? 334 TYR A CE2   1 
ATOM   1164 C CZ    . TYR A 1 176 ? 3.201   -3.082  -12.540 1.00 38.60 ? 334 TYR A CZ    1 
ATOM   1165 O OH    . TYR A 1 176 ? 4.364   -3.794  -12.497 1.00 40.80 ? 334 TYR A OH    1 
ATOM   1166 N N     . PHE A 1 177 ? -2.267  -2.229  -14.721 1.00 37.81 ? 335 PHE A N     1 
ATOM   1167 C CA    . PHE A 1 177 ? -2.590  -3.505  -15.363 1.00 38.26 ? 335 PHE A CA    1 
ATOM   1168 C C     . PHE A 1 177 ? -3.069  -3.442  -16.795 1.00 39.00 ? 335 PHE A C     1 
ATOM   1169 O O     . PHE A 1 177 ? -3.108  -4.463  -17.473 1.00 38.28 ? 335 PHE A O     1 
ATOM   1170 C CB    . PHE A 1 177 ? -3.552  -4.272  -14.461 1.00 38.39 ? 335 PHE A CB    1 
ATOM   1171 C CG    . PHE A 1 177 ? -2.889  -4.720  -13.217 1.00 37.17 ? 335 PHE A CG    1 
ATOM   1172 C CD1   . PHE A 1 177 ? -2.066  -5.828  -13.235 1.00 40.62 ? 335 PHE A CD1   1 
ATOM   1173 C CD2   . PHE A 1 177 ? -3.023  -4.006  -12.052 1.00 38.96 ? 335 PHE A CD2   1 
ATOM   1174 C CE1   . PHE A 1 177 ? -1.403  -6.259  -12.066 1.00 38.29 ? 335 PHE A CE1   1 
ATOM   1175 C CE2   . PHE A 1 177 ? -2.386  -4.404  -10.900 1.00 39.89 ? 335 PHE A CE2   1 
ATOM   1176 C CZ    . PHE A 1 177 ? -1.561  -5.553  -10.907 1.00 38.95 ? 335 PHE A CZ    1 
ATOM   1177 N N     . VAL A 1 178 ? -3.405  -2.250  -17.271 1.00 38.98 ? 336 VAL A N     1 
ATOM   1178 C CA    . VAL A 1 178 ? -3.748  -2.084  -18.683 1.00 39.79 ? 336 VAL A CA    1 
ATOM   1179 C C     . VAL A 1 178 ? -2.558  -2.403  -19.583 1.00 40.92 ? 336 VAL A C     1 
ATOM   1180 O O     . VAL A 1 178 ? -1.492  -1.807  -19.459 1.00 41.24 ? 336 VAL A O     1 
ATOM   1181 C CB    . VAL A 1 178 ? -4.270  -0.684  -18.971 1.00 38.92 ? 336 VAL A CB    1 
ATOM   1182 C CG1   . VAL A 1 178 ? -4.474  -0.496  -20.496 1.00 38.48 ? 336 VAL A CG1   1 
ATOM   1183 C CG2   . VAL A 1 178 ? -5.550  -0.464  -18.233 1.00 37.66 ? 336 VAL A CG2   1 
ATOM   1184 N N     . SER A 1 179 ? -2.760  -3.370  -20.475 1.00 42.73 ? 337 SER A N     1 
ATOM   1185 C CA    . SER A 1 179 ? -1.762  -3.869  -21.451 1.00 44.25 ? 337 SER A CA    1 
ATOM   1186 C C     . SER A 1 179 ? -0.607  -4.697  -20.863 1.00 45.34 ? 337 SER A C     1 
ATOM   1187 O O     . SER A 1 179 ? -0.036  -5.522  -21.553 1.00 46.92 ? 337 SER A O     1 
ATOM   1188 C CB    . SER A 1 179 ? -1.227  -2.734  -22.385 1.00 44.00 ? 337 SER A CB    1 
ATOM   1189 N N     . THR A 1 180 ? -0.246  -4.478  -19.610 1.00 47.48 ? 338 THR A N     1 
ATOM   1190 C CA    . THR A 1 180 ? 0.632   -5.411  -18.935 1.00 48.08 ? 338 THR A CA    1 
ATOM   1191 C C     . THR A 1 180 ? 0.174   -6.818  -19.341 1.00 49.33 ? 338 THR A C     1 
ATOM   1192 O O     . THR A 1 180 ? -1.016  -7.154  -19.254 1.00 50.07 ? 338 THR A O     1 
ATOM   1193 C CB    . THR A 1 180 ? 0.554   -5.233  -17.408 1.00 48.12 ? 338 THR A CB    1 
ATOM   1194 N N     . MET A 1 181 ? 1.103   -7.620  -19.832 1.00 49.17 ? 339 MET A N     1 
ATOM   1195 C CA    . MET A 1 181 ? 0.835   -9.030  -19.987 1.00 49.67 ? 339 MET A CA    1 
ATOM   1196 C C     . MET A 1 181 ? 1.508   -9.736  -18.828 1.00 49.79 ? 339 MET A C     1 
ATOM   1197 O O     . MET A 1 181 ? 0.830   -10.285 -17.944 1.00 51.50 ? 339 MET A O     1 
ATOM   1198 C CB    . MET A 1 181 ? 1.302   -9.533  -21.349 1.00 49.84 ? 339 MET A CB    1 
ATOM   1199 C CG    . MET A 1 181 ? 0.200   -9.471  -22.420 1.00 52.66 ? 339 MET A CG    1 
ATOM   1200 S SD    . MET A 1 181 ? 0.111   -7.947  -23.414 1.00 58.11 ? 339 MET A SD    1 
ATOM   1201 C CE    . MET A 1 181 ? 1.467   -8.169  -24.582 1.00 53.07 ? 339 MET A CE    1 
ATOM   1202 N N     . SER A 1 182 ? 2.832   -9.660  -18.786 1.00 49.34 ? 340 SER A N     1 
ATOM   1203 C CA    . SER A 1 182 ? 3.600   -10.245 -17.698 1.00 48.52 ? 340 SER A CA    1 
ATOM   1204 C C     . SER A 1 182 ? 3.610   -9.345  -16.448 1.00 47.22 ? 340 SER A C     1 
ATOM   1205 O O     . SER A 1 182 ? 4.489   -8.457  -16.283 1.00 48.04 ? 340 SER A O     1 
ATOM   1206 C CB    . SER A 1 182 ? 5.038   -10.564 -18.179 1.00 48.30 ? 340 SER A CB    1 
ATOM   1207 N N     . SER A 1 183 ? 2.589   -9.545  -15.606 1.00 44.59 ? 341 SER A N     1 
ATOM   1208 C CA    . SER A 1 183 ? 2.665   -9.257  -14.193 1.00 42.10 ? 341 SER A CA    1 
ATOM   1209 C C     . SER A 1 183 ? 2.379   -10.596 -13.469 1.00 41.34 ? 341 SER A C     1 
ATOM   1210 O O     . SER A 1 183 ? 1.516   -11.387 -13.893 1.00 40.37 ? 341 SER A O     1 
ATOM   1211 C CB    . SER A 1 183 ? 1.663   -8.132  -13.804 1.00 42.19 ? 341 SER A CB    1 
ATOM   1212 O OG    . SER A 1 183 ? 1.529   -7.971  -12.404 1.00 42.32 ? 341 SER A OG    1 
ATOM   1213 N N     . SER A 1 184 ? 3.139   -10.848 -12.405 1.00 39.62 ? 342 SER A N     1 
ATOM   1214 C CA    . SER A 1 184 ? 2.948   -11.986 -11.504 1.00 38.43 ? 342 SER A CA    1 
ATOM   1215 C C     . SER A 1 184 ? 1.740   -11.751 -10.593 1.00 37.05 ? 342 SER A C     1 
ATOM   1216 O O     . SER A 1 184 ? 1.183   -12.687 -10.063 1.00 34.82 ? 342 SER A O     1 
ATOM   1217 C CB    . SER A 1 184 ? 4.203   -12.208 -10.630 1.00 38.21 ? 342 SER A CB    1 
ATOM   1218 O OG    . SER A 1 184 ? 4.541   -11.053 -9.846  1.00 37.40 ? 342 SER A OG    1 
ATOM   1219 N N     . ILE A 1 185 ? 1.352   -10.486 -10.418 1.00 36.76 ? 343 ILE A N     1 
ATOM   1220 C CA    . ILE A 1 185 ? 0.374   -10.094 -9.407  1.00 36.58 ? 343 ILE A CA    1 
ATOM   1221 C C     . ILE A 1 185 ? -0.985  -10.548 -9.882  1.00 36.75 ? 343 ILE A C     1 
ATOM   1222 O O     . ILE A 1 185 ? -1.395  -10.213 -11.005 1.00 36.81 ? 343 ILE A O     1 
ATOM   1223 C CB    . ILE A 1 185 ? 0.330   -8.536  -9.180  1.00 35.66 ? 343 ILE A CB    1 
ATOM   1224 C CG1   . ILE A 1 185 ? 1.689   -7.977  -8.795  1.00 36.53 ? 343 ILE A CG1   1 
ATOM   1225 C CG2   . ILE A 1 185 ? -0.755  -8.163  -8.134  1.00 37.02 ? 343 ILE A CG2   1 
ATOM   1226 C CD1   . ILE A 1 185 ? 1.796   -6.429  -8.870  1.00 33.95 ? 343 ILE A CD1   1 
ATOM   1227 N N     . LYS A 1 186 ? -1.668  -11.320 -9.044  1.00 36.64 ? 344 LYS A N     1 
ATOM   1228 C CA    . LYS A 1 186 ? -3.013  -11.788 -9.329  1.00 37.94 ? 344 LYS A CA    1 
ATOM   1229 C C     . LYS A 1 186 ? -4.110  -11.079 -8.531  1.00 37.71 ? 344 LYS A C     1 
ATOM   1230 O O     . LYS A 1 186 ? -5.247  -11.002 -8.980  1.00 36.07 ? 344 LYS A O     1 
ATOM   1231 C CB    . LYS A 1 186 ? -3.073  -13.316 -9.111  1.00 38.95 ? 344 LYS A CB    1 
ATOM   1232 C CG    . LYS A 1 186 ? -2.181  -14.127 -10.089 1.00 42.36 ? 344 LYS A CG    1 
ATOM   1233 C CD    . LYS A 1 186 ? -2.445  -13.665 -11.556 1.00 46.11 ? 344 LYS A CD    1 
ATOM   1234 C CE    . LYS A 1 186 ? -2.133  -14.679 -12.638 1.00 47.70 ? 344 LYS A CE    1 
ATOM   1235 N NZ    . LYS A 1 186 ? -2.721  -14.217 -13.951 1.00 50.10 ? 344 LYS A NZ    1 
ATOM   1236 N N     . THR A 1 187 ? -3.764  -10.586 -7.350  1.00 37.39 ? 345 THR A N     1 
ATOM   1237 C CA    . THR A 1 187 ? -4.728  -9.982  -6.415  1.00 38.59 ? 345 THR A CA    1 
ATOM   1238 C C     . THR A 1 187 ? -4.134  -8.744  -5.782  1.00 38.52 ? 345 THR A C     1 
ATOM   1239 O O     . THR A 1 187 ? -3.047  -8.774  -5.249  1.00 38.02 ? 345 THR A O     1 
ATOM   1240 C CB    . THR A 1 187 ? -5.152  -10.941 -5.295  1.00 39.62 ? 345 THR A CB    1 
ATOM   1241 O OG1   . THR A 1 187 ? -5.631  -12.114 -5.908  1.00 40.89 ? 345 THR A OG1   1 
ATOM   1242 C CG2   . THR A 1 187 ? -6.274  -10.328 -4.417  1.00 38.87 ? 345 THR A CG2   1 
ATOM   1243 N N     . VAL A 1 188 ? -4.857  -7.643  -5.906  1.00 38.55 ? 346 VAL A N     1 
ATOM   1244 C CA    . VAL A 1 188 ? -4.499  -6.412  -5.247  1.00 38.30 ? 346 VAL A CA    1 
ATOM   1245 C C     . VAL A 1 188 ? -5.606  -6.097  -4.256  1.00 39.10 ? 346 VAL A C     1 
ATOM   1246 O O     . VAL A 1 188 ? -6.804  -6.096  -4.605  1.00 38.76 ? 346 VAL A O     1 
ATOM   1247 C CB    . VAL A 1 188 ? -4.355  -5.233  -6.226  1.00 38.70 ? 346 VAL A CB    1 
ATOM   1248 C CG1   . VAL A 1 188 ? -3.946  -3.956  -5.485  1.00 38.12 ? 346 VAL A CG1   1 
ATOM   1249 C CG2   . VAL A 1 188 ? -3.300  -5.535  -7.327  1.00 36.76 ? 346 VAL A CG2   1 
ATOM   1250 N N     . TYR A 1 189 ? -5.196  -5.831  -3.019  1.00 39.04 ? 347 TYR A N     1 
ATOM   1251 C CA    . TYR A 1 189 ? -6.136  -5.433  -1.989  1.00 40.18 ? 347 TYR A CA    1 
ATOM   1252 C C     . TYR A 1 189 ? -5.968  -3.939  -1.725  1.00 39.34 ? 347 TYR A C     1 
ATOM   1253 O O     . TYR A 1 189 ? -4.859  -3.421  -1.612  1.00 40.82 ? 347 TYR A O     1 
ATOM   1254 C CB    . TYR A 1 189 ? -5.918  -6.220  -0.680  1.00 40.86 ? 347 TYR A CB    1 
ATOM   1255 C CG    . TYR A 1 189 ? -5.935  -7.747  -0.722  1.00 41.89 ? 347 TYR A CG    1 
ATOM   1256 C CD1   . TYR A 1 189 ? -7.120  -8.449  -0.608  1.00 41.41 ? 347 TYR A CD1   1 
ATOM   1257 C CD2   . TYR A 1 189 ? -4.763  -8.484  -0.783  1.00 44.00 ? 347 TYR A CD2   1 
ATOM   1258 C CE1   . TYR A 1 189 ? -7.154  -9.831  -0.578  1.00 43.27 ? 347 TYR A CE1   1 
ATOM   1259 C CE2   . TYR A 1 189 ? -4.787  -9.862  -0.777  1.00 45.45 ? 347 TYR A CE2   1 
ATOM   1260 C CZ    . TYR A 1 189 ? -5.990  -10.537 -0.646  1.00 43.83 ? 347 TYR A CZ    1 
ATOM   1261 O OH    . TYR A 1 189 ? -6.040  -11.900 -0.656  1.00 45.34 ? 347 TYR A OH    1 
ATOM   1262 N N     . PHE A 1 190 ? -7.088  -3.244  -1.671  1.00 39.44 ? 348 PHE A N     1 
ATOM   1263 C CA    . PHE A 1 190 ? -7.131  -1.889  -1.166  1.00 39.36 ? 348 PHE A CA    1 
ATOM   1264 C C     . PHE A 1 190 ? -7.819  -1.968  0.220   1.00 38.96 ? 348 PHE A C     1 
ATOM   1265 O O     . PHE A 1 190 ? -9.004  -2.277  0.330   1.00 39.09 ? 348 PHE A O     1 
ATOM   1266 C CB    . PHE A 1 190 ? -7.887  -0.971  -2.110  1.00 39.48 ? 348 PHE A CB    1 
ATOM   1267 C CG    . PHE A 1 190 ? -7.851  0.474   -1.694  1.00 39.18 ? 348 PHE A CG    1 
ATOM   1268 C CD1   . PHE A 1 190 ? -6.660  1.088   -1.351  1.00 40.41 ? 348 PHE A CD1   1 
ATOM   1269 C CD2   . PHE A 1 190 ? -9.004  1.215   -1.628  1.00 40.38 ? 348 PHE A CD2   1 
ATOM   1270 C CE1   . PHE A 1 190 ? -6.643  2.414   -0.949  1.00 38.99 ? 348 PHE A CE1   1 
ATOM   1271 C CE2   . PHE A 1 190 ? -8.977  2.549   -1.205  1.00 37.97 ? 348 PHE A CE2   1 
ATOM   1272 C CZ    . PHE A 1 190 ? -7.804  3.124   -0.879  1.00 38.83 ? 348 PHE A CZ    1 
ATOM   1273 N N     . VAL A 1 191 ? -7.024  -1.700  1.251   1.00 39.47 ? 349 VAL A N     1 
ATOM   1274 C CA    . VAL A 1 191 ? -7.410  -1.977  2.645   1.00 39.09 ? 349 VAL A CA    1 
ATOM   1275 C C     . VAL A 1 191 ? -7.858  -0.680  3.329   1.00 38.87 ? 349 VAL A C     1 
ATOM   1276 O O     . VAL A 1 191 ? -7.078  0.229   3.448   1.00 39.24 ? 349 VAL A O     1 
ATOM   1277 C CB    . VAL A 1 191 ? -6.262  -2.607  3.434   1.00 39.16 ? 349 VAL A CB    1 
ATOM   1278 C CG1   . VAL A 1 191 ? -6.781  -3.029  4.815   1.00 35.47 ? 349 VAL A CG1   1 
ATOM   1279 C CG2   . VAL A 1 191 ? -5.679  -3.825  2.686   1.00 37.51 ? 349 VAL A CG2   1 
ATOM   1280 N N     . LEU A 1 192 ? -9.126  -0.636  3.745   1.00 39.34 ? 350 LEU A N     1 
ATOM   1281 C CA    . LEU A 1 192 ? -9.720  0.464   4.501   1.00 38.98 ? 350 LEU A CA    1 
ATOM   1282 C C     . LEU A 1 192 ? -9.897  0.033   5.971   1.00 38.93 ? 350 LEU A C     1 
ATOM   1283 O O     . LEU A 1 192 ? -10.295 -1.100  6.250   1.00 37.44 ? 350 LEU A O     1 
ATOM   1284 C CB    . LEU A 1 192 ? -11.062 0.848   3.884   1.00 38.82 ? 350 LEU A CB    1 
ATOM   1285 C CG    . LEU A 1 192 ? -11.033 1.206   2.392   1.00 40.36 ? 350 LEU A CG    1 
ATOM   1286 C CD1   . LEU A 1 192 ? -12.415 1.597   1.936   1.00 41.94 ? 350 LEU A CD1   1 
ATOM   1287 C CD2   . LEU A 1 192 ? -10.063 2.302   2.074   1.00 43.04 ? 350 LEU A CD2   1 
ATOM   1288 N N     . PHE A 1 193 ? -9.550  0.929   6.894   1.00 39.34 ? 351 PHE A N     1 
ATOM   1289 C CA    . PHE A 1 193 ? -9.582  0.633   8.335   1.00 40.44 ? 351 PHE A CA    1 
ATOM   1290 C C     . PHE A 1 193 ? -10.320 1.720   9.147   1.00 41.02 ? 351 PHE A C     1 
ATOM   1291 O O     . PHE A 1 193 ? -11.168 1.414   10.003  1.00 39.94 ? 351 PHE A O     1 
ATOM   1292 C CB    . PHE A 1 193 ? -8.152  0.444   8.856   1.00 39.89 ? 351 PHE A CB    1 
ATOM   1293 C CG    . PHE A 1 193 ? -8.062  0.162   10.336  1.00 39.76 ? 351 PHE A CG    1 
ATOM   1294 C CD1   . PHE A 1 193 ? -8.261  -1.120  10.828  1.00 39.35 ? 351 PHE A CD1   1 
ATOM   1295 C CD2   . PHE A 1 193 ? -7.774  1.191   11.245  1.00 38.92 ? 351 PHE A CD2   1 
ATOM   1296 C CE1   . PHE A 1 193 ? -8.174  -1.379  12.205  1.00 39.17 ? 351 PHE A CE1   1 
ATOM   1297 C CE2   . PHE A 1 193 ? -7.677  0.942   12.602  1.00 39.45 ? 351 PHE A CE2   1 
ATOM   1298 C CZ    . PHE A 1 193 ? -7.875  -0.348  13.088  1.00 40.33 ? 351 PHE A CZ    1 
ATOM   1299 N N     . ASP A 1 194 ? -9.981  2.981   8.889   1.00 42.44 ? 352 ASP A N     1 
ATOM   1300 C CA    . ASP A 1 194 ? -10.603 4.087   9.572   1.00 43.52 ? 352 ASP A CA    1 
ATOM   1301 C C     . ASP A 1 194 ? -12.031 4.269   9.037   1.00 43.89 ? 352 ASP A C     1 
ATOM   1302 O O     . ASP A 1 194 ? -12.305 4.007   7.868   1.00 44.33 ? 352 ASP A O     1 
ATOM   1303 C CB    . ASP A 1 194 ? -9.737  5.368   9.449   1.00 45.21 ? 352 ASP A CB    1 
ATOM   1304 C CG    . ASP A 1 194 ? -9.879  6.071   8.111   1.00 44.58 ? 352 ASP A CG    1 
ATOM   1305 O OD1   . ASP A 1 194 ? -9.082  5.808   7.176   1.00 46.51 ? 352 ASP A OD1   1 
ATOM   1306 O OD2   . ASP A 1 194 ? -10.755 6.945   8.040   1.00 45.16 ? 352 ASP A OD2   1 
ATOM   1307 N N     . SER A 1 195 ? -12.928 4.714   9.897   1.00 44.49 ? 353 SER A N     1 
ATOM   1308 C CA    . SER A 1 195 ? -14.368 4.730   9.588   1.00 44.38 ? 353 SER A CA    1 
ATOM   1309 C C     . SER A 1 195 ? -14.767 5.781   8.550   1.00 44.27 ? 353 SER A C     1 
ATOM   1310 O O     . SER A 1 195 ? -15.710 5.558   7.796   1.00 43.76 ? 353 SER A O     1 
ATOM   1311 C CB    . SER A 1 195 ? -15.185 4.919   10.861  1.00 44.67 ? 353 SER A CB    1 
ATOM   1312 O OG    . SER A 1 195 ? -14.883 6.158   11.466  1.00 46.17 ? 353 SER A OG    1 
ATOM   1313 N N     . GLU A 1 196 ? -14.058 6.912   8.505   1.00 44.00 ? 354 GLU A N     1 
ATOM   1314 C CA    . GLU A 1 196 ? -14.330 7.927   7.485   1.00 43.86 ? 354 GLU A CA    1 
ATOM   1315 C C     . GLU A 1 196 ? -14.074 7.331   6.093   1.00 42.95 ? 354 GLU A C     1 
ATOM   1316 O O     . GLU A 1 196 ? -14.924 7.434   5.214   1.00 42.28 ? 354 GLU A O     1 
ATOM   1317 C CB    . GLU A 1 196 ? -13.523 9.219   7.731   1.00 43.56 ? 354 GLU A CB    1 
ATOM   1318 C CG    . GLU A 1 196 ? -13.698 10.299  6.630   1.00 43.91 ? 354 GLU A CG    1 
ATOM   1319 C CD    . GLU A 1 196 ? -12.874 11.578  6.937   1.00 45.56 ? 354 GLU A CD    1 
ATOM   1320 O OE1   . GLU A 1 196 ? -11.808 11.517  7.688   1.00 50.28 ? 354 GLU A OE1   1 
ATOM   1321 O OE2   . GLU A 1 196 ? -13.305 12.667  6.421   1.00 44.60 ? 354 GLU A OE2   1 
ATOM   1322 N N     . SER A 1 197 ? -12.923 6.680   5.907   1.00 43.00 ? 355 SER A N     1 
ATOM   1323 C CA    . SER A 1 197 ? -12.590 6.021   4.637   1.00 42.90 ? 355 SER A CA    1 
ATOM   1324 C C     . SER A 1 197 ? -13.607 4.928   4.291   1.00 42.58 ? 355 SER A C     1 
ATOM   1325 O O     . SER A 1 197 ? -14.120 4.868   3.178   1.00 42.97 ? 355 SER A O     1 
ATOM   1326 C CB    . SER A 1 197 ? -11.174 5.396   4.675   1.00 42.91 ? 355 SER A CB    1 
ATOM   1327 O OG    . SER A 1 197 ? -10.169 6.394   4.684   1.00 42.69 ? 355 SER A OG    1 
ATOM   1328 N N     . ILE A 1 198 ? -13.891 4.054   5.243   1.00 42.05 ? 356 ILE A N     1 
ATOM   1329 C CA    . ILE A 1 198 ? -14.818 2.954   4.983   1.00 41.53 ? 356 ILE A CA    1 
ATOM   1330 C C     . ILE A 1 198 ? -16.154 3.528   4.493   1.00 41.68 ? 356 ILE A C     1 
ATOM   1331 O O     . ILE A 1 198 ? -16.665 3.117   3.439   1.00 42.15 ? 356 ILE A O     1 
ATOM   1332 C CB    . ILE A 1 198 ? -15.017 2.065   6.232   1.00 41.17 ? 356 ILE A CB    1 
ATOM   1333 C CG1   . ILE A 1 198 ? -13.723 1.302   6.541   1.00 40.15 ? 356 ILE A CG1   1 
ATOM   1334 C CG2   . ILE A 1 198 ? -16.194 1.080   6.013   1.00 41.43 ? 356 ILE A CG2   1 
ATOM   1335 C CD1   . ILE A 1 198 ? -13.656 0.688   7.915   1.00 41.07 ? 356 ILE A CD1   1 
ATOM   1336 N N     . GLY A 1 199 ? -16.687 4.495   5.242   1.00 40.83 ? 357 GLY A N     1 
ATOM   1337 C CA    . GLY A 1 199 ? -17.932 5.173   4.902   1.00 40.44 ? 357 GLY A CA    1 
ATOM   1338 C C     . GLY A 1 199 ? -17.967 5.857   3.549   1.00 40.02 ? 357 GLY A C     1 
ATOM   1339 O O     . GLY A 1 199 ? -18.974 5.790   2.848   1.00 39.36 ? 357 GLY A O     1 
ATOM   1340 N N     . ILE A 1 200 ? -16.871 6.518   3.180   1.00 39.60 ? 358 ILE A N     1 
ATOM   1341 C CA    . ILE A 1 200 ? -16.791 7.204   1.900   1.00 39.63 ? 358 ILE A CA    1 
ATOM   1342 C C     . ILE A 1 200 ? -16.930 6.177   0.777   1.00 39.48 ? 358 ILE A C     1 
ATOM   1343 O O     . ILE A 1 200 ? -17.703 6.389   -0.164  1.00 39.16 ? 358 ILE A O     1 
ATOM   1344 C CB    . ILE A 1 200 ? -15.471 8.040   1.777   1.00 39.50 ? 358 ILE A CB    1 
ATOM   1345 C CG1   . ILE A 1 200 ? -15.542 9.266   2.697   1.00 40.17 ? 358 ILE A CG1   1 
ATOM   1346 C CG2   . ILE A 1 200 ? -15.236 8.519   0.359   1.00 39.09 ? 358 ILE A CG2   1 
ATOM   1347 C CD1   . ILE A 1 200 ? -14.276 10.133  2.711   1.00 39.78 ? 358 ILE A CD1   1 
ATOM   1348 N N     . TYR A 1 201 ? -16.207 5.057   0.898   1.00 39.33 ? 359 TYR A N     1 
ATOM   1349 C CA    . TYR A 1 201 ? -16.150 4.040   -0.166  1.00 40.09 ? 359 TYR A CA    1 
ATOM   1350 C C     . TYR A 1 201 ? -17.519 3.404   -0.391  1.00 40.37 ? 359 TYR A C     1 
ATOM   1351 O O     . TYR A 1 201 ? -18.034 3.395   -1.520  1.00 40.24 ? 359 TYR A O     1 
ATOM   1352 C CB    . TYR A 1 201 ? -15.102 2.929   0.117   1.00 39.26 ? 359 TYR A CB    1 
ATOM   1353 C CG    . TYR A 1 201 ? -15.042 1.920   -1.017  1.00 38.69 ? 359 TYR A CG    1 
ATOM   1354 C CD1   . TYR A 1 201 ? -14.377 2.225   -2.207  1.00 37.50 ? 359 TYR A CD1   1 
ATOM   1355 C CD2   . TYR A 1 201 ? -15.706 0.694   -0.930  1.00 38.13 ? 359 TYR A CD2   1 
ATOM   1356 C CE1   . TYR A 1 201 ? -14.353 1.320   -3.286  1.00 37.65 ? 359 TYR A CE1   1 
ATOM   1357 C CE2   . TYR A 1 201 ? -15.681 -0.215  -1.996  1.00 38.32 ? 359 TYR A CE2   1 
ATOM   1358 C CZ    . TYR A 1 201 ? -15.002 0.108   -3.175  1.00 37.80 ? 359 TYR A CZ    1 
ATOM   1359 O OH    . TYR A 1 201 ? -14.973 -0.776  -4.234  1.00 36.71 ? 359 TYR A OH    1 
ATOM   1360 N N     . VAL A 1 202 ? -18.103 2.887   0.687   1.00 41.12 ? 360 VAL A N     1 
ATOM   1361 C CA    . VAL A 1 202 ? -19.433 2.278   0.608   1.00 42.15 ? 360 VAL A CA    1 
ATOM   1362 C C     . VAL A 1 202 ? -20.500 3.287   0.167   1.00 42.58 ? 360 VAL A C     1 
ATOM   1363 O O     . VAL A 1 202 ? -21.321 2.972   -0.695  1.00 42.47 ? 360 VAL A O     1 
ATOM   1364 C CB    . VAL A 1 202 ? -19.845 1.575   1.938   1.00 42.25 ? 360 VAL A CB    1 
ATOM   1365 C CG1   . VAL A 1 202 ? -18.847 0.467   2.265   1.00 42.69 ? 360 VAL A CG1   1 
ATOM   1366 C CG2   . VAL A 1 202 ? -19.949 2.576   3.092   1.00 42.71 ? 360 VAL A CG2   1 
ATOM   1367 N N     . GLN A 1 203 ? -20.454 4.499   0.724   1.00 43.41 ? 361 GLN A N     1 
ATOM   1368 C CA    . GLN A 1 203 ? -21.440 5.547   0.415   1.00 43.91 ? 361 GLN A CA    1 
ATOM   1369 C C     . GLN A 1 203 ? -21.571 5.795   -1.085  1.00 44.47 ? 361 GLN A C     1 
ATOM   1370 O O     . GLN A 1 203 ? -22.651 6.119   -1.573  1.00 44.68 ? 361 GLN A O     1 
ATOM   1371 C CB    . GLN A 1 203 ? -21.082 6.861   1.124   1.00 43.76 ? 361 GLN A CB    1 
ATOM   1372 C CG    . GLN A 1 203 ? -21.974 8.044   0.771   1.00 43.71 ? 361 GLN A CG    1 
ATOM   1373 C CD    . GLN A 1 203 ? -21.585 9.318   1.499   1.00 44.10 ? 361 GLN A CD    1 
ATOM   1374 O OE1   . GLN A 1 203 ? -20.470 9.449   2.006   1.00 44.91 ? 361 GLN A OE1   1 
ATOM   1375 N NE2   . GLN A 1 203 ? -22.506 10.272  1.544   1.00 45.13 ? 361 GLN A NE2   1 
ATOM   1376 N N     . GLU A 1 204 ? -20.474 5.642   -1.814  1.00 45.05 ? 362 GLU A N     1 
ATOM   1377 C CA    . GLU A 1 204 ? -20.476 5.895   -3.245  1.00 45.61 ? 362 GLU A CA    1 
ATOM   1378 C C     . GLU A 1 204 ? -20.869 4.667   -4.064  1.00 45.95 ? 362 GLU A C     1 
ATOM   1379 O O     . GLU A 1 204 ? -21.959 4.633   -4.648  1.00 45.99 ? 362 GLU A O     1 
ATOM   1380 C CB    . GLU A 1 204 ? -19.110 6.403   -3.665  1.00 45.61 ? 362 GLU A CB    1 
ATOM   1381 C CG    . GLU A 1 204 ? -18.807 7.734   -3.050  1.00 46.26 ? 362 GLU A CG    1 
ATOM   1382 C CD    . GLU A 1 204 ? -17.422 8.197   -3.389  1.00 46.83 ? 362 GLU A CD    1 
ATOM   1383 O OE1   . GLU A 1 204 ? -16.454 7.530   -2.946  1.00 49.10 ? 362 GLU A OE1   1 
ATOM   1384 O OE2   . GLU A 1 204 ? -17.306 9.222   -4.106  1.00 48.62 ? 362 GLU A OE2   1 
ATOM   1385 N N     . MET A 1 205 ? -19.989 3.666   -4.113  1.00 46.15 ? 363 MET A N     1 
ATOM   1386 C CA    . MET A 1 205 ? -20.261 2.459   -4.891  1.00 46.27 ? 363 MET A CA    1 
ATOM   1387 C C     . MET A 1 205 ? -19.432 1.304   -4.365  1.00 46.49 ? 363 MET A C     1 
ATOM   1388 O O     . MET A 1 205 ? -18.293 1.501   -3.941  1.00 46.17 ? 363 MET A O     1 
ATOM   1389 C CB    . MET A 1 205 ? -19.972 2.697   -6.372  1.00 46.31 ? 363 MET A CB    1 
ATOM   1390 N N     . ALA A 1 206 ? -20.028 0.106   -4.383  1.00 46.88 ? 364 ALA A N     1 
ATOM   1391 C CA    . ALA A 1 206 ? -19.372 -1.130  -3.929  1.00 46.75 ? 364 ALA A CA    1 
ATOM   1392 C C     . ALA A 1 206 ? -19.614 -1.410  -2.457  1.00 46.92 ? 364 ALA A C     1 
ATOM   1393 O O     . ALA A 1 206 ? -18.758 -1.119  -1.614  1.00 46.86 ? 364 ALA A O     1 
HETATM 1394 N N1    . APR B 2 .   ? -4.775  -0.654  8.437   1.00 37.77 ? 400 APR A N1    1 
HETATM 1395 C C2    . APR B 2 .   ? -5.058  -0.032  7.286   1.00 37.30 ? 400 APR A C2    1 
HETATM 1396 N N3    . APR B 2 .   ? -5.146  1.300   7.154   1.00 37.74 ? 400 APR A N3    1 
HETATM 1397 C C4    . APR B 2 .   ? -4.919  2.073   8.261   1.00 38.39 ? 400 APR A C4    1 
HETATM 1398 C C5    . APR B 2 .   ? -4.595  1.480   9.570   1.00 39.11 ? 400 APR A C5    1 
HETATM 1399 C C6    . APR B 2 .   ? -4.544  0.014   9.610   1.00 39.85 ? 400 APR A C6    1 
HETATM 1400 N N6    . APR B 2 .   ? -4.237  -0.627  10.755  1.00 38.19 ? 400 APR A N6    1 
HETATM 1401 N N7    . APR B 2 .   ? -4.428  2.494   10.438  1.00 38.69 ? 400 APR A N7    1 
HETATM 1402 C C8    . APR B 2 .   ? -4.654  3.637   9.750   1.00 37.95 ? 400 APR A C8    1 
HETATM 1403 N N9    . APR B 2 .   ? -4.929  3.377   8.460   1.00 37.91 ? 400 APR A N9    1 
HETATM 1404 C "C1'" . APR B 2 .   ? -5.191  4.288   7.332   1.00 36.84 ? 400 APR A "C1'" 1 
HETATM 1405 C "C2'" . APR B 2 .   ? -5.398  5.749   7.687   1.00 37.71 ? 400 APR A "C2'" 1 
HETATM 1406 O "O2'" . APR B 2 .   ? -6.722  6.105   8.088   1.00 37.93 ? 400 APR A "O2'" 1 
HETATM 1407 C "C3'" . APR B 2 .   ? -5.051  6.392   6.351   1.00 35.55 ? 400 APR A "C3'" 1 
HETATM 1408 O "O3'" . APR B 2 .   ? -6.237  6.575   5.601   1.00 34.18 ? 400 APR A "O3'" 1 
HETATM 1409 O "O4'" . APR B 2 .   ? -3.966  4.291   6.560   1.00 33.98 ? 400 APR A "O4'" 1 
HETATM 1410 C "C4'" . APR B 2 .   ? -4.037  5.454   5.706   1.00 35.65 ? 400 APR A "C4'" 1 
HETATM 1411 C "C5'" . APR B 2 .   ? -2.640  6.057   5.555   1.00 36.71 ? 400 APR A "C5'" 1 
HETATM 1412 O "O5'" . APR B 2 .   ? -2.134  6.614   6.790   1.00 32.94 ? 400 APR A "O5'" 1 
HETATM 1413 P PA    . APR B 2 .   ? -0.636  6.662   7.204   1.00 36.78 ? 400 APR A PA    1 
HETATM 1414 O O1A   . APR B 2 .   ? 0.024   5.388   7.624   1.00 32.29 ? 400 APR A O1A   1 
HETATM 1415 O O2A   . APR B 2 .   ? -0.484  7.724   8.306   1.00 41.02 ? 400 APR A O2A   1 
HETATM 1416 O O3A   . APR B 2 .   ? 0.154   7.110   5.847   1.00 35.28 ? 400 APR A O3A   1 
HETATM 1417 P PB    . APR B 2 .   ? 0.359   8.578   5.163   1.00 37.00 ? 400 APR A PB    1 
HETATM 1418 O O1B   . APR B 2 .   ? 0.881   8.286   3.756   1.00 35.76 ? 400 APR A O1B   1 
HETATM 1419 O O2B   . APR B 2 .   ? -0.838  9.440   5.232   1.00 31.44 ? 400 APR A O2B   1 
HETATM 1420 O O5D   . APR B 2 .   ? 1.571   9.220   5.960   1.00 36.39 ? 400 APR A O5D   1 
HETATM 1421 C C5D   . APR B 2 .   ? 2.788   8.578   6.240   1.00 44.36 ? 400 APR A C5D   1 
HETATM 1422 O O4D   . APR B 2 .   ? 4.069   8.831   8.259   1.00 56.23 ? 400 APR A O4D   1 
HETATM 1423 O O1D   . APR B 2 .   ? 6.146   7.797   8.791   1.00 61.26 ? 400 APR A O1D   1 
HETATM 1424 C C1D   . APR B 2 .   ? 5.286   8.289   7.762   1.00 58.07 ? 400 APR A C1D   1 
HETATM 1425 O O2D   . APR B 2 .   ? 6.520   10.299  8.050   1.00 59.76 ? 400 APR A O2D   1 
HETATM 1426 C C2D   . APR B 2 .   ? 5.885   9.480   7.068   1.00 58.41 ? 400 APR A C2D   1 
HETATM 1427 O O3D   . APR B 2 .   ? 4.691   11.589  6.875   1.00 62.75 ? 400 APR A O3D   1 
HETATM 1428 C C3D   . APR B 2 .   ? 4.694   10.205  6.494   1.00 57.22 ? 400 APR A C3D   1 
HETATM 1429 C C4D   . APR B 2 .   ? 3.518   9.538   7.165   1.00 51.96 ? 400 APR A C4D   1 
HETATM 1430 N N     . NO3 C 3 .   ? -14.863 -9.772  -10.056 1.00 45.80 ? 401 NO3 A N     1 
HETATM 1431 O O1    . NO3 C 3 .   ? -13.666 -10.018 -9.379  1.00 47.02 ? 401 NO3 A O1    1 
HETATM 1432 O O2    . NO3 C 3 .   ? -15.301 -10.549 -11.119 1.00 45.70 ? 401 NO3 A O2    1 
HETATM 1433 O O3    . NO3 C 3 .   ? -15.642 -8.703  -9.688  1.00 48.73 ? 401 NO3 A O3    1 
HETATM 1434 O O     . HOH D 4 .   ? 6.338   -12.741 7.503   1.00 30.77 ? 501 HOH A O     1 
HETATM 1435 O O     . HOH D 4 .   ? -15.295 -6.345  -12.673 1.00 42.28 ? 502 HOH A O     1 
HETATM 1436 O O     . HOH D 4 .   ? -12.996 -3.584  -6.115  1.00 34.87 ? 503 HOH A O     1 
HETATM 1437 O O     . HOH D 4 .   ? -0.923  -14.543 -2.256  1.00 47.11 ? 504 HOH A O     1 
HETATM 1438 O O     . HOH D 4 .   ? -8.392  3.457   5.925   1.00 40.00 ? 505 HOH A O     1 
HETATM 1439 O O     . HOH D 4 .   ? -6.153  2.410   4.680   1.00 28.55 ? 506 HOH A O     1 
HETATM 1440 O O     . HOH D 4 .   ? -18.094 -6.737  -5.473  1.00 40.15 ? 507 HOH A O     1 
HETATM 1441 O O     . HOH D 4 .   ? -9.250  6.570   1.918   1.00 37.24 ? 508 HOH A O     1 
HETATM 1442 O O     . HOH D 4 .   ? 8.930   -6.929  -13.444 1.00 48.06 ? 509 HOH A O     1 
HETATM 1443 O O     . HOH D 4 .   ? 2.525   4.721   7.912   1.00 33.33 ? 510 HOH A O     1 
HETATM 1444 O O     . HOH D 4 .   ? -11.338 13.407  3.984   1.00 50.52 ? 511 HOH A O     1 
HETATM 1445 O O     . HOH D 4 .   ? 0.887   -8.489  7.458   1.00 37.94 ? 512 HOH A O     1 
HETATM 1446 O O     . HOH D 4 .   ? -8.198  -6.762  10.833  1.00 37.13 ? 513 HOH A O     1 
HETATM 1447 O O     . HOH D 4 .   ? -6.881  -2.759  -15.287 1.00 33.73 ? 514 HOH A O     1 
HETATM 1448 O O     . HOH D 4 .   ? -7.391  12.823  5.828   1.00 45.16 ? 515 HOH A O     1 
HETATM 1449 O O     . HOH D 4 .   ? -9.357  -2.182  -15.256 1.00 52.72 ? 516 HOH A O     1 
HETATM 1450 O O     . HOH D 4 .   ? 6.382   13.036  9.873   1.00 53.46 ? 517 HOH A O     1 
HETATM 1451 O O     . HOH D 4 .   ? -0.682  17.867  4.612   1.00 47.09 ? 518 HOH A O     1 
HETATM 1452 O O     . HOH D 4 .   ? -12.655 -0.941  -6.956  1.00 54.90 ? 519 HOH A O     1 
HETATM 1453 O O     . HOH D 4 .   ? -4.742  -7.031  13.588  1.00 49.83 ? 520 HOH A O     1 
HETATM 1454 O O     . HOH D 4 .   ? -13.832 -12.355 7.900   1.00 40.19 ? 521 HOH A O     1 
HETATM 1455 O O     . HOH D 4 .   ? 14.529  -6.711  5.713   1.00 48.71 ? 522 HOH A O     1 
HETATM 1456 O O     . HOH D 4 .   ? 7.535   12.775  0.431   1.00 53.98 ? 523 HOH A O     1 
HETATM 1457 O O     . HOH D 4 .   ? -1.038  -10.245 -13.650 1.00 46.90 ? 524 HOH A O     1 
HETATM 1458 O O     . HOH D 4 .   ? -12.500 13.019  1.515   1.00 49.97 ? 525 HOH A O     1 
HETATM 1459 O O     . HOH D 4 .   ? -13.305 -6.137  9.169   1.00 57.34 ? 526 HOH A O     1 
HETATM 1460 O O     . HOH D 4 .   ? -19.862 -3.337  0.495   1.00 49.79 ? 527 HOH A O     1 
HETATM 1461 O O     . HOH D 4 .   ? 1.434   -15.198 -10.738 1.00 48.28 ? 529 HOH A O     1 
HETATM 1462 O O     . HOH D 4 .   ? 6.505   -10.442 -12.536 1.00 50.01 ? 530 HOH A O     1 
HETATM 1463 O O     . HOH D 4 .   ? -10.605 5.923   -9.280  1.00 55.74 ? 531 HOH A O     1 
HETATM 1464 O O     . HOH D 4 .   ? -6.320  3.427   -18.234 1.00 54.12 ? 532 HOH A O     1 
HETATM 1465 O O     . HOH D 4 .   ? -11.987 0.819   -8.744  1.00 53.15 ? 533 HOH A O     1 
HETATM 1466 O O     . HOH D 4 .   ? 5.369   5.212   9.153   1.00 42.40 ? 534 HOH A O     1 
HETATM 1467 O O     . HOH D 4 .   ? -1.449  -4.441  14.310  1.00 46.40 ? 535 HOH A O     1 
HETATM 1468 O O     . HOH D 4 .   ? -3.925  -13.193 -0.061  1.00 52.22 ? 536 HOH A O     1 
HETATM 1469 O O     . HOH D 4 .   ? -11.400 -11.544 -6.368  1.00 43.82 ? 537 HOH A O     1 
HETATM 1470 O O     . HOH D 4 .   ? -5.404  13.050  7.414   1.00 48.49 ? 538 HOH A O     1 
HETATM 1471 O O     . HOH D 4 .   ? -7.325  2.298   -16.316 1.00 53.03 ? 539 HOH A O     1 
HETATM 1472 O O     . HOH D 4 .   ? -2.279  -11.254 12.730  1.00 57.73 ? 540 HOH A O     1 
HETATM 1473 O O     . HOH D 4 .   ? 6.192   10.789  3.446   1.00 38.64 ? 541 HOH A O     1 
# 
loop_
_pdbx_poly_seq_scheme.asym_id 
_pdbx_poly_seq_scheme.entity_id 
_pdbx_poly_seq_scheme.seq_id 
_pdbx_poly_seq_scheme.mon_id 
_pdbx_poly_seq_scheme.ndb_seq_num 
_pdbx_poly_seq_scheme.pdb_seq_num 
_pdbx_poly_seq_scheme.auth_seq_num 
_pdbx_poly_seq_scheme.pdb_mon_id 
_pdbx_poly_seq_scheme.auth_mon_id 
_pdbx_poly_seq_scheme.pdb_strand_id 
_pdbx_poly_seq_scheme.pdb_ins_code 
_pdbx_poly_seq_scheme.hetero 
A 1 1   GLY 1   159 ?   ?   ?   A . n 
A 1 2   ALA 2   160 ?   ?   ?   A . n 
A 1 3   MET 3   161 ?   ?   ?   A . n 
A 1 4   GLN 4   162 ?   ?   ?   A . n 
A 1 5   GLY 5   163 ?   ?   ?   A . n 
A 1 6   GLU 6   164 ?   ?   ?   A . n 
A 1 7   VAL 7   165 ?   ?   ?   A . n 
A 1 8   SER 8   166 ?   ?   ?   A . n 
A 1 9   LYS 9   167 ?   ?   ?   A . n 
A 1 10  ALA 10  168 ?   ?   ?   A . n 
A 1 11  ALA 11  169 ?   ?   ?   A . n 
A 1 12  SER 12  170 ?   ?   ?   A . n 
A 1 13  ALA 13  171 ?   ?   ?   A . n 
A 1 14  ASP 14  172 ?   ?   ?   A . n 
A 1 15  SER 15  173 ?   ?   ?   A . n 
A 1 16  THR 16  174 ?   ?   ?   A . n 
A 1 17  THR 17  175 ?   ?   ?   A . n 
A 1 18  GLU 18  176 ?   ?   ?   A . n 
A 1 19  GLY 19  177 ?   ?   ?   A . n 
A 1 20  THR 20  178 ?   ?   ?   A . n 
A 1 21  PRO 21  179 ?   ?   ?   A . n 
A 1 22  ALA 22  180 180 ALA ALA A . n 
A 1 23  ASP 23  181 181 ASP ASP A . n 
A 1 24  GLY 24  182 182 GLY GLY A . n 
A 1 25  PHE 25  183 183 PHE PHE A . n 
A 1 26  THR 26  184 184 THR THR A . n 
A 1 27  VAL 27  185 185 VAL VAL A . n 
A 1 28  LEU 28  186 186 LEU LEU A . n 
A 1 29  SER 29  187 187 SER SER A . n 
A 1 30  THR 30  188 188 THR THR A . n 
A 1 31  LYS 31  189 189 LYS LYS A . n 
A 1 32  SER 32  190 190 SER SER A . n 
A 1 33  LEU 33  191 191 LEU LEU A . n 
A 1 34  PHE 34  192 192 PHE PHE A . n 
A 1 35  LEU 35  193 193 LEU LEU A . n 
A 1 36  GLY 36  194 194 GLY GLY A . n 
A 1 37  GLN 37  195 195 GLN GLN A . n 
A 1 38  LYS 38  196 196 LYS LYS A . n 
A 1 39  LEU 39  197 197 LEU LEU A . n 
A 1 40  GLN 40  198 198 GLN GLN A . n 
A 1 41  VAL 41  199 199 VAL VAL A . n 
A 1 42  VAL 42  200 200 VAL VAL A . n 
A 1 43  GLN 43  201 201 GLN GLN A . n 
A 1 44  ALA 44  202 202 ALA ALA A . n 
A 1 45  ASP 45  203 203 ASP ASP A . n 
A 1 46  ILE 46  204 204 ILE ILE A . n 
A 1 47  ALA 47  205 205 ALA ALA A . n 
A 1 48  SER 48  206 206 SER SER A . n 
A 1 49  ILE 49  207 207 ILE ILE A . n 
A 1 50  ASP 50  208 208 ASP ASP A . n 
A 1 51  SER 51  209 209 SER SER A . n 
A 1 52  ASP 52  210 210 ASP ASP A . n 
A 1 53  ALA 53  211 211 ALA ALA A . n 
A 1 54  VAL 54  212 212 VAL VAL A . n 
A 1 55  VAL 55  213 213 VAL VAL A . n 
A 1 56  HIS 56  214 214 HIS HIS A . n 
A 1 57  PRO 57  215 215 PRO PRO A . n 
A 1 58  THR 58  216 216 THR THR A . n 
A 1 59  ASN 59  217 217 ASN ASN A . n 
A 1 60  THR 60  218 218 THR THR A . n 
A 1 61  ASP 61  219 219 ASP ASP A . n 
A 1 62  PHE 62  220 220 PHE PHE A . n 
A 1 63  TYR 63  221 221 TYR TYR A . n 
A 1 64  ILE 64  222 222 ILE ILE A . n 
A 1 65  GLY 65  223 223 GLY GLY A . n 
A 1 66  GLY 66  224 224 GLY GLY A . n 
A 1 67  GLU 67  225 225 GLU GLU A . n 
A 1 68  VAL 68  226 226 VAL VAL A . n 
A 1 69  GLY 69  227 227 GLY GLY A . n 
A 1 70  ASN 70  228 228 ASN ASN A . n 
A 1 71  THR 71  229 229 THR THR A . n 
A 1 72  LEU 72  230 230 LEU LEU A . n 
A 1 73  GLU 73  231 231 GLU GLU A . n 
A 1 74  LYS 74  232 232 LYS LYS A . n 
A 1 75  LYS 75  233 233 LYS LYS A . n 
A 1 76  GLY 76  234 234 GLY GLY A . n 
A 1 77  GLY 77  235 235 GLY GLY A . n 
A 1 78  LYS 78  236 236 LYS LYS A . n 
A 1 79  GLU 79  237 237 GLU GLU A . n 
A 1 80  PHE 80  238 238 PHE PHE A . n 
A 1 81  VAL 81  239 239 VAL VAL A . n 
A 1 82  GLU 82  240 240 GLU GLU A . n 
A 1 83  ALA 83  241 241 ALA ALA A . n 
A 1 84  VAL 84  242 242 VAL VAL A . n 
A 1 85  LEU 85  243 243 LEU LEU A . n 
A 1 86  GLU 86  244 244 GLU GLU A . n 
A 1 87  LEU 87  245 245 LEU LEU A . n 
A 1 88  ARG 88  246 246 ARG ARG A . n 
A 1 89  LYS 89  247 247 LYS LYS A . n 
A 1 90  LYS 90  248 248 LYS LYS A . n 
A 1 91  ASN 91  249 249 ASN ASN A . n 
A 1 92  GLY 92  250 250 GLY GLY A . n 
A 1 93  PRO 93  251 251 PRO PRO A . n 
A 1 94  LEU 94  252 252 LEU LEU A . n 
A 1 95  GLU 95  253 253 GLU GLU A . n 
A 1 96  VAL 96  254 254 VAL VAL A . n 
A 1 97  ALA 97  255 255 ALA ALA A . n 
A 1 98  GLY 98  256 256 GLY GLY A . n 
A 1 99  ALA 99  257 257 ALA ALA A . n 
A 1 100 ALA 100 258 258 ALA ALA A . n 
A 1 101 VAL 101 259 259 VAL VAL A . n 
A 1 102 SER 102 260 260 SER SER A . n 
A 1 103 ALA 103 261 261 ALA ALA A . n 
A 1 104 GLY 104 262 262 GLY GLY A . n 
A 1 105 HIS 105 263 263 HIS HIS A . n 
A 1 106 GLY 106 264 264 GLY GLY A . n 
A 1 107 LEU 107 265 265 LEU LEU A . n 
A 1 108 PRO 108 266 266 PRO PRO A . n 
A 1 109 ALA 109 267 267 ALA ALA A . n 
A 1 110 LYS 110 268 268 LYS LYS A . n 
A 1 111 PHE 111 269 269 PHE PHE A . n 
A 1 112 VAL 112 270 270 VAL VAL A . n 
A 1 113 ILE 113 271 271 ILE ILE A . n 
A 1 114 HIS 114 272 272 HIS HIS A . n 
A 1 115 CYS 115 273 273 CYS CYS A . n 
A 1 116 ASN 116 274 274 ASN ASN A . n 
A 1 117 SER 117 275 275 SER SER A . n 
A 1 118 PRO 118 276 276 PRO PRO A . n 
A 1 119 VAL 119 277 277 VAL VAL A . n 
A 1 120 TRP 120 278 278 TRP TRP A . n 
A 1 121 GLY 121 279 279 GLY GLY A . n 
A 1 122 ALA 122 280 280 ALA ALA A . n 
A 1 123 ASP 123 281 281 ASP ASP A . n 
A 1 124 LYS 124 282 282 LYS LYS A . n 
A 1 125 CYS 125 283 283 CYS CYS A . n 
A 1 126 GLU 126 284 284 GLU GLU A . n 
A 1 127 GLU 127 285 285 GLU GLU A . n 
A 1 128 LEU 128 286 286 LEU LEU A . n 
A 1 129 LEU 129 287 287 LEU LEU A . n 
A 1 130 GLU 130 288 288 GLU GLU A . n 
A 1 131 LYS 131 289 289 LYS LYS A . n 
A 1 132 THR 132 290 290 THR THR A . n 
A 1 133 VAL 133 291 291 VAL VAL A . n 
A 1 134 LYS 134 292 292 LYS LYS A . n 
A 1 135 ASN 135 293 293 ASN ASN A . n 
A 1 136 CYS 136 294 294 CYS CYS A . n 
A 1 137 LEU 137 295 295 LEU LEU A . n 
A 1 138 ALA 138 296 296 ALA ALA A . n 
A 1 139 LEU 139 297 297 LEU LEU A . n 
A 1 140 ALA 140 298 298 ALA ALA A . n 
A 1 141 ASP 141 299 299 ASP ASP A . n 
A 1 142 ASP 142 300 300 ASP ASP A . n 
A 1 143 LYS 143 301 301 LYS LYS A . n 
A 1 144 LYS 144 302 302 LYS LYS A . n 
A 1 145 LEU 145 303 303 LEU LEU A . n 
A 1 146 LYS 146 304 304 LYS LYS A . n 
A 1 147 SER 147 305 305 SER SER A . n 
A 1 148 ILE 148 306 306 ILE ILE A . n 
A 1 149 ALA 149 307 307 ALA ALA A . n 
A 1 150 PHE 150 308 308 PHE PHE A . n 
A 1 151 PRO 151 309 309 PRO PRO A . n 
A 1 152 SER 152 310 310 SER SER A . n 
A 1 153 ILE 153 311 311 ILE ILE A . n 
A 1 154 GLY 154 312 312 GLY GLY A . n 
A 1 155 SER 155 313 313 SER SER A . n 
A 1 156 GLY 156 314 314 GLY GLY A . n 
A 1 157 ARG 157 315 315 ARG ARG A . n 
A 1 158 ASN 158 316 316 ASN ASN A . n 
A 1 159 GLY 159 317 317 GLY GLY A . n 
A 1 160 PHE 160 318 318 PHE PHE A . n 
A 1 161 PRO 161 319 319 PRO PRO A . n 
A 1 162 LYS 162 320 320 LYS LYS A . n 
A 1 163 GLN 163 321 321 GLN GLN A . n 
A 1 164 THR 164 322 322 THR THR A . n 
A 1 165 ALA 165 323 323 ALA ALA A . n 
A 1 166 ALA 166 324 324 ALA ALA A . n 
A 1 167 GLN 167 325 325 GLN GLN A . n 
A 1 168 LEU 168 326 326 LEU LEU A . n 
A 1 169 ILE 169 327 327 ILE ILE A . n 
A 1 170 LEU 170 328 328 LEU LEU A . n 
A 1 171 LYS 171 329 329 LYS LYS A . n 
A 1 172 ALA 172 330 330 ALA ALA A . n 
A 1 173 ILE 173 331 331 ILE ILE A . n 
A 1 174 SER 174 332 332 SER SER A . n 
A 1 175 SER 175 333 333 SER SER A . n 
A 1 176 TYR 176 334 334 TYR TYR A . n 
A 1 177 PHE 177 335 335 PHE PHE A . n 
A 1 178 VAL 178 336 336 VAL VAL A . n 
A 1 179 SER 179 337 337 SER ALA A . n 
A 1 180 THR 180 338 338 THR ALA A . n 
A 1 181 MET 181 339 339 MET MET A . n 
A 1 182 SER 182 340 340 SER ALA A . n 
A 1 183 SER 183 341 341 SER SER A . n 
A 1 184 SER 184 342 342 SER SER A . n 
A 1 185 ILE 185 343 343 ILE ILE A . n 
A 1 186 LYS 186 344 344 LYS LYS A . n 
A 1 187 THR 187 345 345 THR THR A . n 
A 1 188 VAL 188 346 346 VAL VAL A . n 
A 1 189 TYR 189 347 347 TYR TYR A . n 
A 1 190 PHE 190 348 348 PHE PHE A . n 
A 1 191 VAL 191 349 349 VAL VAL A . n 
A 1 192 LEU 192 350 350 LEU LEU A . n 
A 1 193 PHE 193 351 351 PHE PHE A . n 
A 1 194 ASP 194 352 352 ASP ASP A . n 
A 1 195 SER 195 353 353 SER SER A . n 
A 1 196 GLU 196 354 354 GLU GLU A . n 
A 1 197 SER 197 355 355 SER SER A . n 
A 1 198 ILE 198 356 356 ILE ILE A . n 
A 1 199 GLY 199 357 357 GLY GLY A . n 
A 1 200 ILE 200 358 358 ILE ILE A . n 
A 1 201 TYR 201 359 359 TYR TYR A . n 
A 1 202 VAL 202 360 360 VAL VAL A . n 
A 1 203 GLN 203 361 361 GLN GLN A . n 
A 1 204 GLU 204 362 362 GLU GLU A . n 
A 1 205 MET 205 363 363 MET MET A . n 
A 1 206 ALA 206 364 364 ALA ALA A . n 
A 1 207 LYS 207 365 ?   ?   ?   A . n 
A 1 208 LEU 208 366 ?   ?   ?   A . n 
A 1 209 ASP 209 367 ?   ?   ?   A . n 
A 1 210 ALA 210 368 ?   ?   ?   A . n 
A 1 211 ASN 211 369 ?   ?   ?   A . n 
# 
loop_
_pdbx_nonpoly_scheme.asym_id 
_pdbx_nonpoly_scheme.entity_id 
_pdbx_nonpoly_scheme.mon_id 
_pdbx_nonpoly_scheme.ndb_seq_num 
_pdbx_nonpoly_scheme.pdb_seq_num 
_pdbx_nonpoly_scheme.auth_seq_num 
_pdbx_nonpoly_scheme.pdb_mon_id 
_pdbx_nonpoly_scheme.auth_mon_id 
_pdbx_nonpoly_scheme.pdb_strand_id 
_pdbx_nonpoly_scheme.pdb_ins_code 
B 2 APR 1  400 400 APR APR A . 
C 3 NO3 1  401 401 NO3 NO3 A . 
D 4 HOH 1  501 1   HOH HOH A . 
D 4 HOH 2  502 2   HOH HOH A . 
D 4 HOH 3  503 3   HOH HOH A . 
D 4 HOH 4  504 4   HOH HOH A . 
D 4 HOH 5  505 5   HOH HOH A . 
D 4 HOH 6  506 6   HOH HOH A . 
D 4 HOH 7  507 7   HOH HOH A . 
D 4 HOH 8  508 8   HOH HOH A . 
D 4 HOH 9  509 9   HOH HOH A . 
D 4 HOH 10 510 10  HOH HOH A . 
D 4 HOH 11 511 11  HOH HOH A . 
D 4 HOH 12 512 12  HOH HOH A . 
D 4 HOH 13 513 13  HOH HOH A . 
D 4 HOH 14 514 14  HOH HOH A . 
D 4 HOH 15 515 15  HOH HOH A . 
D 4 HOH 16 516 16  HOH HOH A . 
D 4 HOH 17 517 17  HOH HOH A . 
D 4 HOH 18 518 18  HOH HOH A . 
D 4 HOH 19 519 19  HOH HOH A . 
D 4 HOH 20 520 20  HOH HOH A . 
D 4 HOH 21 521 21  HOH HOH A . 
D 4 HOH 22 522 22  HOH HOH A . 
D 4 HOH 23 523 23  HOH HOH A . 
D 4 HOH 24 524 24  HOH HOH A . 
D 4 HOH 25 525 25  HOH HOH A . 
D 4 HOH 26 526 26  HOH HOH A . 
D 4 HOH 27 527 27  HOH HOH A . 
D 4 HOH 28 529 29  HOH HOH A . 
D 4 HOH 29 530 30  HOH HOH A . 
D 4 HOH 30 531 31  HOH HOH A . 
D 4 HOH 31 532 32  HOH HOH A . 
D 4 HOH 32 533 33  HOH HOH A . 
D 4 HOH 33 534 34  HOH HOH A . 
D 4 HOH 34 535 35  HOH HOH A . 
D 4 HOH 35 536 36  HOH HOH A . 
D 4 HOH 36 537 37  HOH HOH A . 
D 4 HOH 37 538 38  HOH HOH A . 
D 4 HOH 38 539 39  HOH HOH A . 
D 4 HOH 39 540 40  HOH HOH A . 
D 4 HOH 40 541 41  HOH HOH A . 
# 
_pdbx_struct_assembly.id                   1 
_pdbx_struct_assembly.details              author_and_software_defined_assembly 
_pdbx_struct_assembly.method_details       PISA 
_pdbx_struct_assembly.oligomeric_details   monomeric 
_pdbx_struct_assembly.oligomeric_count     1 
# 
_pdbx_struct_assembly_gen.assembly_id       1 
_pdbx_struct_assembly_gen.oper_expression   1 
_pdbx_struct_assembly_gen.asym_id_list      A,B,C,D 
# 
_pdbx_struct_oper_list.id                   1 
_pdbx_struct_oper_list.type                 'identity operation' 
_pdbx_struct_oper_list.name                 1_555 
_pdbx_struct_oper_list.symmetry_operation   x,y,z 
_pdbx_struct_oper_list.matrix[1][1]         1.0000000000 
_pdbx_struct_oper_list.matrix[1][2]         0.0000000000 
_pdbx_struct_oper_list.matrix[1][3]         0.0000000000 
_pdbx_struct_oper_list.vector[1]            0.0000000000 
_pdbx_struct_oper_list.matrix[2][1]         0.0000000000 
_pdbx_struct_oper_list.matrix[2][2]         1.0000000000 
_pdbx_struct_oper_list.matrix[2][3]         0.0000000000 
_pdbx_struct_oper_list.vector[2]            0.0000000000 
_pdbx_struct_oper_list.matrix[3][1]         0.0000000000 
_pdbx_struct_oper_list.matrix[3][2]         0.0000000000 
_pdbx_struct_oper_list.matrix[3][3]         1.0000000000 
_pdbx_struct_oper_list.vector[3]            0.0000000000 
# 
loop_
_pdbx_audit_revision_history.ordinal 
_pdbx_audit_revision_history.data_content_type 
_pdbx_audit_revision_history.major_revision 
_pdbx_audit_revision_history.minor_revision 
_pdbx_audit_revision_history.revision_date 
1 'Structure model' 1 0 2009-08-18 
2 'Structure model' 1 1 2011-07-13 
3 'Structure model' 1 2 2023-09-06 
# 
_pdbx_audit_revision_details.ordinal             1 
_pdbx_audit_revision_details.revision_ordinal    1 
_pdbx_audit_revision_details.data_content_type   'Structure model' 
_pdbx_audit_revision_details.provider            repository 
_pdbx_audit_revision_details.type                'Initial release' 
_pdbx_audit_revision_details.description         ? 
_pdbx_audit_revision_details.details             ? 
# 
loop_
_pdbx_audit_revision_group.ordinal 
_pdbx_audit_revision_group.revision_ordinal 
_pdbx_audit_revision_group.data_content_type 
_pdbx_audit_revision_group.group 
1 2 'Structure model' Advisory                    
2 2 'Structure model' 'Version format compliance' 
3 3 'Structure model' 'Data collection'           
4 3 'Structure model' 'Database references'       
5 3 'Structure model' 'Derived calculations'      
6 3 'Structure model' 'Refinement description'    
# 
loop_
_pdbx_audit_revision_category.ordinal 
_pdbx_audit_revision_category.revision_ordinal 
_pdbx_audit_revision_category.data_content_type 
_pdbx_audit_revision_category.category 
1 3 'Structure model' chem_comp_atom                
2 3 'Structure model' chem_comp_bond                
3 3 'Structure model' database_2                    
4 3 'Structure model' pdbx_initial_refinement_model 
5 3 'Structure model' struct_ref_seq_dif            
6 3 'Structure model' struct_site                   
# 
loop_
_pdbx_audit_revision_item.ordinal 
_pdbx_audit_revision_item.revision_ordinal 
_pdbx_audit_revision_item.data_content_type 
_pdbx_audit_revision_item.item 
1 3 'Structure model' '_database_2.pdbx_DOI'                
2 3 'Structure model' '_database_2.pdbx_database_accession' 
3 3 'Structure model' '_struct_ref_seq_dif.details'         
4 3 'Structure model' '_struct_site.pdbx_auth_asym_id'      
5 3 'Structure model' '_struct_site.pdbx_auth_comp_id'      
6 3 'Structure model' '_struct_site.pdbx_auth_seq_id'       
# 
loop_
_pdbx_refine_tls.pdbx_refine_id 
_pdbx_refine_tls.id 
_pdbx_refine_tls.details 
_pdbx_refine_tls.method 
_pdbx_refine_tls.origin_x 
_pdbx_refine_tls.origin_y 
_pdbx_refine_tls.origin_z 
_pdbx_refine_tls.T[1][1] 
_pdbx_refine_tls.T[2][2] 
_pdbx_refine_tls.T[3][3] 
_pdbx_refine_tls.T[1][2] 
_pdbx_refine_tls.T[1][3] 
_pdbx_refine_tls.T[2][3] 
_pdbx_refine_tls.L[1][1] 
_pdbx_refine_tls.L[2][2] 
_pdbx_refine_tls.L[3][3] 
_pdbx_refine_tls.L[1][2] 
_pdbx_refine_tls.L[1][3] 
_pdbx_refine_tls.L[2][3] 
_pdbx_refine_tls.S[1][1] 
_pdbx_refine_tls.S[1][2] 
_pdbx_refine_tls.S[1][3] 
_pdbx_refine_tls.S[2][1] 
_pdbx_refine_tls.S[2][2] 
_pdbx_refine_tls.S[2][3] 
_pdbx_refine_tls.S[3][1] 
_pdbx_refine_tls.S[3][2] 
_pdbx_refine_tls.S[3][3] 
'X-RAY DIFFRACTION' 1 ? refined -11.0559 -7.0445 -5.0602 -0.1836 -0.1694 -0.1245 -0.0293 0.0231  -0.0268 8.2818  4.3682  28.8261 2.3425  -11.0165 2.1390  0.2628 -0.0190 0.0650  0.0476  0.0240  0.3234  -0.3188 0.5732  -0.2867 
'X-RAY DIFFRACTION' 2 ? refined -1.8648  -3.6795 1.8900  -0.0049 -0.1974 -0.2613 -0.0682 0.0406  -0.0168 5.2691  2.2036  3.4669  1.1639  -1.1635  -0.8925 0.2639 -0.4701 -0.0308 0.5869  -0.2420 0.1721  0.0680  0.0947  -0.0219 
'X-RAY DIFFRACTION' 3 ? refined 10.2869  -0.7313 10.6859 0.3003  0.2660  -0.1018 -0.2134 -0.1079 -0.0415 7.7079  2.5486  4.7290  1.1121  0.2917   0.8508  0.3965 -0.9727 -0.0545 0.9948  -0.2203 -0.5120 -0.1606 1.0980  -0.1762 
'X-RAY DIFFRACTION' 4 ? refined 5.6105   3.8597  -2.0852 -0.0177 -0.1406 -0.2261 -0.1361 0.0462  -0.0493 4.5224  3.4036  3.4702  1.2064  -0.4757  1.0540  0.2177 -0.2990 0.4071  0.1788  -0.0794 -0.2059 -0.5092 0.4103  -0.1382 
'X-RAY DIFFRACTION' 5 ? refined -2.2437  2.2282  -3.7755 -0.0773 -0.2309 -0.2102 -0.0829 0.0542  -0.0193 3.7847  5.6752  3.7896  1.3071  -0.3228  0.7202  0.1724 -0.1069 0.3787  0.0624  -0.0939 0.3438  -0.3865 0.0331  -0.0784 
'X-RAY DIFFRACTION' 6 ? refined -3.6998  -5.8550 -6.7106 -0.1545 -0.1911 -0.1788 -0.0648 0.0038  -0.0107 7.2094  9.3459  8.3874  -0.3024 -0.6272  4.3222  0.1341 0.4784  -0.1854 -0.2900 -0.0680 0.0207  -0.0668 0.1783  -0.0661 
'X-RAY DIFFRACTION' 7 ? refined -16.3177 4.9045  2.5173  0.1447  0.0883  0.3499  -0.0809 0.2152  -0.0275 20.9769 14.6834 20.6354 -4.5732 13.6319  4.7297  0.3871 -0.2882 1.1527  -0.4071 -0.0643 2.0990  -0.0595 -2.1537 -0.3228  
# 
loop_
_pdbx_refine_tls_group.pdbx_refine_id 
_pdbx_refine_tls_group.id 
_pdbx_refine_tls_group.refine_tls_id 
_pdbx_refine_tls_group.beg_auth_asym_id 
_pdbx_refine_tls_group.beg_auth_seq_id 
_pdbx_refine_tls_group.beg_label_asym_id 
_pdbx_refine_tls_group.beg_label_seq_id 
_pdbx_refine_tls_group.end_auth_asym_id 
_pdbx_refine_tls_group.end_auth_seq_id 
_pdbx_refine_tls_group.end_label_asym_id 
_pdbx_refine_tls_group.end_label_seq_id 
_pdbx_refine_tls_group.selection 
_pdbx_refine_tls_group.selection_details 
'X-RAY DIFFRACTION' 1 1 A 180 ? ? A 194 ? ? ? ? 
'X-RAY DIFFRACTION' 2 2 A 195 ? ? A 219 ? ? ? ? 
'X-RAY DIFFRACTION' 3 3 A 220 ? ? A 249 ? ? ? ? 
'X-RAY DIFFRACTION' 4 4 A 250 ? ? A 298 ? ? ? ? 
'X-RAY DIFFRACTION' 5 5 A 299 ? ? A 335 ? ? ? ? 
'X-RAY DIFFRACTION' 6 6 A 336 ? ? A 351 ? ? ? ? 
'X-RAY DIFFRACTION' 7 7 A 352 ? ? A 364 ? ? ? ? 
# 
loop_
_software.name 
_software.classification 
_software.version 
_software.citation_id 
_software.pdbx_ordinal 
ADSC   'data collection' Quantum  ? 1 
PHASER phasing           .        ? 2 
REFMAC refinement        5.2.0019 ? 3 
XDS    'data reduction'  .        ? 4 
XDS    'data scaling'    .        ? 5 
# 
loop_
_pdbx_validate_torsion.id 
_pdbx_validate_torsion.PDB_model_num 
_pdbx_validate_torsion.auth_comp_id 
_pdbx_validate_torsion.auth_asym_id 
_pdbx_validate_torsion.auth_seq_id 
_pdbx_validate_torsion.PDB_ins_code 
_pdbx_validate_torsion.label_alt_id 
_pdbx_validate_torsion.phi 
_pdbx_validate_torsion.psi 
1 1 ASN A 217 ? ? -128.52 -167.02 
2 1 ALA A 255 ? ? 68.09   -0.66   
3 1 SER A 337 ? ? 71.37   -27.14  
4 1 MET A 339 ? ? -101.46 -64.29  
5 1 PHE A 351 ? ? -130.59 -47.85  
6 1 GLU A 362 ? ? -88.03  -70.66  
# 
_pdbx_validate_chiral.id              1 
_pdbx_validate_chiral.PDB_model_num   1 
_pdbx_validate_chiral.auth_atom_id    C1D 
_pdbx_validate_chiral.label_alt_id    ? 
_pdbx_validate_chiral.auth_asym_id    A 
_pdbx_validate_chiral.auth_comp_id    APR 
_pdbx_validate_chiral.auth_seq_id     400 
_pdbx_validate_chiral.PDB_ins_code    ? 
_pdbx_validate_chiral.details         'WRONG HAND' 
_pdbx_validate_chiral.omega           . 
# 
loop_
_pdbx_unobs_or_zero_occ_atoms.id 
_pdbx_unobs_or_zero_occ_atoms.PDB_model_num 
_pdbx_unobs_or_zero_occ_atoms.polymer_flag 
_pdbx_unobs_or_zero_occ_atoms.occupancy_flag 
_pdbx_unobs_or_zero_occ_atoms.auth_asym_id 
_pdbx_unobs_or_zero_occ_atoms.auth_comp_id 
_pdbx_unobs_or_zero_occ_atoms.auth_seq_id 
_pdbx_unobs_or_zero_occ_atoms.PDB_ins_code 
_pdbx_unobs_or_zero_occ_atoms.auth_atom_id 
_pdbx_unobs_or_zero_occ_atoms.label_alt_id 
_pdbx_unobs_or_zero_occ_atoms.label_asym_id 
_pdbx_unobs_or_zero_occ_atoms.label_comp_id 
_pdbx_unobs_or_zero_occ_atoms.label_seq_id 
_pdbx_unobs_or_zero_occ_atoms.label_atom_id 
1  1 Y 1 A ASP 181 ? CG  ? A ASP 23  CG  
2  1 Y 1 A ASP 181 ? OD1 ? A ASP 23  OD1 
3  1 Y 1 A ASP 181 ? OD2 ? A ASP 23  OD2 
4  1 Y 0 A LYS 232 ? CD  ? A LYS 74  CD  
5  1 Y 0 A LYS 232 ? CE  ? A LYS 74  CE  
6  1 Y 0 A LYS 232 ? NZ  ? A LYS 74  NZ  
7  1 Y 1 A SER 337 ? OG  ? A SER 179 OG  
8  1 Y 1 A THR 338 ? OG1 ? A THR 180 OG1 
9  1 Y 1 A THR 338 ? CG2 ? A THR 180 CG2 
10 1 Y 1 A SER 340 ? OG  ? A SER 182 OG  
11 1 Y 1 A MET 363 ? CG  ? A MET 205 CG  
12 1 Y 1 A MET 363 ? SD  ? A MET 205 SD  
13 1 Y 1 A MET 363 ? CE  ? A MET 205 CE  
14 1 Y 1 A ALA 364 ? CB  ? A ALA 206 CB  
# 
loop_
_pdbx_unobs_or_zero_occ_residues.id 
_pdbx_unobs_or_zero_occ_residues.PDB_model_num 
_pdbx_unobs_or_zero_occ_residues.polymer_flag 
_pdbx_unobs_or_zero_occ_residues.occupancy_flag 
_pdbx_unobs_or_zero_occ_residues.auth_asym_id 
_pdbx_unobs_or_zero_occ_residues.auth_comp_id 
_pdbx_unobs_or_zero_occ_residues.auth_seq_id 
_pdbx_unobs_or_zero_occ_residues.PDB_ins_code 
_pdbx_unobs_or_zero_occ_residues.label_asym_id 
_pdbx_unobs_or_zero_occ_residues.label_comp_id 
_pdbx_unobs_or_zero_occ_residues.label_seq_id 
1  1 Y 1 A GLY 159 ? A GLY 1   
2  1 Y 1 A ALA 160 ? A ALA 2   
3  1 Y 1 A MET 161 ? A MET 3   
4  1 Y 1 A GLN 162 ? A GLN 4   
5  1 Y 1 A GLY 163 ? A GLY 5   
6  1 Y 1 A GLU 164 ? A GLU 6   
7  1 Y 1 A VAL 165 ? A VAL 7   
8  1 Y 1 A SER 166 ? A SER 8   
9  1 Y 1 A LYS 167 ? A LYS 9   
10 1 Y 1 A ALA 168 ? A ALA 10  
11 1 Y 1 A ALA 169 ? A ALA 11  
12 1 Y 1 A SER 170 ? A SER 12  
13 1 Y 1 A ALA 171 ? A ALA 13  
14 1 Y 1 A ASP 172 ? A ASP 14  
15 1 Y 1 A SER 173 ? A SER 15  
16 1 Y 1 A THR 174 ? A THR 16  
17 1 Y 1 A THR 175 ? A THR 17  
18 1 Y 1 A GLU 176 ? A GLU 18  
19 1 Y 1 A GLY 177 ? A GLY 19  
20 1 Y 1 A THR 178 ? A THR 20  
21 1 Y 1 A PRO 179 ? A PRO 21  
22 1 Y 1 A LYS 365 ? A LYS 207 
23 1 Y 1 A LEU 366 ? A LEU 208 
24 1 Y 1 A ASP 367 ? A ASP 209 
25 1 Y 1 A ALA 368 ? A ALA 210 
26 1 Y 1 A ASN 369 ? A ASN 211 
# 
loop_
_chem_comp_atom.comp_id 
_chem_comp_atom.atom_id 
_chem_comp_atom.type_symbol 
_chem_comp_atom.pdbx_aromatic_flag 
_chem_comp_atom.pdbx_stereo_config 
_chem_comp_atom.pdbx_ordinal 
ALA N      N N N 1   
ALA CA     C N S 2   
ALA C      C N N 3   
ALA O      O N N 4   
ALA CB     C N N 5   
ALA OXT    O N N 6   
ALA H      H N N 7   
ALA H2     H N N 8   
ALA HA     H N N 9   
ALA HB1    H N N 10  
ALA HB2    H N N 11  
ALA HB3    H N N 12  
ALA HXT    H N N 13  
APR N1     N Y N 14  
APR C2     C Y N 15  
APR N3     N Y N 16  
APR C4     C Y N 17  
APR C5     C Y N 18  
APR C6     C Y N 19  
APR N6     N N N 20  
APR N7     N Y N 21  
APR C8     C Y N 22  
APR N9     N Y N 23  
APR "C1'"  C N R 24  
APR "C2'"  C N R 25  
APR "O2'"  O N N 26  
APR "C3'"  C N S 27  
APR "O3'"  O N N 28  
APR "O4'"  O N N 29  
APR "C4'"  C N R 30  
APR "C5'"  C N N 31  
APR "O5'"  O N N 32  
APR PA     P N S 33  
APR O1A    O N N 34  
APR O2A    O N N 35  
APR O3A    O N N 36  
APR PB     P N R 37  
APR O1B    O N N 38  
APR O2B    O N N 39  
APR O5D    O N N 40  
APR C5D    C N N 41  
APR O4D    O N N 42  
APR O1D    O N N 43  
APR C1D    C N R 44  
APR O2D    O N N 45  
APR C2D    C N R 46  
APR O3D    O N N 47  
APR C3D    C N S 48  
APR C4D    C N R 49  
APR H2     H N N 50  
APR H61    H N N 51  
APR H62    H N N 52  
APR H8     H N N 53  
APR "H'1"  H N N 54  
APR "H'2"  H N N 55  
APR "HO'2" H N N 56  
APR "H'3"  H N N 57  
APR "HO'3" H N N 58  
APR "H'4"  H N N 59  
APR "H5'1" H N N 60  
APR "H5'2" H N N 61  
APR HOA2   H N N 62  
APR HOB2   H N N 63  
APR H5R1   H N N 64  
APR H5R2   H N N 65  
APR HOR1   H N N 66  
APR "HR'1" H N N 67  
APR HOR2   H N N 68  
APR "HR'2" H N N 69  
APR HOR3   H N N 70  
APR "HR'3" H N N 71  
APR "HR'4" H N N 72  
ARG N      N N N 73  
ARG CA     C N S 74  
ARG C      C N N 75  
ARG O      O N N 76  
ARG CB     C N N 77  
ARG CG     C N N 78  
ARG CD     C N N 79  
ARG NE     N N N 80  
ARG CZ     C N N 81  
ARG NH1    N N N 82  
ARG NH2    N N N 83  
ARG OXT    O N N 84  
ARG H      H N N 85  
ARG H2     H N N 86  
ARG HA     H N N 87  
ARG HB2    H N N 88  
ARG HB3    H N N 89  
ARG HG2    H N N 90  
ARG HG3    H N N 91  
ARG HD2    H N N 92  
ARG HD3    H N N 93  
ARG HE     H N N 94  
ARG HH11   H N N 95  
ARG HH12   H N N 96  
ARG HH21   H N N 97  
ARG HH22   H N N 98  
ARG HXT    H N N 99  
ASN N      N N N 100 
ASN CA     C N S 101 
ASN C      C N N 102 
ASN O      O N N 103 
ASN CB     C N N 104 
ASN CG     C N N 105 
ASN OD1    O N N 106 
ASN ND2    N N N 107 
ASN OXT    O N N 108 
ASN H      H N N 109 
ASN H2     H N N 110 
ASN HA     H N N 111 
ASN HB2    H N N 112 
ASN HB3    H N N 113 
ASN HD21   H N N 114 
ASN HD22   H N N 115 
ASN HXT    H N N 116 
ASP N      N N N 117 
ASP CA     C N S 118 
ASP C      C N N 119 
ASP O      O N N 120 
ASP CB     C N N 121 
ASP CG     C N N 122 
ASP OD1    O N N 123 
ASP OD2    O N N 124 
ASP OXT    O N N 125 
ASP H      H N N 126 
ASP H2     H N N 127 
ASP HA     H N N 128 
ASP HB2    H N N 129 
ASP HB3    H N N 130 
ASP HD2    H N N 131 
ASP HXT    H N N 132 
CYS N      N N N 133 
CYS CA     C N R 134 
CYS C      C N N 135 
CYS O      O N N 136 
CYS CB     C N N 137 
CYS SG     S N N 138 
CYS OXT    O N N 139 
CYS H      H N N 140 
CYS H2     H N N 141 
CYS HA     H N N 142 
CYS HB2    H N N 143 
CYS HB3    H N N 144 
CYS HG     H N N 145 
CYS HXT    H N N 146 
GLN N      N N N 147 
GLN CA     C N S 148 
GLN C      C N N 149 
GLN O      O N N 150 
GLN CB     C N N 151 
GLN CG     C N N 152 
GLN CD     C N N 153 
GLN OE1    O N N 154 
GLN NE2    N N N 155 
GLN OXT    O N N 156 
GLN H      H N N 157 
GLN H2     H N N 158 
GLN HA     H N N 159 
GLN HB2    H N N 160 
GLN HB3    H N N 161 
GLN HG2    H N N 162 
GLN HG3    H N N 163 
GLN HE21   H N N 164 
GLN HE22   H N N 165 
GLN HXT    H N N 166 
GLU N      N N N 167 
GLU CA     C N S 168 
GLU C      C N N 169 
GLU O      O N N 170 
GLU CB     C N N 171 
GLU CG     C N N 172 
GLU CD     C N N 173 
GLU OE1    O N N 174 
GLU OE2    O N N 175 
GLU OXT    O N N 176 
GLU H      H N N 177 
GLU H2     H N N 178 
GLU HA     H N N 179 
GLU HB2    H N N 180 
GLU HB3    H N N 181 
GLU HG2    H N N 182 
GLU HG3    H N N 183 
GLU HE2    H N N 184 
GLU HXT    H N N 185 
GLY N      N N N 186 
GLY CA     C N N 187 
GLY C      C N N 188 
GLY O      O N N 189 
GLY OXT    O N N 190 
GLY H      H N N 191 
GLY H2     H N N 192 
GLY HA2    H N N 193 
GLY HA3    H N N 194 
GLY HXT    H N N 195 
HIS N      N N N 196 
HIS CA     C N S 197 
HIS C      C N N 198 
HIS O      O N N 199 
HIS CB     C N N 200 
HIS CG     C Y N 201 
HIS ND1    N Y N 202 
HIS CD2    C Y N 203 
HIS CE1    C Y N 204 
HIS NE2    N Y N 205 
HIS OXT    O N N 206 
HIS H      H N N 207 
HIS H2     H N N 208 
HIS HA     H N N 209 
HIS HB2    H N N 210 
HIS HB3    H N N 211 
HIS HD1    H N N 212 
HIS HD2    H N N 213 
HIS HE1    H N N 214 
HIS HE2    H N N 215 
HIS HXT    H N N 216 
HOH O      O N N 217 
HOH H1     H N N 218 
HOH H2     H N N 219 
ILE N      N N N 220 
ILE CA     C N S 221 
ILE C      C N N 222 
ILE O      O N N 223 
ILE CB     C N S 224 
ILE CG1    C N N 225 
ILE CG2    C N N 226 
ILE CD1    C N N 227 
ILE OXT    O N N 228 
ILE H      H N N 229 
ILE H2     H N N 230 
ILE HA     H N N 231 
ILE HB     H N N 232 
ILE HG12   H N N 233 
ILE HG13   H N N 234 
ILE HG21   H N N 235 
ILE HG22   H N N 236 
ILE HG23   H N N 237 
ILE HD11   H N N 238 
ILE HD12   H N N 239 
ILE HD13   H N N 240 
ILE HXT    H N N 241 
LEU N      N N N 242 
LEU CA     C N S 243 
LEU C      C N N 244 
LEU O      O N N 245 
LEU CB     C N N 246 
LEU CG     C N N 247 
LEU CD1    C N N 248 
LEU CD2    C N N 249 
LEU OXT    O N N 250 
LEU H      H N N 251 
LEU H2     H N N 252 
LEU HA     H N N 253 
LEU HB2    H N N 254 
LEU HB3    H N N 255 
LEU HG     H N N 256 
LEU HD11   H N N 257 
LEU HD12   H N N 258 
LEU HD13   H N N 259 
LEU HD21   H N N 260 
LEU HD22   H N N 261 
LEU HD23   H N N 262 
LEU HXT    H N N 263 
LYS N      N N N 264 
LYS CA     C N S 265 
LYS C      C N N 266 
LYS O      O N N 267 
LYS CB     C N N 268 
LYS CG     C N N 269 
LYS CD     C N N 270 
LYS CE     C N N 271 
LYS NZ     N N N 272 
LYS OXT    O N N 273 
LYS H      H N N 274 
LYS H2     H N N 275 
LYS HA     H N N 276 
LYS HB2    H N N 277 
LYS HB3    H N N 278 
LYS HG2    H N N 279 
LYS HG3    H N N 280 
LYS HD2    H N N 281 
LYS HD3    H N N 282 
LYS HE2    H N N 283 
LYS HE3    H N N 284 
LYS HZ1    H N N 285 
LYS HZ2    H N N 286 
LYS HZ3    H N N 287 
LYS HXT    H N N 288 
MET N      N N N 289 
MET CA     C N S 290 
MET C      C N N 291 
MET O      O N N 292 
MET CB     C N N 293 
MET CG     C N N 294 
MET SD     S N N 295 
MET CE     C N N 296 
MET OXT    O N N 297 
MET H      H N N 298 
MET H2     H N N 299 
MET HA     H N N 300 
MET HB2    H N N 301 
MET HB3    H N N 302 
MET HG2    H N N 303 
MET HG3    H N N 304 
MET HE1    H N N 305 
MET HE2    H N N 306 
MET HE3    H N N 307 
MET HXT    H N N 308 
NO3 N      N N N 309 
NO3 O1     O N N 310 
NO3 O2     O N N 311 
NO3 O3     O N N 312 
PHE N      N N N 313 
PHE CA     C N S 314 
PHE C      C N N 315 
PHE O      O N N 316 
PHE CB     C N N 317 
PHE CG     C Y N 318 
PHE CD1    C Y N 319 
PHE CD2    C Y N 320 
PHE CE1    C Y N 321 
PHE CE2    C Y N 322 
PHE CZ     C Y N 323 
PHE OXT    O N N 324 
PHE H      H N N 325 
PHE H2     H N N 326 
PHE HA     H N N 327 
PHE HB2    H N N 328 
PHE HB3    H N N 329 
PHE HD1    H N N 330 
PHE HD2    H N N 331 
PHE HE1    H N N 332 
PHE HE2    H N N 333 
PHE HZ     H N N 334 
PHE HXT    H N N 335 
PRO N      N N N 336 
PRO CA     C N S 337 
PRO C      C N N 338 
PRO O      O N N 339 
PRO CB     C N N 340 
PRO CG     C N N 341 
PRO CD     C N N 342 
PRO OXT    O N N 343 
PRO H      H N N 344 
PRO HA     H N N 345 
PRO HB2    H N N 346 
PRO HB3    H N N 347 
PRO HG2    H N N 348 
PRO HG3    H N N 349 
PRO HD2    H N N 350 
PRO HD3    H N N 351 
PRO HXT    H N N 352 
SER N      N N N 353 
SER CA     C N S 354 
SER C      C N N 355 
SER O      O N N 356 
SER CB     C N N 357 
SER OG     O N N 358 
SER OXT    O N N 359 
SER H      H N N 360 
SER H2     H N N 361 
SER HA     H N N 362 
SER HB2    H N N 363 
SER HB3    H N N 364 
SER HG     H N N 365 
SER HXT    H N N 366 
THR N      N N N 367 
THR CA     C N S 368 
THR C      C N N 369 
THR O      O N N 370 
THR CB     C N R 371 
THR OG1    O N N 372 
THR CG2    C N N 373 
THR OXT    O N N 374 
THR H      H N N 375 
THR H2     H N N 376 
THR HA     H N N 377 
THR HB     H N N 378 
THR HG1    H N N 379 
THR HG21   H N N 380 
THR HG22   H N N 381 
THR HG23   H N N 382 
THR HXT    H N N 383 
TRP N      N N N 384 
TRP CA     C N S 385 
TRP C      C N N 386 
TRP O      O N N 387 
TRP CB     C N N 388 
TRP CG     C Y N 389 
TRP CD1    C Y N 390 
TRP CD2    C Y N 391 
TRP NE1    N Y N 392 
TRP CE2    C Y N 393 
TRP CE3    C Y N 394 
TRP CZ2    C Y N 395 
TRP CZ3    C Y N 396 
TRP CH2    C Y N 397 
TRP OXT    O N N 398 
TRP H      H N N 399 
TRP H2     H N N 400 
TRP HA     H N N 401 
TRP HB2    H N N 402 
TRP HB3    H N N 403 
TRP HD1    H N N 404 
TRP HE1    H N N 405 
TRP HE3    H N N 406 
TRP HZ2    H N N 407 
TRP HZ3    H N N 408 
TRP HH2    H N N 409 
TRP HXT    H N N 410 
TYR N      N N N 411 
TYR CA     C N S 412 
TYR C      C N N 413 
TYR O      O N N 414 
TYR CB     C N N 415 
TYR CG     C Y N 416 
TYR CD1    C Y N 417 
TYR CD2    C Y N 418 
TYR CE1    C Y N 419 
TYR CE2    C Y N 420 
TYR CZ     C Y N 421 
TYR OH     O N N 422 
TYR OXT    O N N 423 
TYR H      H N N 424 
TYR H2     H N N 425 
TYR HA     H N N 426 
TYR HB2    H N N 427 
TYR HB3    H N N 428 
TYR HD1    H N N 429 
TYR HD2    H N N 430 
TYR HE1    H N N 431 
TYR HE2    H N N 432 
TYR HH     H N N 433 
TYR HXT    H N N 434 
VAL N      N N N 435 
VAL CA     C N S 436 
VAL C      C N N 437 
VAL O      O N N 438 
VAL CB     C N N 439 
VAL CG1    C N N 440 
VAL CG2    C N N 441 
VAL OXT    O N N 442 
VAL H      H N N 443 
VAL H2     H N N 444 
VAL HA     H N N 445 
VAL HB     H N N 446 
VAL HG11   H N N 447 
VAL HG12   H N N 448 
VAL HG13   H N N 449 
VAL HG21   H N N 450 
VAL HG22   H N N 451 
VAL HG23   H N N 452 
VAL HXT    H N N 453 
# 
loop_
_chem_comp_bond.comp_id 
_chem_comp_bond.atom_id_1 
_chem_comp_bond.atom_id_2 
_chem_comp_bond.value_order 
_chem_comp_bond.pdbx_aromatic_flag 
_chem_comp_bond.pdbx_stereo_config 
_chem_comp_bond.pdbx_ordinal 
ALA N     CA     sing N N 1   
ALA N     H      sing N N 2   
ALA N     H2     sing N N 3   
ALA CA    C      sing N N 4   
ALA CA    CB     sing N N 5   
ALA CA    HA     sing N N 6   
ALA C     O      doub N N 7   
ALA C     OXT    sing N N 8   
ALA CB    HB1    sing N N 9   
ALA CB    HB2    sing N N 10  
ALA CB    HB3    sing N N 11  
ALA OXT   HXT    sing N N 12  
APR N1    C2     sing Y N 13  
APR N1    C6     doub Y N 14  
APR C2    N3     doub Y N 15  
APR C2    H2     sing N N 16  
APR N3    C4     sing Y N 17  
APR C4    C5     doub Y N 18  
APR C4    N9     sing Y N 19  
APR C5    C6     sing Y N 20  
APR C5    N7     sing Y N 21  
APR C6    N6     sing N N 22  
APR N6    H61    sing N N 23  
APR N6    H62    sing N N 24  
APR N7    C8     doub Y N 25  
APR C8    N9     sing Y N 26  
APR C8    H8     sing N N 27  
APR N9    "C1'"  sing N N 28  
APR "C1'" "C2'"  sing N N 29  
APR "C1'" "O4'"  sing N N 30  
APR "C1'" "H'1"  sing N N 31  
APR "C2'" "O2'"  sing N N 32  
APR "C2'" "C3'"  sing N N 33  
APR "C2'" "H'2"  sing N N 34  
APR "O2'" "HO'2" sing N N 35  
APR "C3'" "O3'"  sing N N 36  
APR "C3'" "C4'"  sing N N 37  
APR "C3'" "H'3"  sing N N 38  
APR "O3'" "HO'3" sing N N 39  
APR "O4'" "C4'"  sing N N 40  
APR "C4'" "C5'"  sing N N 41  
APR "C4'" "H'4"  sing N N 42  
APR "C5'" "O5'"  sing N N 43  
APR "C5'" "H5'1" sing N N 44  
APR "C5'" "H5'2" sing N N 45  
APR "O5'" PA     sing N N 46  
APR PA    O1A    doub N N 47  
APR PA    O2A    sing N N 48  
APR PA    O3A    sing N N 49  
APR O2A   HOA2   sing N N 50  
APR O3A   PB     sing N N 51  
APR PB    O1B    doub N N 52  
APR PB    O2B    sing N N 53  
APR PB    O5D    sing N N 54  
APR O2B   HOB2   sing N N 55  
APR O5D   C5D    sing N N 56  
APR C5D   C4D    sing N N 57  
APR C5D   H5R1   sing N N 58  
APR C5D   H5R2   sing N N 59  
APR O4D   C1D    sing N N 60  
APR O4D   C4D    sing N N 61  
APR O1D   C1D    sing N N 62  
APR O1D   HOR1   sing N N 63  
APR C1D   C2D    sing N N 64  
APR C1D   "HR'1" sing N N 65  
APR O2D   C2D    sing N N 66  
APR O2D   HOR2   sing N N 67  
APR C2D   C3D    sing N N 68  
APR C2D   "HR'2" sing N N 69  
APR O3D   C3D    sing N N 70  
APR O3D   HOR3   sing N N 71  
APR C3D   C4D    sing N N 72  
APR C3D   "HR'3" sing N N 73  
APR C4D   "HR'4" sing N N 74  
ARG N     CA     sing N N 75  
ARG N     H      sing N N 76  
ARG N     H2     sing N N 77  
ARG CA    C      sing N N 78  
ARG CA    CB     sing N N 79  
ARG CA    HA     sing N N 80  
ARG C     O      doub N N 81  
ARG C     OXT    sing N N 82  
ARG CB    CG     sing N N 83  
ARG CB    HB2    sing N N 84  
ARG CB    HB3    sing N N 85  
ARG CG    CD     sing N N 86  
ARG CG    HG2    sing N N 87  
ARG CG    HG3    sing N N 88  
ARG CD    NE     sing N N 89  
ARG CD    HD2    sing N N 90  
ARG CD    HD3    sing N N 91  
ARG NE    CZ     sing N N 92  
ARG NE    HE     sing N N 93  
ARG CZ    NH1    sing N N 94  
ARG CZ    NH2    doub N N 95  
ARG NH1   HH11   sing N N 96  
ARG NH1   HH12   sing N N 97  
ARG NH2   HH21   sing N N 98  
ARG NH2   HH22   sing N N 99  
ARG OXT   HXT    sing N N 100 
ASN N     CA     sing N N 101 
ASN N     H      sing N N 102 
ASN N     H2     sing N N 103 
ASN CA    C      sing N N 104 
ASN CA    CB     sing N N 105 
ASN CA    HA     sing N N 106 
ASN C     O      doub N N 107 
ASN C     OXT    sing N N 108 
ASN CB    CG     sing N N 109 
ASN CB    HB2    sing N N 110 
ASN CB    HB3    sing N N 111 
ASN CG    OD1    doub N N 112 
ASN CG    ND2    sing N N 113 
ASN ND2   HD21   sing N N 114 
ASN ND2   HD22   sing N N 115 
ASN OXT   HXT    sing N N 116 
ASP N     CA     sing N N 117 
ASP N     H      sing N N 118 
ASP N     H2     sing N N 119 
ASP CA    C      sing N N 120 
ASP CA    CB     sing N N 121 
ASP CA    HA     sing N N 122 
ASP C     O      doub N N 123 
ASP C     OXT    sing N N 124 
ASP CB    CG     sing N N 125 
ASP CB    HB2    sing N N 126 
ASP CB    HB3    sing N N 127 
ASP CG    OD1    doub N N 128 
ASP CG    OD2    sing N N 129 
ASP OD2   HD2    sing N N 130 
ASP OXT   HXT    sing N N 131 
CYS N     CA     sing N N 132 
CYS N     H      sing N N 133 
CYS N     H2     sing N N 134 
CYS CA    C      sing N N 135 
CYS CA    CB     sing N N 136 
CYS CA    HA     sing N N 137 
CYS C     O      doub N N 138 
CYS C     OXT    sing N N 139 
CYS CB    SG     sing N N 140 
CYS CB    HB2    sing N N 141 
CYS CB    HB3    sing N N 142 
CYS SG    HG     sing N N 143 
CYS OXT   HXT    sing N N 144 
GLN N     CA     sing N N 145 
GLN N     H      sing N N 146 
GLN N     H2     sing N N 147 
GLN CA    C      sing N N 148 
GLN CA    CB     sing N N 149 
GLN CA    HA     sing N N 150 
GLN C     O      doub N N 151 
GLN C     OXT    sing N N 152 
GLN CB    CG     sing N N 153 
GLN CB    HB2    sing N N 154 
GLN CB    HB3    sing N N 155 
GLN CG    CD     sing N N 156 
GLN CG    HG2    sing N N 157 
GLN CG    HG3    sing N N 158 
GLN CD    OE1    doub N N 159 
GLN CD    NE2    sing N N 160 
GLN NE2   HE21   sing N N 161 
GLN NE2   HE22   sing N N 162 
GLN OXT   HXT    sing N N 163 
GLU N     CA     sing N N 164 
GLU N     H      sing N N 165 
GLU N     H2     sing N N 166 
GLU CA    C      sing N N 167 
GLU CA    CB     sing N N 168 
GLU CA    HA     sing N N 169 
GLU C     O      doub N N 170 
GLU C     OXT    sing N N 171 
GLU CB    CG     sing N N 172 
GLU CB    HB2    sing N N 173 
GLU CB    HB3    sing N N 174 
GLU CG    CD     sing N N 175 
GLU CG    HG2    sing N N 176 
GLU CG    HG3    sing N N 177 
GLU CD    OE1    doub N N 178 
GLU CD    OE2    sing N N 179 
GLU OE2   HE2    sing N N 180 
GLU OXT   HXT    sing N N 181 
GLY N     CA     sing N N 182 
GLY N     H      sing N N 183 
GLY N     H2     sing N N 184 
GLY CA    C      sing N N 185 
GLY CA    HA2    sing N N 186 
GLY CA    HA3    sing N N 187 
GLY C     O      doub N N 188 
GLY C     OXT    sing N N 189 
GLY OXT   HXT    sing N N 190 
HIS N     CA     sing N N 191 
HIS N     H      sing N N 192 
HIS N     H2     sing N N 193 
HIS CA    C      sing N N 194 
HIS CA    CB     sing N N 195 
HIS CA    HA     sing N N 196 
HIS C     O      doub N N 197 
HIS C     OXT    sing N N 198 
HIS CB    CG     sing N N 199 
HIS CB    HB2    sing N N 200 
HIS CB    HB3    sing N N 201 
HIS CG    ND1    sing Y N 202 
HIS CG    CD2    doub Y N 203 
HIS ND1   CE1    doub Y N 204 
HIS ND1   HD1    sing N N 205 
HIS CD2   NE2    sing Y N 206 
HIS CD2   HD2    sing N N 207 
HIS CE1   NE2    sing Y N 208 
HIS CE1   HE1    sing N N 209 
HIS NE2   HE2    sing N N 210 
HIS OXT   HXT    sing N N 211 
HOH O     H1     sing N N 212 
HOH O     H2     sing N N 213 
ILE N     CA     sing N N 214 
ILE N     H      sing N N 215 
ILE N     H2     sing N N 216 
ILE CA    C      sing N N 217 
ILE CA    CB     sing N N 218 
ILE CA    HA     sing N N 219 
ILE C     O      doub N N 220 
ILE C     OXT    sing N N 221 
ILE CB    CG1    sing N N 222 
ILE CB    CG2    sing N N 223 
ILE CB    HB     sing N N 224 
ILE CG1   CD1    sing N N 225 
ILE CG1   HG12   sing N N 226 
ILE CG1   HG13   sing N N 227 
ILE CG2   HG21   sing N N 228 
ILE CG2   HG22   sing N N 229 
ILE CG2   HG23   sing N N 230 
ILE CD1   HD11   sing N N 231 
ILE CD1   HD12   sing N N 232 
ILE CD1   HD13   sing N N 233 
ILE OXT   HXT    sing N N 234 
LEU N     CA     sing N N 235 
LEU N     H      sing N N 236 
LEU N     H2     sing N N 237 
LEU CA    C      sing N N 238 
LEU CA    CB     sing N N 239 
LEU CA    HA     sing N N 240 
LEU C     O      doub N N 241 
LEU C     OXT    sing N N 242 
LEU CB    CG     sing N N 243 
LEU CB    HB2    sing N N 244 
LEU CB    HB3    sing N N 245 
LEU CG    CD1    sing N N 246 
LEU CG    CD2    sing N N 247 
LEU CG    HG     sing N N 248 
LEU CD1   HD11   sing N N 249 
LEU CD1   HD12   sing N N 250 
LEU CD1   HD13   sing N N 251 
LEU CD2   HD21   sing N N 252 
LEU CD2   HD22   sing N N 253 
LEU CD2   HD23   sing N N 254 
LEU OXT   HXT    sing N N 255 
LYS N     CA     sing N N 256 
LYS N     H      sing N N 257 
LYS N     H2     sing N N 258 
LYS CA    C      sing N N 259 
LYS CA    CB     sing N N 260 
LYS CA    HA     sing N N 261 
LYS C     O      doub N N 262 
LYS C     OXT    sing N N 263 
LYS CB    CG     sing N N 264 
LYS CB    HB2    sing N N 265 
LYS CB    HB3    sing N N 266 
LYS CG    CD     sing N N 267 
LYS CG    HG2    sing N N 268 
LYS CG    HG3    sing N N 269 
LYS CD    CE     sing N N 270 
LYS CD    HD2    sing N N 271 
LYS CD    HD3    sing N N 272 
LYS CE    NZ     sing N N 273 
LYS CE    HE2    sing N N 274 
LYS CE    HE3    sing N N 275 
LYS NZ    HZ1    sing N N 276 
LYS NZ    HZ2    sing N N 277 
LYS NZ    HZ3    sing N N 278 
LYS OXT   HXT    sing N N 279 
MET N     CA     sing N N 280 
MET N     H      sing N N 281 
MET N     H2     sing N N 282 
MET CA    C      sing N N 283 
MET CA    CB     sing N N 284 
MET CA    HA     sing N N 285 
MET C     O      doub N N 286 
MET C     OXT    sing N N 287 
MET CB    CG     sing N N 288 
MET CB    HB2    sing N N 289 
MET CB    HB3    sing N N 290 
MET CG    SD     sing N N 291 
MET CG    HG2    sing N N 292 
MET CG    HG3    sing N N 293 
MET SD    CE     sing N N 294 
MET CE    HE1    sing N N 295 
MET CE    HE2    sing N N 296 
MET CE    HE3    sing N N 297 
MET OXT   HXT    sing N N 298 
NO3 N     O1     doub N N 299 
NO3 N     O2     sing N N 300 
NO3 N     O3     sing N N 301 
PHE N     CA     sing N N 302 
PHE N     H      sing N N 303 
PHE N     H2     sing N N 304 
PHE CA    C      sing N N 305 
PHE CA    CB     sing N N 306 
PHE CA    HA     sing N N 307 
PHE C     O      doub N N 308 
PHE C     OXT    sing N N 309 
PHE CB    CG     sing N N 310 
PHE CB    HB2    sing N N 311 
PHE CB    HB3    sing N N 312 
PHE CG    CD1    doub Y N 313 
PHE CG    CD2    sing Y N 314 
PHE CD1   CE1    sing Y N 315 
PHE CD1   HD1    sing N N 316 
PHE CD2   CE2    doub Y N 317 
PHE CD2   HD2    sing N N 318 
PHE CE1   CZ     doub Y N 319 
PHE CE1   HE1    sing N N 320 
PHE CE2   CZ     sing Y N 321 
PHE CE2   HE2    sing N N 322 
PHE CZ    HZ     sing N N 323 
PHE OXT   HXT    sing N N 324 
PRO N     CA     sing N N 325 
PRO N     CD     sing N N 326 
PRO N     H      sing N N 327 
PRO CA    C      sing N N 328 
PRO CA    CB     sing N N 329 
PRO CA    HA     sing N N 330 
PRO C     O      doub N N 331 
PRO C     OXT    sing N N 332 
PRO CB    CG     sing N N 333 
PRO CB    HB2    sing N N 334 
PRO CB    HB3    sing N N 335 
PRO CG    CD     sing N N 336 
PRO CG    HG2    sing N N 337 
PRO CG    HG3    sing N N 338 
PRO CD    HD2    sing N N 339 
PRO CD    HD3    sing N N 340 
PRO OXT   HXT    sing N N 341 
SER N     CA     sing N N 342 
SER N     H      sing N N 343 
SER N     H2     sing N N 344 
SER CA    C      sing N N 345 
SER CA    CB     sing N N 346 
SER CA    HA     sing N N 347 
SER C     O      doub N N 348 
SER C     OXT    sing N N 349 
SER CB    OG     sing N N 350 
SER CB    HB2    sing N N 351 
SER CB    HB3    sing N N 352 
SER OG    HG     sing N N 353 
SER OXT   HXT    sing N N 354 
THR N     CA     sing N N 355 
THR N     H      sing N N 356 
THR N     H2     sing N N 357 
THR CA    C      sing N N 358 
THR CA    CB     sing N N 359 
THR CA    HA     sing N N 360 
THR C     O      doub N N 361 
THR C     OXT    sing N N 362 
THR CB    OG1    sing N N 363 
THR CB    CG2    sing N N 364 
THR CB    HB     sing N N 365 
THR OG1   HG1    sing N N 366 
THR CG2   HG21   sing N N 367 
THR CG2   HG22   sing N N 368 
THR CG2   HG23   sing N N 369 
THR OXT   HXT    sing N N 370 
TRP N     CA     sing N N 371 
TRP N     H      sing N N 372 
TRP N     H2     sing N N 373 
TRP CA    C      sing N N 374 
TRP CA    CB     sing N N 375 
TRP CA    HA     sing N N 376 
TRP C     O      doub N N 377 
TRP C     OXT    sing N N 378 
TRP CB    CG     sing N N 379 
TRP CB    HB2    sing N N 380 
TRP CB    HB3    sing N N 381 
TRP CG    CD1    doub Y N 382 
TRP CG    CD2    sing Y N 383 
TRP CD1   NE1    sing Y N 384 
TRP CD1   HD1    sing N N 385 
TRP CD2   CE2    doub Y N 386 
TRP CD2   CE3    sing Y N 387 
TRP NE1   CE2    sing Y N 388 
TRP NE1   HE1    sing N N 389 
TRP CE2   CZ2    sing Y N 390 
TRP CE3   CZ3    doub Y N 391 
TRP CE3   HE3    sing N N 392 
TRP CZ2   CH2    doub Y N 393 
TRP CZ2   HZ2    sing N N 394 
TRP CZ3   CH2    sing Y N 395 
TRP CZ3   HZ3    sing N N 396 
TRP CH2   HH2    sing N N 397 
TRP OXT   HXT    sing N N 398 
TYR N     CA     sing N N 399 
TYR N     H      sing N N 400 
TYR N     H2     sing N N 401 
TYR CA    C      sing N N 402 
TYR CA    CB     sing N N 403 
TYR CA    HA     sing N N 404 
TYR C     O      doub N N 405 
TYR C     OXT    sing N N 406 
TYR CB    CG     sing N N 407 
TYR CB    HB2    sing N N 408 
TYR CB    HB3    sing N N 409 
TYR CG    CD1    doub Y N 410 
TYR CG    CD2    sing Y N 411 
TYR CD1   CE1    sing Y N 412 
TYR CD1   HD1    sing N N 413 
TYR CD2   CE2    doub Y N 414 
TYR CD2   HD2    sing N N 415 
TYR CE1   CZ     doub Y N 416 
TYR CE1   HE1    sing N N 417 
TYR CE2   CZ     sing Y N 418 
TYR CE2   HE2    sing N N 419 
TYR CZ    OH     sing N N 420 
TYR OH    HH     sing N N 421 
TYR OXT   HXT    sing N N 422 
VAL N     CA     sing N N 423 
VAL N     H      sing N N 424 
VAL N     H2     sing N N 425 
VAL CA    C      sing N N 426 
VAL CA    CB     sing N N 427 
VAL CA    HA     sing N N 428 
VAL C     O      doub N N 429 
VAL C     OXT    sing N N 430 
VAL CB    CG1    sing N N 431 
VAL CB    CG2    sing N N 432 
VAL CB    HB     sing N N 433 
VAL CG1   HG11   sing N N 434 
VAL CG1   HG12   sing N N 435 
VAL CG1   HG13   sing N N 436 
VAL CG2   HG21   sing N N 437 
VAL CG2   HG22   sing N N 438 
VAL CG2   HG23   sing N N 439 
VAL OXT   HXT    sing N N 440 
# 
loop_
_pdbx_entity_nonpoly.entity_id 
_pdbx_entity_nonpoly.name 
_pdbx_entity_nonpoly.comp_id 
2 ADENOSINE-5-DIPHOSPHORIBOSE APR 
3 'NITRATE ION'               NO3 
4 water                       HOH 
# 
_pdbx_initial_refinement_model.id               1 
_pdbx_initial_refinement_model.entity_id_list   ? 
_pdbx_initial_refinement_model.type             'experimental model' 
_pdbx_initial_refinement_model.source_name      PDB 
_pdbx_initial_refinement_model.accession_code   1ZR3 
_pdbx_initial_refinement_model.details          'PDB entry 1ZR3' 
# 
